data_3ZHL
# 
_entry.id   3ZHL 
# 
_audit_conform.dict_name       mmcif_pdbx.dic 
_audit_conform.dict_version    5.399 
_audit_conform.dict_location   http://mmcif.pdb.org/dictionaries/ascii/mmcif_pdbx.dic 
# 
loop_
_database_2.database_id 
_database_2.database_code 
_database_2.pdbx_database_accession 
_database_2.pdbx_DOI 
PDB   3ZHL         pdb_00003zhl 10.2210/pdb3zhl/pdb 
PDBE  EBI-55262    ?            ?                   
WWPDB D_1290055262 ?            ?                   
# 
loop_
_pdbx_audit_revision_history.ordinal 
_pdbx_audit_revision_history.data_content_type 
_pdbx_audit_revision_history.major_revision 
_pdbx_audit_revision_history.minor_revision 
_pdbx_audit_revision_history.revision_date 
1 'Structure model' 1 0 2014-01-08 
2 'Structure model' 1 1 2014-04-16 
3 'Structure model' 1 2 2014-07-16 
4 'Structure model' 1 3 2024-11-20 
# 
_pdbx_audit_revision_details.ordinal             1 
_pdbx_audit_revision_details.revision_ordinal    1 
_pdbx_audit_revision_details.data_content_type   'Structure model' 
_pdbx_audit_revision_details.provider            repository 
_pdbx_audit_revision_details.type                'Initial release' 
_pdbx_audit_revision_details.description         ? 
_pdbx_audit_revision_details.details             ? 
# 
loop_
_pdbx_audit_revision_group.ordinal 
_pdbx_audit_revision_group.revision_ordinal 
_pdbx_audit_revision_group.data_content_type 
_pdbx_audit_revision_group.group 
1 2 'Structure model' 'Source and taxonomy'  
2 2 'Structure model' 'Structure summary'    
3 3 'Structure model' 'Database references'  
4 4 'Structure model' 'Data collection'      
5 4 'Structure model' 'Database references'  
6 4 'Structure model' 'Derived calculations' 
7 4 'Structure model' Other                  
8 4 'Structure model' 'Structure summary'    
# 
loop_
_pdbx_audit_revision_category.ordinal 
_pdbx_audit_revision_category.revision_ordinal 
_pdbx_audit_revision_category.data_content_type 
_pdbx_audit_revision_category.category 
1 4 'Structure model' chem_comp_atom            
2 4 'Structure model' chem_comp_bond            
3 4 'Structure model' database_2                
4 4 'Structure model' pdbx_database_status      
5 4 'Structure model' pdbx_entry_details        
6 4 'Structure model' pdbx_modification_feature 
7 4 'Structure model' struct_site               
# 
loop_
_pdbx_audit_revision_item.ordinal 
_pdbx_audit_revision_item.revision_ordinal 
_pdbx_audit_revision_item.data_content_type 
_pdbx_audit_revision_item.item 
1 4 'Structure model' '_database_2.pdbx_DOI'                 
2 4 'Structure model' '_database_2.pdbx_database_accession'  
3 4 'Structure model' '_pdbx_database_status.status_code_sf' 
4 4 'Structure model' '_struct_site.pdbx_auth_asym_id'       
5 4 'Structure model' '_struct_site.pdbx_auth_comp_id'       
6 4 'Structure model' '_struct_site.pdbx_auth_seq_id'        
# 
_pdbx_database_status.status_code                     REL 
_pdbx_database_status.entry_id                        3ZHL 
_pdbx_database_status.deposit_site                    PDBE 
_pdbx_database_status.process_site                    PDBE 
_pdbx_database_status.SG_entry                        . 
_pdbx_database_status.recvd_initial_deposition_date   2012-12-22 
_pdbx_database_status.pdb_format_compatible           Y 
_pdbx_database_status.status_code_sf                  REL 
_pdbx_database_status.status_code_mr                  ? 
_pdbx_database_status.status_code_cs                  ? 
_pdbx_database_status.methods_development_category    ? 
_pdbx_database_status.status_code_nmr_data            ? 
# 
loop_
_pdbx_database_related.db_name 
_pdbx_database_related.db_id 
_pdbx_database_related.content_type 
_pdbx_database_related.details 
PDB 3ZHD unspecified 'THE CRYSTAL STRUCTURE OF SINGLE DOMAIN ANTIBODY 8-4 SCAFFOLD.' 
PDB 3ZHK unspecified 'THE CRYSTAL STRUCTURE OF SINGLE DOMAIN ANTIBODY 2X1 SCAFFOLD'  
# 
loop_
_audit_author.name 
_audit_author.pdbx_ordinal 
'Song, H.-N.' 1 
'Woo, E.-J.'  2 
'Lim, H.-K.'  3 
# 
_citation.id                        primary 
_citation.title                     
'Directed Evolution of Human Heavy Chain Variable Domain (Vh) Using in Vivo Protein Fitness Filter.' 
_citation.journal_abbrev            'Plos One' 
_citation.journal_volume            9 
_citation.page_first                98178 
_citation.page_last                 ? 
_citation.year                      2014 
_citation.journal_id_ASTM           ? 
_citation.country                   US 
_citation.journal_id_ISSN           1932-6203 
_citation.journal_id_CSD            ? 
_citation.book_publisher            ? 
_citation.pdbx_database_id_PubMed   24892548 
_citation.pdbx_database_id_DOI      10.1371/JOURNAL.PONE.0098178 
# 
loop_
_citation_author.citation_id 
_citation_author.name 
_citation_author.ordinal 
_citation_author.identifier_ORCID 
primary 'Kim, D.'   1 ? 
primary 'Song, H.'  2 ? 
primary 'Nam, H.J.' 3 ? 
primary 'Kim, S.'   4 ? 
primary 'Park, Y.'  5 ? 
primary 'Park, J.'  6 ? 
primary 'Woo, E.'   7 ? 
primary 'Lim, H.'   8 ? 
# 
loop_
_entity.id 
_entity.type 
_entity.src_method 
_entity.pdbx_description 
_entity.formula_weight 
_entity.pdbx_number_of_molecules 
_entity.pdbx_ec 
_entity.pdbx_mutation 
_entity.pdbx_fragment 
_entity.details 
1 polymer     man 'MG8-14 SCAFFOLD ANTIBODY' 13815.226 1  ? ? ? ? 
2 non-polymer syn GLYCEROL                   92.094    1  ? ? ? ? 
3 water       nat water                      18.015    44 ? ? ? ? 
# 
_entity_poly.entity_id                      1 
_entity_poly.type                           'polypeptide(L)' 
_entity_poly.nstd_linkage                   no 
_entity_poly.nstd_monomer                   no 
_entity_poly.pdbx_seq_one_letter_code       
;EVQLVESGGGLVQPGGSLRLSCAASGFTFSSYAMGWVRQAPGKGPEWVSLISGSGGSTWYDDSVKGRFTISRDNSKNLLY
LQMNSLRAEDTAVYYCARHAPSTEAPDYWGQGTLVTVSSLEHHHHHH
;
_entity_poly.pdbx_seq_one_letter_code_can   
;EVQLVESGGGLVQPGGSLRLSCAASGFTFSSYAMGWVRQAPGKGPEWVSLISGSGGSTWYDDSVKGRFTISRDNSKNLLY
LQMNSLRAEDTAVYYCARHAPSTEAPDYWGQGTLVTVSSLEHHHHHH
;
_entity_poly.pdbx_strand_id                 A 
_entity_poly.pdbx_target_identifier         ? 
# 
loop_
_pdbx_entity_nonpoly.entity_id 
_pdbx_entity_nonpoly.name 
_pdbx_entity_nonpoly.comp_id 
2 GLYCEROL GOL 
3 water    HOH 
# 
loop_
_entity_poly_seq.entity_id 
_entity_poly_seq.num 
_entity_poly_seq.mon_id 
_entity_poly_seq.hetero 
1 1   GLU n 
1 2   VAL n 
1 3   GLN n 
1 4   LEU n 
1 5   VAL n 
1 6   GLU n 
1 7   SER n 
1 8   GLY n 
1 9   GLY n 
1 10  GLY n 
1 11  LEU n 
1 12  VAL n 
1 13  GLN n 
1 14  PRO n 
1 15  GLY n 
1 16  GLY n 
1 17  SER n 
1 18  LEU n 
1 19  ARG n 
1 20  LEU n 
1 21  SER n 
1 22  CYS n 
1 23  ALA n 
1 24  ALA n 
1 25  SER n 
1 26  GLY n 
1 27  PHE n 
1 28  THR n 
1 29  PHE n 
1 30  SER n 
1 31  SER n 
1 32  TYR n 
1 33  ALA n 
1 34  MET n 
1 35  GLY n 
1 36  TRP n 
1 37  VAL n 
1 38  ARG n 
1 39  GLN n 
1 40  ALA n 
1 41  PRO n 
1 42  GLY n 
1 43  LYS n 
1 44  GLY n 
1 45  PRO n 
1 46  GLU n 
1 47  TRP n 
1 48  VAL n 
1 49  SER n 
1 50  LEU n 
1 51  ILE n 
1 52  SER n 
1 53  GLY n 
1 54  SER n 
1 55  GLY n 
1 56  GLY n 
1 57  SER n 
1 58  THR n 
1 59  TRP n 
1 60  TYR n 
1 61  ASP n 
1 62  ASP n 
1 63  SER n 
1 64  VAL n 
1 65  LYS n 
1 66  GLY n 
1 67  ARG n 
1 68  PHE n 
1 69  THR n 
1 70  ILE n 
1 71  SER n 
1 72  ARG n 
1 73  ASP n 
1 74  ASN n 
1 75  SER n 
1 76  LYS n 
1 77  ASN n 
1 78  LEU n 
1 79  LEU n 
1 80  TYR n 
1 81  LEU n 
1 82  GLN n 
1 83  MET n 
1 84  ASN n 
1 85  SER n 
1 86  LEU n 
1 87  ARG n 
1 88  ALA n 
1 89  GLU n 
1 90  ASP n 
1 91  THR n 
1 92  ALA n 
1 93  VAL n 
1 94  TYR n 
1 95  TYR n 
1 96  CYS n 
1 97  ALA n 
1 98  ARG n 
1 99  HIS n 
1 100 ALA n 
1 101 PRO n 
1 102 SER n 
1 103 THR n 
1 104 GLU n 
1 105 ALA n 
1 106 PRO n 
1 107 ASP n 
1 108 TYR n 
1 109 TRP n 
1 110 GLY n 
1 111 GLN n 
1 112 GLY n 
1 113 THR n 
1 114 LEU n 
1 115 VAL n 
1 116 THR n 
1 117 VAL n 
1 118 SER n 
1 119 SER n 
1 120 LEU n 
1 121 GLU n 
1 122 HIS n 
1 123 HIS n 
1 124 HIS n 
1 125 HIS n 
1 126 HIS n 
1 127 HIS n 
# 
_entity_src_gen.entity_id                          1 
_entity_src_gen.pdbx_src_id                        1 
_entity_src_gen.pdbx_alt_source_flag               sample 
_entity_src_gen.pdbx_seq_type                      ? 
_entity_src_gen.pdbx_beg_seq_num                   ? 
_entity_src_gen.pdbx_end_seq_num                   ? 
_entity_src_gen.gene_src_common_name               HUMAN 
_entity_src_gen.gene_src_genus                     ? 
_entity_src_gen.pdbx_gene_src_gene                 ? 
_entity_src_gen.gene_src_species                   ? 
_entity_src_gen.gene_src_strain                    ? 
_entity_src_gen.gene_src_tissue                    ? 
_entity_src_gen.gene_src_tissue_fraction           ? 
_entity_src_gen.gene_src_details                   ? 
_entity_src_gen.pdbx_gene_src_fragment             ? 
_entity_src_gen.pdbx_gene_src_scientific_name      'HOMO SAPIENS' 
_entity_src_gen.pdbx_gene_src_ncbi_taxonomy_id     9606 
_entity_src_gen.pdbx_gene_src_variant              ? 
_entity_src_gen.pdbx_gene_src_cell_line            ? 
_entity_src_gen.pdbx_gene_src_atcc                 ? 
_entity_src_gen.pdbx_gene_src_organ                ? 
_entity_src_gen.pdbx_gene_src_organelle            ? 
_entity_src_gen.pdbx_gene_src_cell                 ? 
_entity_src_gen.pdbx_gene_src_cellular_location    ? 
_entity_src_gen.host_org_common_name               ? 
_entity_src_gen.pdbx_host_org_scientific_name      'ESCHERICHIA COLI' 
_entity_src_gen.pdbx_host_org_ncbi_taxonomy_id     469008 
_entity_src_gen.host_org_genus                     ? 
_entity_src_gen.pdbx_host_org_gene                 ? 
_entity_src_gen.pdbx_host_org_organ                ? 
_entity_src_gen.host_org_species                   ? 
_entity_src_gen.pdbx_host_org_tissue               ? 
_entity_src_gen.pdbx_host_org_tissue_fraction      ? 
_entity_src_gen.pdbx_host_org_strain               'BL21(DE3)' 
_entity_src_gen.pdbx_host_org_variant              ? 
_entity_src_gen.pdbx_host_org_cell_line            ? 
_entity_src_gen.pdbx_host_org_atcc                 ? 
_entity_src_gen.pdbx_host_org_culture_collection   ? 
_entity_src_gen.pdbx_host_org_cell                 ? 
_entity_src_gen.pdbx_host_org_organelle            ? 
_entity_src_gen.pdbx_host_org_cellular_location    ? 
_entity_src_gen.pdbx_host_org_vector_type          PLASMID 
_entity_src_gen.pdbx_host_org_vector               PET9A 
_entity_src_gen.host_org_details                   ? 
_entity_src_gen.expression_system_id               ? 
_entity_src_gen.plasmid_name                       ? 
_entity_src_gen.plasmid_details                    ? 
_entity_src_gen.pdbx_description                   ? 
# 
loop_
_chem_comp.id 
_chem_comp.type 
_chem_comp.mon_nstd_flag 
_chem_comp.name 
_chem_comp.pdbx_synonyms 
_chem_comp.formula 
_chem_comp.formula_weight 
ALA 'L-peptide linking' y ALANINE         ?                               'C3 H7 N O2'     89.093  
ARG 'L-peptide linking' y ARGININE        ?                               'C6 H15 N4 O2 1' 175.209 
ASN 'L-peptide linking' y ASPARAGINE      ?                               'C4 H8 N2 O3'    132.118 
ASP 'L-peptide linking' y 'ASPARTIC ACID' ?                               'C4 H7 N O4'     133.103 
CYS 'L-peptide linking' y CYSTEINE        ?                               'C3 H7 N O2 S'   121.158 
GLN 'L-peptide linking' y GLUTAMINE       ?                               'C5 H10 N2 O3'   146.144 
GLU 'L-peptide linking' y 'GLUTAMIC ACID' ?                               'C5 H9 N O4'     147.129 
GLY 'peptide linking'   y GLYCINE         ?                               'C2 H5 N O2'     75.067  
GOL non-polymer         . GLYCEROL        'GLYCERIN; PROPANE-1,2,3-TRIOL' 'C3 H8 O3'       92.094  
HIS 'L-peptide linking' y HISTIDINE       ?                               'C6 H10 N3 O2 1' 156.162 
HOH non-polymer         . WATER           ?                               'H2 O'           18.015  
ILE 'L-peptide linking' y ISOLEUCINE      ?                               'C6 H13 N O2'    131.173 
LEU 'L-peptide linking' y LEUCINE         ?                               'C6 H13 N O2'    131.173 
LYS 'L-peptide linking' y LYSINE          ?                               'C6 H15 N2 O2 1' 147.195 
MET 'L-peptide linking' y METHIONINE      ?                               'C5 H11 N O2 S'  149.211 
PHE 'L-peptide linking' y PHENYLALANINE   ?                               'C9 H11 N O2'    165.189 
PRO 'L-peptide linking' y PROLINE         ?                               'C5 H9 N O2'     115.130 
SER 'L-peptide linking' y SERINE          ?                               'C3 H7 N O3'     105.093 
THR 'L-peptide linking' y THREONINE       ?                               'C4 H9 N O3'     119.119 
TRP 'L-peptide linking' y TRYPTOPHAN      ?                               'C11 H12 N2 O2'  204.225 
TYR 'L-peptide linking' y TYROSINE        ?                               'C9 H11 N O3'    181.189 
VAL 'L-peptide linking' y VALINE          ?                               'C5 H11 N O2'    117.146 
# 
loop_
_pdbx_poly_seq_scheme.asym_id 
_pdbx_poly_seq_scheme.entity_id 
_pdbx_poly_seq_scheme.seq_id 
_pdbx_poly_seq_scheme.mon_id 
_pdbx_poly_seq_scheme.ndb_seq_num 
_pdbx_poly_seq_scheme.pdb_seq_num 
_pdbx_poly_seq_scheme.auth_seq_num 
_pdbx_poly_seq_scheme.pdb_mon_id 
_pdbx_poly_seq_scheme.auth_mon_id 
_pdbx_poly_seq_scheme.pdb_strand_id 
_pdbx_poly_seq_scheme.pdb_ins_code 
_pdbx_poly_seq_scheme.hetero 
A 1 1   GLU 1   1   1   GLU GLU A . n 
A 1 2   VAL 2   2   2   VAL VAL A . n 
A 1 3   GLN 3   3   3   GLN GLN A . n 
A 1 4   LEU 4   4   4   LEU LEU A . n 
A 1 5   VAL 5   5   5   VAL VAL A . n 
A 1 6   GLU 6   6   6   GLU GLU A . n 
A 1 7   SER 7   7   7   SER SER A . n 
A 1 8   GLY 8   8   8   GLY GLY A . n 
A 1 9   GLY 9   9   9   GLY GLY A . n 
A 1 10  GLY 10  10  10  GLY GLY A . n 
A 1 11  LEU 11  11  11  LEU LEU A . n 
A 1 12  VAL 12  12  12  VAL VAL A . n 
A 1 13  GLN 13  13  13  GLN GLN A . n 
A 1 14  PRO 14  14  14  PRO PRO A . n 
A 1 15  GLY 15  15  15  GLY GLY A . n 
A 1 16  GLY 16  16  16  GLY GLY A . n 
A 1 17  SER 17  17  17  SER SER A . n 
A 1 18  LEU 18  18  18  LEU LEU A . n 
A 1 19  ARG 19  19  19  ARG ARG A . n 
A 1 20  LEU 20  20  20  LEU LEU A . n 
A 1 21  SER 21  21  21  SER SER A . n 
A 1 22  CYS 22  22  22  CYS CYS A . n 
A 1 23  ALA 23  23  23  ALA ALA A . n 
A 1 24  ALA 24  24  24  ALA ALA A . n 
A 1 25  SER 25  25  25  SER SER A . n 
A 1 26  GLY 26  26  26  GLY GLY A . n 
A 1 27  PHE 27  27  27  PHE PHE A . n 
A 1 28  THR 28  28  28  THR THR A . n 
A 1 29  PHE 29  29  29  PHE PHE A . n 
A 1 30  SER 30  30  30  SER SER A . n 
A 1 31  SER 31  31  31  SER SER A . n 
A 1 32  TYR 32  32  32  TYR TYR A . n 
A 1 33  ALA 33  33  33  ALA ALA A . n 
A 1 34  MET 34  34  34  MET MET A . n 
A 1 35  GLY 35  35  35  GLY GLY A . n 
A 1 36  TRP 36  36  36  TRP TRP A . n 
A 1 37  VAL 37  37  37  VAL VAL A . n 
A 1 38  ARG 38  38  38  ARG ARG A . n 
A 1 39  GLN 39  39  39  GLN GLN A . n 
A 1 40  ALA 40  40  40  ALA ALA A . n 
A 1 41  PRO 41  41  41  PRO PRO A . n 
A 1 42  GLY 42  42  42  GLY GLY A . n 
A 1 43  LYS 43  43  43  LYS LYS A . n 
A 1 44  GLY 44  44  44  GLY GLY A . n 
A 1 45  PRO 45  45  45  PRO PRO A . n 
A 1 46  GLU 46  46  46  GLU GLU A . n 
A 1 47  TRP 47  47  47  TRP TRP A . n 
A 1 48  VAL 48  48  48  VAL VAL A . n 
A 1 49  SER 49  49  49  SER SER A . n 
A 1 50  LEU 50  50  50  LEU LEU A . n 
A 1 51  ILE 51  51  51  ILE ILE A . n 
A 1 52  SER 52  52  52  SER SER A . n 
A 1 53  GLY 53  53  53  GLY GLY A . n 
A 1 54  SER 54  54  54  SER SER A . n 
A 1 55  GLY 55  55  55  GLY GLY A . n 
A 1 56  GLY 56  56  56  GLY GLY A . n 
A 1 57  SER 57  57  57  SER SER A . n 
A 1 58  THR 58  58  58  THR THR A . n 
A 1 59  TRP 59  59  59  TRP TRP A . n 
A 1 60  TYR 60  60  60  TYR TYR A . n 
A 1 61  ASP 61  61  61  ASP ASP A . n 
A 1 62  ASP 62  62  62  ASP ASP A . n 
A 1 63  SER 63  63  63  SER SER A . n 
A 1 64  VAL 64  64  64  VAL VAL A . n 
A 1 65  LYS 65  65  65  LYS LYS A . n 
A 1 66  GLY 66  66  66  GLY GLY A . n 
A 1 67  ARG 67  67  67  ARG ARG A . n 
A 1 68  PHE 68  68  68  PHE PHE A . n 
A 1 69  THR 69  69  69  THR THR A . n 
A 1 70  ILE 70  70  70  ILE ILE A . n 
A 1 71  SER 71  71  71  SER SER A . n 
A 1 72  ARG 72  72  72  ARG ARG A . n 
A 1 73  ASP 73  73  73  ASP ASP A . n 
A 1 74  ASN 74  74  74  ASN ASN A . n 
A 1 75  SER 75  75  75  SER SER A . n 
A 1 76  LYS 76  76  76  LYS LYS A . n 
A 1 77  ASN 77  77  77  ASN ASN A . n 
A 1 78  LEU 78  78  78  LEU LEU A . n 
A 1 79  LEU 79  79  79  LEU LEU A . n 
A 1 80  TYR 80  80  80  TYR TYR A . n 
A 1 81  LEU 81  81  81  LEU LEU A . n 
A 1 82  GLN 82  82  82  GLN GLN A . n 
A 1 83  MET 83  83  83  MET MET A . n 
A 1 84  ASN 84  84  84  ASN ASN A . n 
A 1 85  SER 85  85  85  SER SER A . n 
A 1 86  LEU 86  86  86  LEU LEU A . n 
A 1 87  ARG 87  87  87  ARG ARG A . n 
A 1 88  ALA 88  88  88  ALA ALA A . n 
A 1 89  GLU 89  89  89  GLU GLU A . n 
A 1 90  ASP 90  90  90  ASP ASP A . n 
A 1 91  THR 91  91  91  THR THR A . n 
A 1 92  ALA 92  92  92  ALA ALA A . n 
A 1 93  VAL 93  93  93  VAL VAL A . n 
A 1 94  TYR 94  94  94  TYR TYR A . n 
A 1 95  TYR 95  95  95  TYR TYR A . n 
A 1 96  CYS 96  96  96  CYS CYS A . n 
A 1 97  ALA 97  97  97  ALA ALA A . n 
A 1 98  ARG 98  98  98  ARG ARG A . n 
A 1 99  HIS 99  99  99  HIS HIS A . n 
A 1 100 ALA 100 100 100 ALA ALA A . n 
A 1 101 PRO 101 101 101 PRO PRO A . n 
A 1 102 SER 102 102 102 SER SER A . n 
A 1 103 THR 103 103 103 THR THR A . n 
A 1 104 GLU 104 104 104 GLU GLU A . n 
A 1 105 ALA 105 105 105 ALA ALA A . n 
A 1 106 PRO 106 106 106 PRO PRO A . n 
A 1 107 ASP 107 107 107 ASP ASP A . n 
A 1 108 TYR 108 108 108 TYR TYR A . n 
A 1 109 TRP 109 109 109 TRP TRP A . n 
A 1 110 GLY 110 110 110 GLY GLY A . n 
A 1 111 GLN 111 111 111 GLN GLN A . n 
A 1 112 GLY 112 112 112 GLY GLY A . n 
A 1 113 THR 113 113 113 THR THR A . n 
A 1 114 LEU 114 114 114 LEU LEU A . n 
A 1 115 VAL 115 115 115 VAL VAL A . n 
A 1 116 THR 116 116 116 THR THR A . n 
A 1 117 VAL 117 117 117 VAL VAL A . n 
A 1 118 SER 118 118 118 SER SER A . n 
A 1 119 SER 119 119 119 SER SER A . n 
A 1 120 LEU 120 120 120 LEU LEU A . n 
A 1 121 GLU 121 121 121 GLU GLU A . n 
A 1 122 HIS 122 122 ?   ?   ?   A . n 
A 1 123 HIS 123 123 ?   ?   ?   A . n 
A 1 124 HIS 124 124 ?   ?   ?   A . n 
A 1 125 HIS 125 125 ?   ?   ?   A . n 
A 1 126 HIS 126 126 ?   ?   ?   A . n 
A 1 127 HIS 127 127 ?   ?   ?   A . n 
# 
loop_
_pdbx_nonpoly_scheme.asym_id 
_pdbx_nonpoly_scheme.entity_id 
_pdbx_nonpoly_scheme.mon_id 
_pdbx_nonpoly_scheme.ndb_seq_num 
_pdbx_nonpoly_scheme.pdb_seq_num 
_pdbx_nonpoly_scheme.auth_seq_num 
_pdbx_nonpoly_scheme.pdb_mon_id 
_pdbx_nonpoly_scheme.auth_mon_id 
_pdbx_nonpoly_scheme.pdb_strand_id 
_pdbx_nonpoly_scheme.pdb_ins_code 
B 2 GOL 1  1122 1122 GOL GOL A . 
C 3 HOH 1  2001 2001 HOH HOH A . 
C 3 HOH 2  2002 2002 HOH HOH A . 
C 3 HOH 3  2003 2003 HOH HOH A . 
C 3 HOH 4  2004 2004 HOH HOH A . 
C 3 HOH 5  2005 2005 HOH HOH A . 
C 3 HOH 6  2006 2006 HOH HOH A . 
C 3 HOH 7  2007 2007 HOH HOH A . 
C 3 HOH 8  2008 2008 HOH HOH A . 
C 3 HOH 9  2009 2009 HOH HOH A . 
C 3 HOH 10 2010 2010 HOH HOH A . 
C 3 HOH 11 2011 2011 HOH HOH A . 
C 3 HOH 12 2012 2012 HOH HOH A . 
C 3 HOH 13 2013 2013 HOH HOH A . 
C 3 HOH 14 2014 2014 HOH HOH A . 
C 3 HOH 15 2015 2015 HOH HOH A . 
C 3 HOH 16 2016 2016 HOH HOH A . 
C 3 HOH 17 2017 2017 HOH HOH A . 
C 3 HOH 18 2018 2018 HOH HOH A . 
C 3 HOH 19 2019 2019 HOH HOH A . 
C 3 HOH 20 2020 2020 HOH HOH A . 
C 3 HOH 21 2021 2021 HOH HOH A . 
C 3 HOH 22 2022 2022 HOH HOH A . 
C 3 HOH 23 2023 2023 HOH HOH A . 
C 3 HOH 24 2024 2024 HOH HOH A . 
C 3 HOH 25 2025 2025 HOH HOH A . 
C 3 HOH 26 2026 2026 HOH HOH A . 
C 3 HOH 27 2027 2027 HOH HOH A . 
C 3 HOH 28 2028 2028 HOH HOH A . 
C 3 HOH 29 2029 2029 HOH HOH A . 
C 3 HOH 30 2030 2030 HOH HOH A . 
C 3 HOH 31 2031 2031 HOH HOH A . 
C 3 HOH 32 2032 2032 HOH HOH A . 
C 3 HOH 33 2033 2033 HOH HOH A . 
C 3 HOH 34 2034 2034 HOH HOH A . 
C 3 HOH 35 2035 2035 HOH HOH A . 
C 3 HOH 36 2036 2036 HOH HOH A . 
C 3 HOH 37 2037 2037 HOH HOH A . 
C 3 HOH 38 2038 2038 HOH HOH A . 
C 3 HOH 39 2039 2039 HOH HOH A . 
C 3 HOH 40 2040 2040 HOH HOH A . 
C 3 HOH 41 2041 2041 HOH HOH A . 
C 3 HOH 42 2042 2042 HOH HOH A . 
C 3 HOH 43 2043 2043 HOH HOH A . 
C 3 HOH 44 2044 2044 HOH HOH A . 
# 
loop_
_software.name 
_software.classification 
_software.version 
_software.citation_id 
_software.pdbx_ordinal 
PHENIX   refinement       '(PHENIX.REFINE)' ? 1 
HKL-2000 'data reduction' .                 ? 2 
HKL-2000 'data scaling'   .                 ? 3 
PHASER   phasing          .                 ? 4 
# 
_cell.entry_id           3ZHL 
_cell.length_a           56.207 
_cell.length_b           56.207 
_cell.length_c           81.526 
_cell.angle_alpha        90.00 
_cell.angle_beta         90.00 
_cell.angle_gamma        120.00 
_cell.Z_PDB              6 
_cell.pdbx_unique_axis   ? 
# 
_symmetry.entry_id                         3ZHL 
_symmetry.space_group_name_H-M             'P 32 2 1' 
_symmetry.pdbx_full_space_group_name_H-M   ? 
_symmetry.cell_setting                     ? 
_symmetry.Int_Tables_number                154 
# 
_exptl.entry_id          3ZHL 
_exptl.method            'X-RAY DIFFRACTION' 
_exptl.crystals_number   4 
# 
_exptl_crystal.id                    1 
_exptl_crystal.density_meas          ? 
_exptl_crystal.density_Matthews      2.71 
_exptl_crystal.density_percent_sol   54.7 
_exptl_crystal.description           NONE 
# 
_exptl_crystal_grow.crystal_id      1 
_exptl_crystal_grow.method          ? 
_exptl_crystal_grow.temp            ? 
_exptl_crystal_grow.temp_details    ? 
_exptl_crystal_grow.pH              5.5 
_exptl_crystal_grow.pdbx_pH_range   ? 
_exptl_crystal_grow.pdbx_details    '0.1M BIS-TRIS;PH5.5, 3M SODIUM CHLORIDE, 5% ETHYL ACETATE' 
# 
_diffrn.id                     1 
_diffrn.ambient_temp           95 
_diffrn.ambient_temp_details   ? 
_diffrn.crystal_id             1 
# 
_diffrn_detector.diffrn_id              1 
_diffrn_detector.detector               CCD 
_diffrn_detector.type                   'ADSC CCD' 
_diffrn_detector.pdbx_collection_date   2012-05-18 
_diffrn_detector.details                ? 
# 
_diffrn_radiation.diffrn_id                        1 
_diffrn_radiation.wavelength_id                    1 
_diffrn_radiation.pdbx_monochromatic_or_laue_m_l   M 
_diffrn_radiation.monochromator                    ? 
_diffrn_radiation.pdbx_diffrn_protocol             'SINGLE WAVELENGTH' 
_diffrn_radiation.pdbx_scattering_type             x-ray 
# 
_diffrn_radiation_wavelength.id           1 
_diffrn_radiation_wavelength.wavelength   1.5418 
_diffrn_radiation_wavelength.wt           1.0 
# 
_diffrn_source.diffrn_id                   1 
_diffrn_source.source                      SYNCHROTRON 
_diffrn_source.type                        'PAL/PLS BEAMLINE 5C (4A)' 
_diffrn_source.pdbx_synchrotron_site       PAL/PLS 
_diffrn_source.pdbx_synchrotron_beamline   '5C (4A)' 
_diffrn_source.pdbx_wavelength             1.5418 
_diffrn_source.pdbx_wavelength_list        ? 
# 
_reflns.pdbx_diffrn_id               1 
_reflns.pdbx_ordinal                 1 
_reflns.entry_id                     3ZHL 
_reflns.observed_criterion_sigma_I   1.0 
_reflns.observed_criterion_sigma_F   ? 
_reflns.d_resolution_low             50.00 
_reflns.d_resolution_high            1.96 
_reflns.number_obs                   11157 
_reflns.number_all                   ? 
_reflns.percent_possible_obs         99.6 
_reflns.pdbx_Rmerge_I_obs            0.10 
_reflns.pdbx_Rsym_value              ? 
_reflns.pdbx_netI_over_sigmaI        44.30 
_reflns.B_iso_Wilson_estimate        ? 
_reflns.pdbx_redundancy              20.4 
# 
_reflns_shell.pdbx_diffrn_id         1 
_reflns_shell.pdbx_ordinal           1 
_reflns_shell.d_res_high             1.96 
_reflns_shell.d_res_low              1.99 
_reflns_shell.percent_possible_all   92.9 
_reflns_shell.Rmerge_I_obs           0.57 
_reflns_shell.pdbx_Rsym_value        ? 
_reflns_shell.meanI_over_sigI_obs    3.40 
_reflns_shell.pdbx_redundancy        13.1 
# 
_refine.pdbx_refine_id                           'X-RAY DIFFRACTION' 
_refine.entry_id                                 3ZHL 
_refine.pdbx_diffrn_id                           1 
_refine.pdbx_TLS_residual_ADP_flag               ? 
_refine.ls_number_reflns_obs                     5652 
_refine.ls_number_reflns_all                     ? 
_refine.pdbx_ls_sigma_I                          ? 
_refine.pdbx_ls_sigma_F                          1.34 
_refine.pdbx_data_cutoff_high_absF               ? 
_refine.pdbx_data_cutoff_low_absF                ? 
_refine.pdbx_data_cutoff_high_rms_absF           ? 
_refine.ls_d_res_low                             28.103 
_refine.ls_d_res_high                            2.470 
_refine.ls_percent_reflns_obs                    99.70 
_refine.ls_R_factor_obs                          0.1940 
_refine.ls_R_factor_all                          ? 
_refine.ls_R_factor_R_work                       0.1916 
_refine.ls_R_factor_R_free                       0.2458 
_refine.ls_R_factor_R_free_error                 ? 
_refine.ls_R_factor_R_free_error_details         ? 
_refine.ls_percent_reflns_R_free                 4.5 
_refine.ls_number_reflns_R_free                  256 
_refine.ls_number_parameters                     ? 
_refine.ls_number_restraints                     ? 
_refine.occupancy_min                            ? 
_refine.occupancy_max                            ? 
_refine.correlation_coeff_Fo_to_Fc               ? 
_refine.correlation_coeff_Fo_to_Fc_free          ? 
_refine.B_iso_mean                               ? 
_refine.aniso_B[1][1]                            15.1305 
_refine.aniso_B[2][2]                            15.1305 
_refine.aniso_B[3][3]                            -30.2610 
_refine.aniso_B[1][2]                            0.0000 
_refine.aniso_B[1][3]                            0.0000 
_refine.aniso_B[2][3]                            0.0000 
_refine.solvent_model_details                    'FLAT BULK SOLVENT MODEL' 
_refine.solvent_model_param_ksol                 0.360 
_refine.solvent_model_param_bsol                 30.615 
_refine.pdbx_solvent_vdw_probe_radii             1.10 
_refine.pdbx_solvent_ion_probe_radii             ? 
_refine.pdbx_solvent_shrinkage_radii             0.86 
_refine.pdbx_ls_cross_valid_method               ? 
_refine.details                                  ? 
_refine.pdbx_starting_model                      ? 
_refine.pdbx_method_to_determine_struct          'MOLECULAR REPLACEMENT' 
_refine.pdbx_isotropic_thermal_model             ? 
_refine.pdbx_stereochemistry_target_values       ML 
_refine.pdbx_stereochem_target_val_spec_case     ? 
_refine.pdbx_R_Free_selection_details            ? 
_refine.pdbx_overall_ESU_R                       ? 
_refine.pdbx_overall_ESU_R_Free                  ? 
_refine.overall_SU_ML                            0.21 
_refine.pdbx_overall_phase_error                 27.78 
_refine.overall_SU_B                             ? 
_refine.overall_SU_R_Cruickshank_DPI             ? 
_refine.pdbx_overall_SU_R_free_Cruickshank_DPI   ? 
_refine.pdbx_overall_SU_R_Blow_DPI               ? 
_refine.pdbx_overall_SU_R_free_Blow_DPI          ? 
# 
_refine_hist.pdbx_refine_id                   'X-RAY DIFFRACTION' 
_refine_hist.cycle_id                         LAST 
_refine_hist.pdbx_number_atoms_protein        913 
_refine_hist.pdbx_number_atoms_nucleic_acid   0 
_refine_hist.pdbx_number_atoms_ligand         6 
_refine_hist.number_atoms_solvent             44 
_refine_hist.number_atoms_total               963 
_refine_hist.d_res_high                       2.470 
_refine_hist.d_res_low                        28.103 
# 
loop_
_refine_ls_restr.type 
_refine_ls_restr.dev_ideal 
_refine_ls_restr.dev_ideal_target 
_refine_ls_restr.weight 
_refine_ls_restr.number 
_refine_ls_restr.pdbx_refine_id 
_refine_ls_restr.pdbx_restraint_function 
f_bond_d           0.006  ? ? 941  'X-RAY DIFFRACTION' ? 
f_angle_d          1.120  ? ? 1275 'X-RAY DIFFRACTION' ? 
f_dihedral_angle_d 15.587 ? ? 329  'X-RAY DIFFRACTION' ? 
f_chiral_restr     0.078  ? ? 135  'X-RAY DIFFRACTION' ? 
f_plane_restr      0.003  ? ? 164  'X-RAY DIFFRACTION' ? 
# 
loop_
_refine_ls_shell.pdbx_refine_id 
_refine_ls_shell.pdbx_total_number_of_bins_used 
_refine_ls_shell.d_res_high 
_refine_ls_shell.d_res_low 
_refine_ls_shell.number_reflns_R_work 
_refine_ls_shell.R_factor_R_work 
_refine_ls_shell.percent_reflns_obs 
_refine_ls_shell.R_factor_R_free 
_refine_ls_shell.R_factor_R_free_error 
_refine_ls_shell.percent_reflns_R_free 
_refine_ls_shell.number_reflns_R_free 
_refine_ls_shell.number_reflns_all 
_refine_ls_shell.R_factor_all 
'X-RAY DIFFRACTION' . 2.4700 3.1114  2635 0.2270 100.00 0.3441 . . 128 . . 
'X-RAY DIFFRACTION' . 3.1114 28.1053 2761 0.1791 100.00 0.2113 . . 128 . . 
# 
_struct.entry_id                  3ZHL 
_struct.title                     'The crystal structure of single domain antibody 8-14 scaffold' 
_struct.pdbx_model_details        ? 
_struct.pdbx_CASP_flag            ? 
_struct.pdbx_model_type_details   ? 
# 
_struct_keywords.entry_id        3ZHL 
_struct_keywords.pdbx_keywords   'IMMUNE SYSTEM' 
_struct_keywords.text            'IMMUNE SYSTEM, SINGLE DOMAIN ANTIBODY' 
# 
loop_
_struct_asym.id 
_struct_asym.pdbx_blank_PDB_chainid_flag 
_struct_asym.pdbx_modified 
_struct_asym.entity_id 
_struct_asym.details 
A N N 1 ? 
B N N 2 ? 
C N N 3 ? 
# 
_struct_ref.id                         1 
_struct_ref.db_name                    PDB 
_struct_ref.db_code                    3ZHL 
_struct_ref.entity_id                  1 
_struct_ref.pdbx_seq_one_letter_code   ? 
_struct_ref.pdbx_align_begin           ? 
_struct_ref.pdbx_db_accession          3ZHL 
_struct_ref.pdbx_db_isoform            ? 
# 
_struct_ref_seq.align_id                      1 
_struct_ref_seq.ref_id                        1 
_struct_ref_seq.pdbx_PDB_id_code              3ZHL 
_struct_ref_seq.pdbx_strand_id                A 
_struct_ref_seq.seq_align_beg                 1 
_struct_ref_seq.pdbx_seq_align_beg_ins_code   ? 
_struct_ref_seq.seq_align_end                 127 
_struct_ref_seq.pdbx_seq_align_end_ins_code   ? 
_struct_ref_seq.pdbx_db_accession             3ZHL 
_struct_ref_seq.db_align_beg                  1 
_struct_ref_seq.pdbx_db_align_beg_ins_code    ? 
_struct_ref_seq.db_align_end                  127 
_struct_ref_seq.pdbx_db_align_end_ins_code    ? 
_struct_ref_seq.pdbx_auth_seq_align_beg       1 
_struct_ref_seq.pdbx_auth_seq_align_end       127 
# 
_pdbx_struct_assembly.id                   1 
_pdbx_struct_assembly.details              author_and_software_defined_assembly 
_pdbx_struct_assembly.method_details       PISA 
_pdbx_struct_assembly.oligomeric_details   monomeric 
_pdbx_struct_assembly.oligomeric_count     1 
# 
_pdbx_struct_assembly_gen.assembly_id       1 
_pdbx_struct_assembly_gen.oper_expression   1 
_pdbx_struct_assembly_gen.asym_id_list      A,B,C 
# 
_pdbx_struct_oper_list.id                   1 
_pdbx_struct_oper_list.type                 'identity operation' 
_pdbx_struct_oper_list.name                 1_555 
_pdbx_struct_oper_list.symmetry_operation   x,y,z 
_pdbx_struct_oper_list.matrix[1][1]         1.0000000000 
_pdbx_struct_oper_list.matrix[1][2]         0.0000000000 
_pdbx_struct_oper_list.matrix[1][3]         0.0000000000 
_pdbx_struct_oper_list.vector[1]            0.0000000000 
_pdbx_struct_oper_list.matrix[2][1]         0.0000000000 
_pdbx_struct_oper_list.matrix[2][2]         1.0000000000 
_pdbx_struct_oper_list.matrix[2][3]         0.0000000000 
_pdbx_struct_oper_list.vector[2]            0.0000000000 
_pdbx_struct_oper_list.matrix[3][1]         0.0000000000 
_pdbx_struct_oper_list.matrix[3][2]         0.0000000000 
_pdbx_struct_oper_list.matrix[3][3]         1.0000000000 
_pdbx_struct_oper_list.vector[3]            0.0000000000 
# 
_struct_biol.id   1 
# 
loop_
_struct_conf.conf_type_id 
_struct_conf.id 
_struct_conf.pdbx_PDB_helix_id 
_struct_conf.beg_label_comp_id 
_struct_conf.beg_label_asym_id 
_struct_conf.beg_label_seq_id 
_struct_conf.pdbx_beg_PDB_ins_code 
_struct_conf.end_label_comp_id 
_struct_conf.end_label_asym_id 
_struct_conf.end_label_seq_id 
_struct_conf.pdbx_end_PDB_ins_code 
_struct_conf.beg_auth_comp_id 
_struct_conf.beg_auth_asym_id 
_struct_conf.beg_auth_seq_id 
_struct_conf.end_auth_comp_id 
_struct_conf.end_auth_asym_id 
_struct_conf.end_auth_seq_id 
_struct_conf.pdbx_PDB_helix_class 
_struct_conf.details 
_struct_conf.pdbx_PDB_helix_length 
HELX_P HELX_P1 1 THR A 28 ? TYR A 32 ? THR A 28 TYR A 32 5 ? 5 
HELX_P HELX_P2 2 ARG A 87 ? THR A 91 ? ARG A 87 THR A 91 5 ? 5 
# 
_struct_conf_type.id          HELX_P 
_struct_conf_type.criteria    ? 
_struct_conf_type.reference   ? 
# 
_struct_conn.id                            disulf1 
_struct_conn.conn_type_id                  disulf 
_struct_conn.pdbx_leaving_atom_flag        ? 
_struct_conn.pdbx_PDB_id                   ? 
_struct_conn.ptnr1_label_asym_id           A 
_struct_conn.ptnr1_label_comp_id           CYS 
_struct_conn.ptnr1_label_seq_id            22 
_struct_conn.ptnr1_label_atom_id           SG 
_struct_conn.pdbx_ptnr1_label_alt_id       ? 
_struct_conn.pdbx_ptnr1_PDB_ins_code       ? 
_struct_conn.pdbx_ptnr1_standard_comp_id   ? 
_struct_conn.ptnr1_symmetry                1_555 
_struct_conn.ptnr2_label_asym_id           A 
_struct_conn.ptnr2_label_comp_id           CYS 
_struct_conn.ptnr2_label_seq_id            96 
_struct_conn.ptnr2_label_atom_id           SG 
_struct_conn.pdbx_ptnr2_label_alt_id       ? 
_struct_conn.pdbx_ptnr2_PDB_ins_code       ? 
_struct_conn.ptnr1_auth_asym_id            A 
_struct_conn.ptnr1_auth_comp_id            CYS 
_struct_conn.ptnr1_auth_seq_id             22 
_struct_conn.ptnr2_auth_asym_id            A 
_struct_conn.ptnr2_auth_comp_id            CYS 
_struct_conn.ptnr2_auth_seq_id             96 
_struct_conn.ptnr2_symmetry                1_555 
_struct_conn.pdbx_ptnr3_label_atom_id      ? 
_struct_conn.pdbx_ptnr3_label_seq_id       ? 
_struct_conn.pdbx_ptnr3_label_comp_id      ? 
_struct_conn.pdbx_ptnr3_label_asym_id      ? 
_struct_conn.pdbx_ptnr3_label_alt_id       ? 
_struct_conn.pdbx_ptnr3_PDB_ins_code       ? 
_struct_conn.details                       ? 
_struct_conn.pdbx_dist_value               2.026 
_struct_conn.pdbx_value_order              ? 
_struct_conn.pdbx_role                     ? 
# 
_struct_conn_type.id          disulf 
_struct_conn_type.criteria    ? 
_struct_conn_type.reference   ? 
# 
_pdbx_modification_feature.ordinal                            1 
_pdbx_modification_feature.label_comp_id                      CYS 
_pdbx_modification_feature.label_asym_id                      A 
_pdbx_modification_feature.label_seq_id                       22 
_pdbx_modification_feature.label_alt_id                       ? 
_pdbx_modification_feature.modified_residue_label_comp_id     CYS 
_pdbx_modification_feature.modified_residue_label_asym_id     A 
_pdbx_modification_feature.modified_residue_label_seq_id      96 
_pdbx_modification_feature.modified_residue_label_alt_id      ? 
_pdbx_modification_feature.auth_comp_id                       CYS 
_pdbx_modification_feature.auth_asym_id                       A 
_pdbx_modification_feature.auth_seq_id                        22 
_pdbx_modification_feature.PDB_ins_code                       ? 
_pdbx_modification_feature.symmetry                           1_555 
_pdbx_modification_feature.modified_residue_auth_comp_id      CYS 
_pdbx_modification_feature.modified_residue_auth_asym_id      A 
_pdbx_modification_feature.modified_residue_auth_seq_id       96 
_pdbx_modification_feature.modified_residue_PDB_ins_code      ? 
_pdbx_modification_feature.modified_residue_symmetry          1_555 
_pdbx_modification_feature.comp_id_linking_atom               SG 
_pdbx_modification_feature.modified_residue_id_linking_atom   SG 
_pdbx_modification_feature.modified_residue_id                . 
_pdbx_modification_feature.ref_pcm_id                         . 
_pdbx_modification_feature.ref_comp_id                        . 
_pdbx_modification_feature.type                               None 
_pdbx_modification_feature.category                           'Disulfide bridge' 
# 
loop_
_struct_sheet.id 
_struct_sheet.type 
_struct_sheet.number_strands 
_struct_sheet.details 
AA ? 4 ? 
AB ? 4 ? 
AC ? 6 ? 
AD ? 2 ? 
# 
loop_
_struct_sheet_order.sheet_id 
_struct_sheet_order.range_id_1 
_struct_sheet_order.range_id_2 
_struct_sheet_order.offset 
_struct_sheet_order.sense 
AA 1 2 ? anti-parallel 
AA 2 3 ? anti-parallel 
AA 3 4 ? anti-parallel 
AB 1 2 ? parallel      
AB 2 3 ? anti-parallel 
AB 3 4 ? anti-parallel 
AC 1 2 ? parallel      
AC 2 3 ? anti-parallel 
AC 3 4 ? anti-parallel 
AC 4 5 ? anti-parallel 
AC 5 6 ? anti-parallel 
AD 1 2 ? anti-parallel 
# 
loop_
_struct_sheet_range.sheet_id 
_struct_sheet_range.id 
_struct_sheet_range.beg_label_comp_id 
_struct_sheet_range.beg_label_asym_id 
_struct_sheet_range.beg_label_seq_id 
_struct_sheet_range.pdbx_beg_PDB_ins_code 
_struct_sheet_range.end_label_comp_id 
_struct_sheet_range.end_label_asym_id 
_struct_sheet_range.end_label_seq_id 
_struct_sheet_range.pdbx_end_PDB_ins_code 
_struct_sheet_range.beg_auth_comp_id 
_struct_sheet_range.beg_auth_asym_id 
_struct_sheet_range.beg_auth_seq_id 
_struct_sheet_range.end_auth_comp_id 
_struct_sheet_range.end_auth_asym_id 
_struct_sheet_range.end_auth_seq_id 
AA 1 GLN A 3   ? SER A 7   ? GLN A 3   SER A 7   
AA 2 LEU A 18  ? SER A 25  ? LEU A 18  SER A 25  
AA 3 LEU A 78  ? MET A 83  ? LEU A 78  MET A 83  
AA 4 PHE A 68  ? ASP A 73  ? PHE A 68  ASP A 73  
AB 1 GLY A 10  ? VAL A 12  ? GLY A 10  VAL A 12  
AB 2 THR A 113 ? VAL A 117 ? THR A 113 VAL A 117 
AB 3 ALA A 92  ? HIS A 99  ? ALA A 92  HIS A 99  
AB 4 TYR A 108 ? TRP A 109 ? TYR A 108 TRP A 109 
AC 1 GLY A 10  ? VAL A 12  ? GLY A 10  VAL A 12  
AC 2 THR A 113 ? VAL A 117 ? THR A 113 VAL A 117 
AC 3 ALA A 92  ? HIS A 99  ? ALA A 92  HIS A 99  
AC 4 ALA A 33  ? GLN A 39  ? ALA A 33  GLN A 39  
AC 5 GLU A 46  ? ILE A 51  ? GLU A 46  ILE A 51  
AC 6 THR A 58  ? TYR A 60  ? THR A 58  TYR A 60  
AD 1 TYR A 108 ? TRP A 109 ? TYR A 108 TRP A 109 
AD 2 ALA A 92  ? HIS A 99  ? ALA A 92  HIS A 99  
# 
loop_
_pdbx_struct_sheet_hbond.sheet_id 
_pdbx_struct_sheet_hbond.range_id_1 
_pdbx_struct_sheet_hbond.range_id_2 
_pdbx_struct_sheet_hbond.range_1_label_atom_id 
_pdbx_struct_sheet_hbond.range_1_label_comp_id 
_pdbx_struct_sheet_hbond.range_1_label_asym_id 
_pdbx_struct_sheet_hbond.range_1_label_seq_id 
_pdbx_struct_sheet_hbond.range_1_PDB_ins_code 
_pdbx_struct_sheet_hbond.range_1_auth_atom_id 
_pdbx_struct_sheet_hbond.range_1_auth_comp_id 
_pdbx_struct_sheet_hbond.range_1_auth_asym_id 
_pdbx_struct_sheet_hbond.range_1_auth_seq_id 
_pdbx_struct_sheet_hbond.range_2_label_atom_id 
_pdbx_struct_sheet_hbond.range_2_label_comp_id 
_pdbx_struct_sheet_hbond.range_2_label_asym_id 
_pdbx_struct_sheet_hbond.range_2_label_seq_id 
_pdbx_struct_sheet_hbond.range_2_PDB_ins_code 
_pdbx_struct_sheet_hbond.range_2_auth_atom_id 
_pdbx_struct_sheet_hbond.range_2_auth_comp_id 
_pdbx_struct_sheet_hbond.range_2_auth_asym_id 
_pdbx_struct_sheet_hbond.range_2_auth_seq_id 
AA 1 2 N SER A 7   ? N SER A 7   O SER A 21  ? O SER A 21  
AA 2 3 N CYS A 22  ? N CYS A 22  O LEU A 79  ? O LEU A 79  
AA 3 4 N GLN A 82  ? N GLN A 82  O THR A 69  ? O THR A 69  
AB 1 2 N GLY A 10  ? N GLY A 10  O LEU A 114 ? O LEU A 114 
AB 2 3 N VAL A 115 ? N VAL A 115 O ALA A 92  ? O ALA A 92  
AB 3 4 N ARG A 98  ? N ARG A 98  O TYR A 108 ? O TYR A 108 
AC 1 2 N GLY A 10  ? N GLY A 10  O LEU A 114 ? O LEU A 114 
AC 2 3 N VAL A 115 ? N VAL A 115 O ALA A 92  ? O ALA A 92  
AC 3 4 N HIS A 99  ? N HIS A 99  O ALA A 33  ? O ALA A 33  
AC 4 5 N ARG A 38  ? N ARG A 38  O GLU A 46  ? O GLU A 46  
AC 5 6 N LEU A 50  ? N LEU A 50  O TRP A 59  ? O TRP A 59  
AD 1 2 O TYR A 108 ? O TYR A 108 N ARG A 98  ? N ARG A 98  
# 
_struct_site.id                   AC1 
_struct_site.pdbx_evidence_code   Software 
_struct_site.pdbx_auth_asym_id    A 
_struct_site.pdbx_auth_comp_id    GOL 
_struct_site.pdbx_auth_seq_id     1122 
_struct_site.pdbx_auth_ins_code   ? 
_struct_site.pdbx_num_residues    2 
_struct_site.details              'BINDING SITE FOR RESIDUE GOL A 1122' 
# 
loop_
_struct_site_gen.id 
_struct_site_gen.site_id 
_struct_site_gen.pdbx_num_res 
_struct_site_gen.label_comp_id 
_struct_site_gen.label_asym_id 
_struct_site_gen.label_seq_id 
_struct_site_gen.pdbx_auth_ins_code 
_struct_site_gen.auth_comp_id 
_struct_site_gen.auth_asym_id 
_struct_site_gen.auth_seq_id 
_struct_site_gen.label_atom_id 
_struct_site_gen.label_alt_id 
_struct_site_gen.symmetry 
_struct_site_gen.details 
1 AC1 2 ASP A 107 ? ASP A 107 . ? 1_555 ? 
2 AC1 2 TRP A 109 ? TRP A 109 . ? 1_555 ? 
# 
_pdbx_entry_details.entry_id                   3ZHL 
_pdbx_entry_details.compound_details           ? 
_pdbx_entry_details.source_details             ? 
_pdbx_entry_details.nonpolymer_details         ? 
_pdbx_entry_details.sequence_details           ? 
_pdbx_entry_details.has_ligand_of_interest     ? 
_pdbx_entry_details.has_protein_modification   Y 
# 
loop_
_pdbx_validate_close_contact.id 
_pdbx_validate_close_contact.PDB_model_num 
_pdbx_validate_close_contact.auth_atom_id_1 
_pdbx_validate_close_contact.auth_asym_id_1 
_pdbx_validate_close_contact.auth_comp_id_1 
_pdbx_validate_close_contact.auth_seq_id_1 
_pdbx_validate_close_contact.PDB_ins_code_1 
_pdbx_validate_close_contact.label_alt_id_1 
_pdbx_validate_close_contact.auth_atom_id_2 
_pdbx_validate_close_contact.auth_asym_id_2 
_pdbx_validate_close_contact.auth_comp_id_2 
_pdbx_validate_close_contact.auth_seq_id_2 
_pdbx_validate_close_contact.PDB_ins_code_2 
_pdbx_validate_close_contact.label_alt_id_2 
_pdbx_validate_close_contact.dist 
1 1 O A HOH 2008 ? ? O A HOH 2010 ? ? 1.91 
2 1 O A HOH 2014 ? ? O A HOH 2017 ? ? 2.19 
# 
_pdbx_validate_torsion.id              1 
_pdbx_validate_torsion.PDB_model_num   1 
_pdbx_validate_torsion.auth_comp_id    ALA 
_pdbx_validate_torsion.auth_asym_id    A 
_pdbx_validate_torsion.auth_seq_id     92 
_pdbx_validate_torsion.PDB_ins_code    ? 
_pdbx_validate_torsion.label_alt_id    ? 
_pdbx_validate_torsion.phi             177.79 
_pdbx_validate_torsion.psi             175.91 
# 
loop_
_pdbx_unobs_or_zero_occ_residues.id 
_pdbx_unobs_or_zero_occ_residues.PDB_model_num 
_pdbx_unobs_or_zero_occ_residues.polymer_flag 
_pdbx_unobs_or_zero_occ_residues.occupancy_flag 
_pdbx_unobs_or_zero_occ_residues.auth_asym_id 
_pdbx_unobs_or_zero_occ_residues.auth_comp_id 
_pdbx_unobs_or_zero_occ_residues.auth_seq_id 
_pdbx_unobs_or_zero_occ_residues.PDB_ins_code 
_pdbx_unobs_or_zero_occ_residues.label_asym_id 
_pdbx_unobs_or_zero_occ_residues.label_comp_id 
_pdbx_unobs_or_zero_occ_residues.label_seq_id 
1 1 Y 1 A HIS 122 ? A HIS 122 
2 1 Y 1 A HIS 123 ? A HIS 123 
3 1 Y 1 A HIS 124 ? A HIS 124 
4 1 Y 1 A HIS 125 ? A HIS 125 
5 1 Y 1 A HIS 126 ? A HIS 126 
6 1 Y 1 A HIS 127 ? A HIS 127 
# 
loop_
_chem_comp_atom.comp_id 
_chem_comp_atom.atom_id 
_chem_comp_atom.type_symbol 
_chem_comp_atom.pdbx_aromatic_flag 
_chem_comp_atom.pdbx_stereo_config 
_chem_comp_atom.pdbx_ordinal 
ALA N    N N N 1   
ALA CA   C N S 2   
ALA C    C N N 3   
ALA O    O N N 4   
ALA CB   C N N 5   
ALA OXT  O N N 6   
ALA H    H N N 7   
ALA H2   H N N 8   
ALA HA   H N N 9   
ALA HB1  H N N 10  
ALA HB2  H N N 11  
ALA HB3  H N N 12  
ALA HXT  H N N 13  
ARG N    N N N 14  
ARG CA   C N S 15  
ARG C    C N N 16  
ARG O    O N N 17  
ARG CB   C N N 18  
ARG CG   C N N 19  
ARG CD   C N N 20  
ARG NE   N N N 21  
ARG CZ   C N N 22  
ARG NH1  N N N 23  
ARG NH2  N N N 24  
ARG OXT  O N N 25  
ARG H    H N N 26  
ARG H2   H N N 27  
ARG HA   H N N 28  
ARG HB2  H N N 29  
ARG HB3  H N N 30  
ARG HG2  H N N 31  
ARG HG3  H N N 32  
ARG HD2  H N N 33  
ARG HD3  H N N 34  
ARG HE   H N N 35  
ARG HH11 H N N 36  
ARG HH12 H N N 37  
ARG HH21 H N N 38  
ARG HH22 H N N 39  
ARG HXT  H N N 40  
ASN N    N N N 41  
ASN CA   C N S 42  
ASN C    C N N 43  
ASN O    O N N 44  
ASN CB   C N N 45  
ASN CG   C N N 46  
ASN OD1  O N N 47  
ASN ND2  N N N 48  
ASN OXT  O N N 49  
ASN H    H N N 50  
ASN H2   H N N 51  
ASN HA   H N N 52  
ASN HB2  H N N 53  
ASN HB3  H N N 54  
ASN HD21 H N N 55  
ASN HD22 H N N 56  
ASN HXT  H N N 57  
ASP N    N N N 58  
ASP CA   C N S 59  
ASP C    C N N 60  
ASP O    O N N 61  
ASP CB   C N N 62  
ASP CG   C N N 63  
ASP OD1  O N N 64  
ASP OD2  O N N 65  
ASP OXT  O N N 66  
ASP H    H N N 67  
ASP H2   H N N 68  
ASP HA   H N N 69  
ASP HB2  H N N 70  
ASP HB3  H N N 71  
ASP HD2  H N N 72  
ASP HXT  H N N 73  
CYS N    N N N 74  
CYS CA   C N R 75  
CYS C    C N N 76  
CYS O    O N N 77  
CYS CB   C N N 78  
CYS SG   S N N 79  
CYS OXT  O N N 80  
CYS H    H N N 81  
CYS H2   H N N 82  
CYS HA   H N N 83  
CYS HB2  H N N 84  
CYS HB3  H N N 85  
CYS HG   H N N 86  
CYS HXT  H N N 87  
GLN N    N N N 88  
GLN CA   C N S 89  
GLN C    C N N 90  
GLN O    O N N 91  
GLN CB   C N N 92  
GLN CG   C N N 93  
GLN CD   C N N 94  
GLN OE1  O N N 95  
GLN NE2  N N N 96  
GLN OXT  O N N 97  
GLN H    H N N 98  
GLN H2   H N N 99  
GLN HA   H N N 100 
GLN HB2  H N N 101 
GLN HB3  H N N 102 
GLN HG2  H N N 103 
GLN HG3  H N N 104 
GLN HE21 H N N 105 
GLN HE22 H N N 106 
GLN HXT  H N N 107 
GLU N    N N N 108 
GLU CA   C N S 109 
GLU C    C N N 110 
GLU O    O N N 111 
GLU CB   C N N 112 
GLU CG   C N N 113 
GLU CD   C N N 114 
GLU OE1  O N N 115 
GLU OE2  O N N 116 
GLU OXT  O N N 117 
GLU H    H N N 118 
GLU H2   H N N 119 
GLU HA   H N N 120 
GLU HB2  H N N 121 
GLU HB3  H N N 122 
GLU HG2  H N N 123 
GLU HG3  H N N 124 
GLU HE2  H N N 125 
GLU HXT  H N N 126 
GLY N    N N N 127 
GLY CA   C N N 128 
GLY C    C N N 129 
GLY O    O N N 130 
GLY OXT  O N N 131 
GLY H    H N N 132 
GLY H2   H N N 133 
GLY HA2  H N N 134 
GLY HA3  H N N 135 
GLY HXT  H N N 136 
GOL C1   C N N 137 
GOL O1   O N N 138 
GOL C2   C N N 139 
GOL O2   O N N 140 
GOL C3   C N N 141 
GOL O3   O N N 142 
GOL H11  H N N 143 
GOL H12  H N N 144 
GOL HO1  H N N 145 
GOL H2   H N N 146 
GOL HO2  H N N 147 
GOL H31  H N N 148 
GOL H32  H N N 149 
GOL HO3  H N N 150 
HIS N    N N N 151 
HIS CA   C N S 152 
HIS C    C N N 153 
HIS O    O N N 154 
HIS CB   C N N 155 
HIS CG   C Y N 156 
HIS ND1  N Y N 157 
HIS CD2  C Y N 158 
HIS CE1  C Y N 159 
HIS NE2  N Y N 160 
HIS OXT  O N N 161 
HIS H    H N N 162 
HIS H2   H N N 163 
HIS HA   H N N 164 
HIS HB2  H N N 165 
HIS HB3  H N N 166 
HIS HD1  H N N 167 
HIS HD2  H N N 168 
HIS HE1  H N N 169 
HIS HE2  H N N 170 
HIS HXT  H N N 171 
HOH O    O N N 172 
HOH H1   H N N 173 
HOH H2   H N N 174 
ILE N    N N N 175 
ILE CA   C N S 176 
ILE C    C N N 177 
ILE O    O N N 178 
ILE CB   C N S 179 
ILE CG1  C N N 180 
ILE CG2  C N N 181 
ILE CD1  C N N 182 
ILE OXT  O N N 183 
ILE H    H N N 184 
ILE H2   H N N 185 
ILE HA   H N N 186 
ILE HB   H N N 187 
ILE HG12 H N N 188 
ILE HG13 H N N 189 
ILE HG21 H N N 190 
ILE HG22 H N N 191 
ILE HG23 H N N 192 
ILE HD11 H N N 193 
ILE HD12 H N N 194 
ILE HD13 H N N 195 
ILE HXT  H N N 196 
LEU N    N N N 197 
LEU CA   C N S 198 
LEU C    C N N 199 
LEU O    O N N 200 
LEU CB   C N N 201 
LEU CG   C N N 202 
LEU CD1  C N N 203 
LEU CD2  C N N 204 
LEU OXT  O N N 205 
LEU H    H N N 206 
LEU H2   H N N 207 
LEU HA   H N N 208 
LEU HB2  H N N 209 
LEU HB3  H N N 210 
LEU HG   H N N 211 
LEU HD11 H N N 212 
LEU HD12 H N N 213 
LEU HD13 H N N 214 
LEU HD21 H N N 215 
LEU HD22 H N N 216 
LEU HD23 H N N 217 
LEU HXT  H N N 218 
LYS N    N N N 219 
LYS CA   C N S 220 
LYS C    C N N 221 
LYS O    O N N 222 
LYS CB   C N N 223 
LYS CG   C N N 224 
LYS CD   C N N 225 
LYS CE   C N N 226 
LYS NZ   N N N 227 
LYS OXT  O N N 228 
LYS H    H N N 229 
LYS H2   H N N 230 
LYS HA   H N N 231 
LYS HB2  H N N 232 
LYS HB3  H N N 233 
LYS HG2  H N N 234 
LYS HG3  H N N 235 
LYS HD2  H N N 236 
LYS HD3  H N N 237 
LYS HE2  H N N 238 
LYS HE3  H N N 239 
LYS HZ1  H N N 240 
LYS HZ2  H N N 241 
LYS HZ3  H N N 242 
LYS HXT  H N N 243 
MET N    N N N 244 
MET CA   C N S 245 
MET C    C N N 246 
MET O    O N N 247 
MET CB   C N N 248 
MET CG   C N N 249 
MET SD   S N N 250 
MET CE   C N N 251 
MET OXT  O N N 252 
MET H    H N N 253 
MET H2   H N N 254 
MET HA   H N N 255 
MET HB2  H N N 256 
MET HB3  H N N 257 
MET HG2  H N N 258 
MET HG3  H N N 259 
MET HE1  H N N 260 
MET HE2  H N N 261 
MET HE3  H N N 262 
MET HXT  H N N 263 
PHE N    N N N 264 
PHE CA   C N S 265 
PHE C    C N N 266 
PHE O    O N N 267 
PHE CB   C N N 268 
PHE CG   C Y N 269 
PHE CD1  C Y N 270 
PHE CD2  C Y N 271 
PHE CE1  C Y N 272 
PHE CE2  C Y N 273 
PHE CZ   C Y N 274 
PHE OXT  O N N 275 
PHE H    H N N 276 
PHE H2   H N N 277 
PHE HA   H N N 278 
PHE HB2  H N N 279 
PHE HB3  H N N 280 
PHE HD1  H N N 281 
PHE HD2  H N N 282 
PHE HE1  H N N 283 
PHE HE2  H N N 284 
PHE HZ   H N N 285 
PHE HXT  H N N 286 
PRO N    N N N 287 
PRO CA   C N S 288 
PRO C    C N N 289 
PRO O    O N N 290 
PRO CB   C N N 291 
PRO CG   C N N 292 
PRO CD   C N N 293 
PRO OXT  O N N 294 
PRO H    H N N 295 
PRO HA   H N N 296 
PRO HB2  H N N 297 
PRO HB3  H N N 298 
PRO HG2  H N N 299 
PRO HG3  H N N 300 
PRO HD2  H N N 301 
PRO HD3  H N N 302 
PRO HXT  H N N 303 
SER N    N N N 304 
SER CA   C N S 305 
SER C    C N N 306 
SER O    O N N 307 
SER CB   C N N 308 
SER OG   O N N 309 
SER OXT  O N N 310 
SER H    H N N 311 
SER H2   H N N 312 
SER HA   H N N 313 
SER HB2  H N N 314 
SER HB3  H N N 315 
SER HG   H N N 316 
SER HXT  H N N 317 
THR N    N N N 318 
THR CA   C N S 319 
THR C    C N N 320 
THR O    O N N 321 
THR CB   C N R 322 
THR OG1  O N N 323 
THR CG2  C N N 324 
THR OXT  O N N 325 
THR H    H N N 326 
THR H2   H N N 327 
THR HA   H N N 328 
THR HB   H N N 329 
THR HG1  H N N 330 
THR HG21 H N N 331 
THR HG22 H N N 332 
THR HG23 H N N 333 
THR HXT  H N N 334 
TRP N    N N N 335 
TRP CA   C N S 336 
TRP C    C N N 337 
TRP O    O N N 338 
TRP CB   C N N 339 
TRP CG   C Y N 340 
TRP CD1  C Y N 341 
TRP CD2  C Y N 342 
TRP NE1  N Y N 343 
TRP CE2  C Y N 344 
TRP CE3  C Y N 345 
TRP CZ2  C Y N 346 
TRP CZ3  C Y N 347 
TRP CH2  C Y N 348 
TRP OXT  O N N 349 
TRP H    H N N 350 
TRP H2   H N N 351 
TRP HA   H N N 352 
TRP HB2  H N N 353 
TRP HB3  H N N 354 
TRP HD1  H N N 355 
TRP HE1  H N N 356 
TRP HE3  H N N 357 
TRP HZ2  H N N 358 
TRP HZ3  H N N 359 
TRP HH2  H N N 360 
TRP HXT  H N N 361 
TYR N    N N N 362 
TYR CA   C N S 363 
TYR C    C N N 364 
TYR O    O N N 365 
TYR CB   C N N 366 
TYR CG   C Y N 367 
TYR CD1  C Y N 368 
TYR CD2  C Y N 369 
TYR CE1  C Y N 370 
TYR CE2  C Y N 371 
TYR CZ   C Y N 372 
TYR OH   O N N 373 
TYR OXT  O N N 374 
TYR H    H N N 375 
TYR H2   H N N 376 
TYR HA   H N N 377 
TYR HB2  H N N 378 
TYR HB3  H N N 379 
TYR HD1  H N N 380 
TYR HD2  H N N 381 
TYR HE1  H N N 382 
TYR HE2  H N N 383 
TYR HH   H N N 384 
TYR HXT  H N N 385 
VAL N    N N N 386 
VAL CA   C N S 387 
VAL C    C N N 388 
VAL O    O N N 389 
VAL CB   C N N 390 
VAL CG1  C N N 391 
VAL CG2  C N N 392 
VAL OXT  O N N 393 
VAL H    H N N 394 
VAL H2   H N N 395 
VAL HA   H N N 396 
VAL HB   H N N 397 
VAL HG11 H N N 398 
VAL HG12 H N N 399 
VAL HG13 H N N 400 
VAL HG21 H N N 401 
VAL HG22 H N N 402 
VAL HG23 H N N 403 
VAL HXT  H N N 404 
# 
loop_
_chem_comp_bond.comp_id 
_chem_comp_bond.atom_id_1 
_chem_comp_bond.atom_id_2 
_chem_comp_bond.value_order 
_chem_comp_bond.pdbx_aromatic_flag 
_chem_comp_bond.pdbx_stereo_config 
_chem_comp_bond.pdbx_ordinal 
ALA N   CA   sing N N 1   
ALA N   H    sing N N 2   
ALA N   H2   sing N N 3   
ALA CA  C    sing N N 4   
ALA CA  CB   sing N N 5   
ALA CA  HA   sing N N 6   
ALA C   O    doub N N 7   
ALA C   OXT  sing N N 8   
ALA CB  HB1  sing N N 9   
ALA CB  HB2  sing N N 10  
ALA CB  HB3  sing N N 11  
ALA OXT HXT  sing N N 12  
ARG N   CA   sing N N 13  
ARG N   H    sing N N 14  
ARG N   H2   sing N N 15  
ARG CA  C    sing N N 16  
ARG CA  CB   sing N N 17  
ARG CA  HA   sing N N 18  
ARG C   O    doub N N 19  
ARG C   OXT  sing N N 20  
ARG CB  CG   sing N N 21  
ARG CB  HB2  sing N N 22  
ARG CB  HB3  sing N N 23  
ARG CG  CD   sing N N 24  
ARG CG  HG2  sing N N 25  
ARG CG  HG3  sing N N 26  
ARG CD  NE   sing N N 27  
ARG CD  HD2  sing N N 28  
ARG CD  HD3  sing N N 29  
ARG NE  CZ   sing N N 30  
ARG NE  HE   sing N N 31  
ARG CZ  NH1  sing N N 32  
ARG CZ  NH2  doub N N 33  
ARG NH1 HH11 sing N N 34  
ARG NH1 HH12 sing N N 35  
ARG NH2 HH21 sing N N 36  
ARG NH2 HH22 sing N N 37  
ARG OXT HXT  sing N N 38  
ASN N   CA   sing N N 39  
ASN N   H    sing N N 40  
ASN N   H2   sing N N 41  
ASN CA  C    sing N N 42  
ASN CA  CB   sing N N 43  
ASN CA  HA   sing N N 44  
ASN C   O    doub N N 45  
ASN C   OXT  sing N N 46  
ASN CB  CG   sing N N 47  
ASN CB  HB2  sing N N 48  
ASN CB  HB3  sing N N 49  
ASN CG  OD1  doub N N 50  
ASN CG  ND2  sing N N 51  
ASN ND2 HD21 sing N N 52  
ASN ND2 HD22 sing N N 53  
ASN OXT HXT  sing N N 54  
ASP N   CA   sing N N 55  
ASP N   H    sing N N 56  
ASP N   H2   sing N N 57  
ASP CA  C    sing N N 58  
ASP CA  CB   sing N N 59  
ASP CA  HA   sing N N 60  
ASP C   O    doub N N 61  
ASP C   OXT  sing N N 62  
ASP CB  CG   sing N N 63  
ASP CB  HB2  sing N N 64  
ASP CB  HB3  sing N N 65  
ASP CG  OD1  doub N N 66  
ASP CG  OD2  sing N N 67  
ASP OD2 HD2  sing N N 68  
ASP OXT HXT  sing N N 69  
CYS N   CA   sing N N 70  
CYS N   H    sing N N 71  
CYS N   H2   sing N N 72  
CYS CA  C    sing N N 73  
CYS CA  CB   sing N N 74  
CYS CA  HA   sing N N 75  
CYS C   O    doub N N 76  
CYS C   OXT  sing N N 77  
CYS CB  SG   sing N N 78  
CYS CB  HB2  sing N N 79  
CYS CB  HB3  sing N N 80  
CYS SG  HG   sing N N 81  
CYS OXT HXT  sing N N 82  
GLN N   CA   sing N N 83  
GLN N   H    sing N N 84  
GLN N   H2   sing N N 85  
GLN CA  C    sing N N 86  
GLN CA  CB   sing N N 87  
GLN CA  HA   sing N N 88  
GLN C   O    doub N N 89  
GLN C   OXT  sing N N 90  
GLN CB  CG   sing N N 91  
GLN CB  HB2  sing N N 92  
GLN CB  HB3  sing N N 93  
GLN CG  CD   sing N N 94  
GLN CG  HG2  sing N N 95  
GLN CG  HG3  sing N N 96  
GLN CD  OE1  doub N N 97  
GLN CD  NE2  sing N N 98  
GLN NE2 HE21 sing N N 99  
GLN NE2 HE22 sing N N 100 
GLN OXT HXT  sing N N 101 
GLU N   CA   sing N N 102 
GLU N   H    sing N N 103 
GLU N   H2   sing N N 104 
GLU CA  C    sing N N 105 
GLU CA  CB   sing N N 106 
GLU CA  HA   sing N N 107 
GLU C   O    doub N N 108 
GLU C   OXT  sing N N 109 
GLU CB  CG   sing N N 110 
GLU CB  HB2  sing N N 111 
GLU CB  HB3  sing N N 112 
GLU CG  CD   sing N N 113 
GLU CG  HG2  sing N N 114 
GLU CG  HG3  sing N N 115 
GLU CD  OE1  doub N N 116 
GLU CD  OE2  sing N N 117 
GLU OE2 HE2  sing N N 118 
GLU OXT HXT  sing N N 119 
GLY N   CA   sing N N 120 
GLY N   H    sing N N 121 
GLY N   H2   sing N N 122 
GLY CA  C    sing N N 123 
GLY CA  HA2  sing N N 124 
GLY CA  HA3  sing N N 125 
GLY C   O    doub N N 126 
GLY C   OXT  sing N N 127 
GLY OXT HXT  sing N N 128 
GOL C1  O1   sing N N 129 
GOL C1  C2   sing N N 130 
GOL C1  H11  sing N N 131 
GOL C1  H12  sing N N 132 
GOL O1  HO1  sing N N 133 
GOL C2  O2   sing N N 134 
GOL C2  C3   sing N N 135 
GOL C2  H2   sing N N 136 
GOL O2  HO2  sing N N 137 
GOL C3  O3   sing N N 138 
GOL C3  H31  sing N N 139 
GOL C3  H32  sing N N 140 
GOL O3  HO3  sing N N 141 
HIS N   CA   sing N N 142 
HIS N   H    sing N N 143 
HIS N   H2   sing N N 144 
HIS CA  C    sing N N 145 
HIS CA  CB   sing N N 146 
HIS CA  HA   sing N N 147 
HIS C   O    doub N N 148 
HIS C   OXT  sing N N 149 
HIS CB  CG   sing N N 150 
HIS CB  HB2  sing N N 151 
HIS CB  HB3  sing N N 152 
HIS CG  ND1  sing Y N 153 
HIS CG  CD2  doub Y N 154 
HIS ND1 CE1  doub Y N 155 
HIS ND1 HD1  sing N N 156 
HIS CD2 NE2  sing Y N 157 
HIS CD2 HD2  sing N N 158 
HIS CE1 NE2  sing Y N 159 
HIS CE1 HE1  sing N N 160 
HIS NE2 HE2  sing N N 161 
HIS OXT HXT  sing N N 162 
HOH O   H1   sing N N 163 
HOH O   H2   sing N N 164 
ILE N   CA   sing N N 165 
ILE N   H    sing N N 166 
ILE N   H2   sing N N 167 
ILE CA  C    sing N N 168 
ILE CA  CB   sing N N 169 
ILE CA  HA   sing N N 170 
ILE C   O    doub N N 171 
ILE C   OXT  sing N N 172 
ILE CB  CG1  sing N N 173 
ILE CB  CG2  sing N N 174 
ILE CB  HB   sing N N 175 
ILE CG1 CD1  sing N N 176 
ILE CG1 HG12 sing N N 177 
ILE CG1 HG13 sing N N 178 
ILE CG2 HG21 sing N N 179 
ILE CG2 HG22 sing N N 180 
ILE CG2 HG23 sing N N 181 
ILE CD1 HD11 sing N N 182 
ILE CD1 HD12 sing N N 183 
ILE CD1 HD13 sing N N 184 
ILE OXT HXT  sing N N 185 
LEU N   CA   sing N N 186 
LEU N   H    sing N N 187 
LEU N   H2   sing N N 188 
LEU CA  C    sing N N 189 
LEU CA  CB   sing N N 190 
LEU CA  HA   sing N N 191 
LEU C   O    doub N N 192 
LEU C   OXT  sing N N 193 
LEU CB  CG   sing N N 194 
LEU CB  HB2  sing N N 195 
LEU CB  HB3  sing N N 196 
LEU CG  CD1  sing N N 197 
LEU CG  CD2  sing N N 198 
LEU CG  HG   sing N N 199 
LEU CD1 HD11 sing N N 200 
LEU CD1 HD12 sing N N 201 
LEU CD1 HD13 sing N N 202 
LEU CD2 HD21 sing N N 203 
LEU CD2 HD22 sing N N 204 
LEU CD2 HD23 sing N N 205 
LEU OXT HXT  sing N N 206 
LYS N   CA   sing N N 207 
LYS N   H    sing N N 208 
LYS N   H2   sing N N 209 
LYS CA  C    sing N N 210 
LYS CA  CB   sing N N 211 
LYS CA  HA   sing N N 212 
LYS C   O    doub N N 213 
LYS C   OXT  sing N N 214 
LYS CB  CG   sing N N 215 
LYS CB  HB2  sing N N 216 
LYS CB  HB3  sing N N 217 
LYS CG  CD   sing N N 218 
LYS CG  HG2  sing N N 219 
LYS CG  HG3  sing N N 220 
LYS CD  CE   sing N N 221 
LYS CD  HD2  sing N N 222 
LYS CD  HD3  sing N N 223 
LYS CE  NZ   sing N N 224 
LYS CE  HE2  sing N N 225 
LYS CE  HE3  sing N N 226 
LYS NZ  HZ1  sing N N 227 
LYS NZ  HZ2  sing N N 228 
LYS NZ  HZ3  sing N N 229 
LYS OXT HXT  sing N N 230 
MET N   CA   sing N N 231 
MET N   H    sing N N 232 
MET N   H2   sing N N 233 
MET CA  C    sing N N 234 
MET CA  CB   sing N N 235 
MET CA  HA   sing N N 236 
MET C   O    doub N N 237 
MET C   OXT  sing N N 238 
MET CB  CG   sing N N 239 
MET CB  HB2  sing N N 240 
MET CB  HB3  sing N N 241 
MET CG  SD   sing N N 242 
MET CG  HG2  sing N N 243 
MET CG  HG3  sing N N 244 
MET SD  CE   sing N N 245 
MET CE  HE1  sing N N 246 
MET CE  HE2  sing N N 247 
MET CE  HE3  sing N N 248 
MET OXT HXT  sing N N 249 
PHE N   CA   sing N N 250 
PHE N   H    sing N N 251 
PHE N   H2   sing N N 252 
PHE CA  C    sing N N 253 
PHE CA  CB   sing N N 254 
PHE CA  HA   sing N N 255 
PHE C   O    doub N N 256 
PHE C   OXT  sing N N 257 
PHE CB  CG   sing N N 258 
PHE CB  HB2  sing N N 259 
PHE CB  HB3  sing N N 260 
PHE CG  CD1  doub Y N 261 
PHE CG  CD2  sing Y N 262 
PHE CD1 CE1  sing Y N 263 
PHE CD1 HD1  sing N N 264 
PHE CD2 CE2  doub Y N 265 
PHE CD2 HD2  sing N N 266 
PHE CE1 CZ   doub Y N 267 
PHE CE1 HE1  sing N N 268 
PHE CE2 CZ   sing Y N 269 
PHE CE2 HE2  sing N N 270 
PHE CZ  HZ   sing N N 271 
PHE OXT HXT  sing N N 272 
PRO N   CA   sing N N 273 
PRO N   CD   sing N N 274 
PRO N   H    sing N N 275 
PRO CA  C    sing N N 276 
PRO CA  CB   sing N N 277 
PRO CA  HA   sing N N 278 
PRO C   O    doub N N 279 
PRO C   OXT  sing N N 280 
PRO CB  CG   sing N N 281 
PRO CB  HB2  sing N N 282 
PRO CB  HB3  sing N N 283 
PRO CG  CD   sing N N 284 
PRO CG  HG2  sing N N 285 
PRO CG  HG3  sing N N 286 
PRO CD  HD2  sing N N 287 
PRO CD  HD3  sing N N 288 
PRO OXT HXT  sing N N 289 
SER N   CA   sing N N 290 
SER N   H    sing N N 291 
SER N   H2   sing N N 292 
SER CA  C    sing N N 293 
SER CA  CB   sing N N 294 
SER CA  HA   sing N N 295 
SER C   O    doub N N 296 
SER C   OXT  sing N N 297 
SER CB  OG   sing N N 298 
SER CB  HB2  sing N N 299 
SER CB  HB3  sing N N 300 
SER OG  HG   sing N N 301 
SER OXT HXT  sing N N 302 
THR N   CA   sing N N 303 
THR N   H    sing N N 304 
THR N   H2   sing N N 305 
THR CA  C    sing N N 306 
THR CA  CB   sing N N 307 
THR CA  HA   sing N N 308 
THR C   O    doub N N 309 
THR C   OXT  sing N N 310 
THR CB  OG1  sing N N 311 
THR CB  CG2  sing N N 312 
THR CB  HB   sing N N 313 
THR OG1 HG1  sing N N 314 
THR CG2 HG21 sing N N 315 
THR CG2 HG22 sing N N 316 
THR CG2 HG23 sing N N 317 
THR OXT HXT  sing N N 318 
TRP N   CA   sing N N 319 
TRP N   H    sing N N 320 
TRP N   H2   sing N N 321 
TRP CA  C    sing N N 322 
TRP CA  CB   sing N N 323 
TRP CA  HA   sing N N 324 
TRP C   O    doub N N 325 
TRP C   OXT  sing N N 326 
TRP CB  CG   sing N N 327 
TRP CB  HB2  sing N N 328 
TRP CB  HB3  sing N N 329 
TRP CG  CD1  doub Y N 330 
TRP CG  CD2  sing Y N 331 
TRP CD1 NE1  sing Y N 332 
TRP CD1 HD1  sing N N 333 
TRP CD2 CE2  doub Y N 334 
TRP CD2 CE3  sing Y N 335 
TRP NE1 CE2  sing Y N 336 
TRP NE1 HE1  sing N N 337 
TRP CE2 CZ2  sing Y N 338 
TRP CE3 CZ3  doub Y N 339 
TRP CE3 HE3  sing N N 340 
TRP CZ2 CH2  doub Y N 341 
TRP CZ2 HZ2  sing N N 342 
TRP CZ3 CH2  sing Y N 343 
TRP CZ3 HZ3  sing N N 344 
TRP CH2 HH2  sing N N 345 
TRP OXT HXT  sing N N 346 
TYR N   CA   sing N N 347 
TYR N   H    sing N N 348 
TYR N   H2   sing N N 349 
TYR CA  C    sing N N 350 
TYR CA  CB   sing N N 351 
TYR CA  HA   sing N N 352 
TYR C   O    doub N N 353 
TYR C   OXT  sing N N 354 
TYR CB  CG   sing N N 355 
TYR CB  HB2  sing N N 356 
TYR CB  HB3  sing N N 357 
TYR CG  CD1  doub Y N 358 
TYR CG  CD2  sing Y N 359 
TYR CD1 CE1  sing Y N 360 
TYR CD1 HD1  sing N N 361 
TYR CD2 CE2  doub Y N 362 
TYR CD2 HD2  sing N N 363 
TYR CE1 CZ   doub Y N 364 
TYR CE1 HE1  sing N N 365 
TYR CE2 CZ   sing Y N 366 
TYR CE2 HE2  sing N N 367 
TYR CZ  OH   sing N N 368 
TYR OH  HH   sing N N 369 
TYR OXT HXT  sing N N 370 
VAL N   CA   sing N N 371 
VAL N   H    sing N N 372 
VAL N   H2   sing N N 373 
VAL CA  C    sing N N 374 
VAL CA  CB   sing N N 375 
VAL CA  HA   sing N N 376 
VAL C   O    doub N N 377 
VAL C   OXT  sing N N 378 
VAL CB  CG1  sing N N 379 
VAL CB  CG2  sing N N 380 
VAL CB  HB   sing N N 381 
VAL CG1 HG11 sing N N 382 
VAL CG1 HG12 sing N N 383 
VAL CG1 HG13 sing N N 384 
VAL CG2 HG21 sing N N 385 
VAL CG2 HG22 sing N N 386 
VAL CG2 HG23 sing N N 387 
VAL OXT HXT  sing N N 388 
# 
_atom_sites.entry_id                    3ZHL 
_atom_sites.fract_transf_matrix[1][1]   -0.01640166 
_atom_sites.fract_transf_matrix[1][2]   -0.01177270 
_atom_sites.fract_transf_matrix[1][3]   -0.00379773 
_atom_sites.fract_transf_matrix[2][1]   -0.01391591 
_atom_sites.fract_transf_matrix[2][2]   -0.00329559 
_atom_sites.fract_transf_matrix[2][3]   0.01474933 
_atom_sites.fract_transf_matrix[3][1]   -0.00624730 
_atom_sites.fract_transf_matrix[3][2]   0.00989212 
_atom_sites.fract_transf_matrix[3][3]   -0.00368400 
_atom_sites.fract_transf_vector[1]      -0.384751 
_atom_sites.fract_transf_vector[2]      0.355295 
_atom_sites.fract_transf_vector[3]      -0.043026 
# 
loop_
_atom_type.symbol 
C 
N 
O 
S 
# 
loop_
_atom_site.group_PDB 
_atom_site.id 
_atom_site.type_symbol 
_atom_site.label_atom_id 
_atom_site.label_alt_id 
_atom_site.label_comp_id 
_atom_site.label_asym_id 
_atom_site.label_entity_id 
_atom_site.label_seq_id 
_atom_site.pdbx_PDB_ins_code 
_atom_site.Cartn_x 
_atom_site.Cartn_y 
_atom_site.Cartn_z 
_atom_site.occupancy 
_atom_site.B_iso_or_equiv 
_atom_site.pdbx_formal_charge 
_atom_site.auth_seq_id 
_atom_site.auth_comp_id 
_atom_site.auth_asym_id 
_atom_site.auth_atom_id 
_atom_site.pdbx_PDB_model_num 
ATOM   1   N N   . GLU A 1 1   ? -10.092 -1.748  17.807  1.00 56.75 ? 1    GLU A N   1 
ATOM   2   C CA  . GLU A 1 1   ? -8.795  -1.542  18.441  1.00 59.29 ? 1    GLU A CA  1 
ATOM   3   C C   . GLU A 1 1   ? -7.648  -1.471  17.425  1.00 52.12 ? 1    GLU A C   1 
ATOM   4   O O   . GLU A 1 1   ? -6.796  -0.594  17.535  1.00 49.64 ? 1    GLU A O   1 
ATOM   5   C CB  . GLU A 1 1   ? -8.519  -2.627  19.484  1.00 63.17 ? 1    GLU A CB  1 
ATOM   6   C CG  . GLU A 1 1   ? -7.472  -2.231  20.512  1.00 64.83 ? 1    GLU A CG  1 
ATOM   7   C CD  . GLU A 1 1   ? -6.864  -3.435  21.206  1.00 74.98 ? 1    GLU A CD  1 
ATOM   8   O OE1 . GLU A 1 1   ? -5.852  -3.963  20.689  1.00 65.71 ? 1    GLU A OE1 1 
ATOM   9   O OE2 . GLU A 1 1   ? -7.400  -3.855  22.259  1.00 85.46 ? 1    GLU A OE2 1 
ATOM   10  N N   . VAL A 1 2   ? -7.612  -2.391  16.455  1.00 47.12 ? 2    VAL A N   1 
ATOM   11  C CA  . VAL A 1 2   ? -6.656  -2.287  15.343  1.00 40.28 ? 2    VAL A CA  1 
ATOM   12  C C   . VAL A 1 2   ? -7.006  -1.108  14.419  1.00 44.83 ? 2    VAL A C   1 
ATOM   13  O O   . VAL A 1 2   ? -8.120  -1.018  13.911  1.00 41.96 ? 2    VAL A O   1 
ATOM   14  C CB  . VAL A 1 2   ? -6.594  -3.578  14.500  1.00 42.43 ? 2    VAL A CB  1 
ATOM   15  C CG1 . VAL A 1 2   ? -5.718  -3.368  13.261  1.00 37.50 ? 2    VAL A CG1 1 
ATOM   16  C CG2 . VAL A 1 2   ? -6.060  -4.762  15.339  1.00 42.90 ? 2    VAL A CG2 1 
ATOM   17  N N   . GLN A 1 3   ? -6.053  -0.205  14.208  1.00 43.76 ? 3    GLN A N   1 
ATOM   18  C CA  . GLN A 1 3   ? -6.279  0.977   13.380  1.00 38.11 ? 3    GLN A CA  1 
ATOM   19  C C   . GLN A 1 3   ? -5.243  1.114   12.270  1.00 37.27 ? 3    GLN A C   1 
ATOM   20  O O   . GLN A 1 3   ? -4.043  1.001   12.509  1.00 38.74 ? 3    GLN A O   1 
ATOM   21  C CB  . GLN A 1 3   ? -6.221  2.238   14.236  1.00 44.80 ? 3    GLN A CB  1 
ATOM   22  C CG  . GLN A 1 3   ? -7.455  2.552   15.060  1.00 47.11 ? 3    GLN A CG  1 
ATOM   23  C CD  . GLN A 1 3   ? -7.350  3.926   15.717  1.00 57.99 ? 3    GLN A CD  1 
ATOM   24  O OE1 . GLN A 1 3   ? -6.477  4.162   16.566  1.00 54.89 ? 3    GLN A OE1 1 
ATOM   25  N NE2 . GLN A 1 3   ? -8.231  4.852   15.311  1.00 51.10 ? 3    GLN A NE2 1 
ATOM   26  N N   . LEU A 1 4   ? -5.708  1.379   11.056  1.00 39.73 ? 4    LEU A N   1 
ATOM   27  C CA  . LEU A 1 4   ? -4.816  1.631   9.930   1.00 38.79 ? 4    LEU A CA  1 
ATOM   28  C C   . LEU A 1 4   ? -5.282  2.889   9.210   1.00 40.23 ? 4    LEU A C   1 
ATOM   29  O O   . LEU A 1 4   ? -6.409  2.947   8.728   1.00 45.68 ? 4    LEU A O   1 
ATOM   30  C CB  . LEU A 1 4   ? -4.817  0.437   8.969   1.00 42.56 ? 4    LEU A CB  1 
ATOM   31  C CG  . LEU A 1 4   ? -4.220  -0.871  9.511   1.00 38.93 ? 4    LEU A CG  1 
ATOM   32  C CD1 . LEU A 1 4   ? -4.439  -2.041  8.550   1.00 32.69 ? 4    LEU A CD1 1 
ATOM   33  C CD2 . LEU A 1 4   ? -2.744  -0.678  9.788   1.00 36.41 ? 4    LEU A CD2 1 
ATOM   34  N N   . VAL A 1 5   ? -4.427  3.903   9.155   1.00 38.36 ? 5    VAL A N   1 
ATOM   35  C CA  . VAL A 1 5   ? -4.793  5.175   8.537   1.00 39.20 ? 5    VAL A CA  1 
ATOM   36  C C   . VAL A 1 5   ? -3.773  5.579   7.483   1.00 39.97 ? 5    VAL A C   1 
ATOM   37  O O   . VAL A 1 5   ? -2.630  5.894   7.822   1.00 43.96 ? 5    VAL A O   1 
ATOM   38  C CB  . VAL A 1 5   ? -4.876  6.309   9.582   1.00 41.65 ? 5    VAL A CB  1 
ATOM   39  C CG1 . VAL A 1 5   ? -5.127  7.653   8.903   1.00 44.27 ? 5    VAL A CG1 1 
ATOM   40  C CG2 . VAL A 1 5   ? -5.965  6.018   10.598  1.00 41.53 ? 5    VAL A CG2 1 
ATOM   41  N N   . GLU A 1 6   ? -4.166  5.574   6.211   1.00 37.47 ? 6    GLU A N   1 
ATOM   42  C CA  . GLU A 1 6   ? -3.208  5.947   5.172   1.00 40.80 ? 6    GLU A CA  1 
ATOM   43  C C   . GLU A 1 6   ? -3.286  7.406   4.739   1.00 44.34 ? 6    GLU A C   1 
ATOM   44  O O   . GLU A 1 6   ? -4.326  8.054   4.874   1.00 46.75 ? 6    GLU A O   1 
ATOM   45  C CB  . GLU A 1 6   ? -3.230  4.991   3.967   1.00 41.88 ? 6    GLU A CB  1 
ATOM   46  C CG  . GLU A 1 6   ? -4.540  4.837   3.248   1.00 42.57 ? 6    GLU A CG  1 
ATOM   47  C CD  . GLU A 1 6   ? -5.248  3.567   3.633   1.00 45.72 ? 6    GLU A CD  1 
ATOM   48  O OE1 . GLU A 1 6   ? -4.888  2.482   3.131   1.00 43.66 ? 6    GLU A OE1 1 
ATOM   49  O OE2 . GLU A 1 6   ? -6.176  3.654   4.453   1.00 55.48 ? 6    GLU A OE2 1 
ATOM   50  N N   . SER A 1 7   ? -2.159  7.911   4.236   1.00 45.54 ? 7    SER A N   1 
ATOM   51  C CA  . SER A 1 7   ? -2.037  9.292   3.774   1.00 43.95 ? 7    SER A CA  1 
ATOM   52  C C   . SER A 1 7   ? -1.289  9.323   2.449   1.00 48.17 ? 7    SER A C   1 
ATOM   53  O O   . SER A 1 7   ? -0.596  8.361   2.097   1.00 43.37 ? 7    SER A O   1 
ATOM   54  C CB  . SER A 1 7   ? -1.227  10.121  4.776   1.00 43.77 ? 7    SER A CB  1 
ATOM   55  O OG  . SER A 1 7   ? -1.772  10.056  6.081   1.00 57.17 ? 7    SER A OG  1 
ATOM   56  N N   . GLY A 1 8   ? -1.407  10.432  1.724   1.00 37.37 ? 8    GLY A N   1 
ATOM   57  C CA  . GLY A 1 8   ? -0.488  10.711  0.634   1.00 37.57 ? 8    GLY A CA  1 
ATOM   58  C C   . GLY A 1 8   ? -0.922  10.358  -0.779  1.00 42.23 ? 8    GLY A C   1 
ATOM   59  O O   . GLY A 1 8   ? -0.182  10.601  -1.738  1.00 44.50 ? 8    GLY A O   1 
ATOM   60  N N   . GLY A 1 9   ? -2.111  9.787   -0.931  1.00 38.33 ? 9    GLY A N   1 
ATOM   61  C CA  . GLY A 1 9   ? -2.602  9.486   -2.264  1.00 45.25 ? 9    GLY A CA  1 
ATOM   62  C C   . GLY A 1 9   ? -2.942  10.751  -3.040  1.00 48.85 ? 9    GLY A C   1 
ATOM   63  O O   . GLY A 1 9   ? -2.670  11.869  -2.596  1.00 48.82 ? 9    GLY A O   1 
ATOM   64  N N   . GLY A 1 10  ? -3.534  10.591  -4.214  1.00 41.53 ? 10   GLY A N   1 
ATOM   65  C CA  . GLY A 1 10  ? -4.030  11.756  -4.911  1.00 40.09 ? 10   GLY A CA  1 
ATOM   66  C C   . GLY A 1 10  ? -3.875  11.741  -6.411  1.00 43.34 ? 10   GLY A C   1 
ATOM   67  O O   . GLY A 1 10  ? -3.689  10.687  -7.035  1.00 38.35 ? 10   GLY A O   1 
ATOM   68  N N   . LEU A 1 11  ? -3.950  12.938  -6.985  1.00 36.85 ? 11   LEU A N   1 
ATOM   69  C CA  . LEU A 1 11  ? -3.915  13.109  -8.425  1.00 40.20 ? 11   LEU A CA  1 
ATOM   70  C C   . LEU A 1 11  ? -2.506  13.418  -8.877  1.00 40.02 ? 11   LEU A C   1 
ATOM   71  O O   . LEU A 1 11  ? -1.788  14.182  -8.235  1.00 45.05 ? 11   LEU A O   1 
ATOM   72  C CB  . LEU A 1 11  ? -4.837  14.249  -8.841  1.00 34.21 ? 11   LEU A CB  1 
ATOM   73  C CG  . LEU A 1 11  ? -4.791  14.595  -10.324 1.00 34.64 ? 11   LEU A CG  1 
ATOM   74  C CD1 . LEU A 1 11  ? -5.419  13.475  -11.137 1.00 35.16 ? 11   LEU A CD1 1 
ATOM   75  C CD2 . LEU A 1 11  ? -5.463  15.932  -10.595 1.00 28.82 ? 11   LEU A CD2 1 
ATOM   76  N N   . VAL A 1 12  ? -2.108  12.827  -9.992  1.00 37.57 ? 12   VAL A N   1 
ATOM   77  C CA  . VAL A 1 12  ? -0.773  13.042  -10.506 1.00 43.13 ? 12   VAL A CA  1 
ATOM   78  C C   . VAL A 1 12  ? -0.840  12.816  -12.005 1.00 43.74 ? 12   VAL A C   1 
ATOM   79  O O   . VAL A 1 12  ? -1.675  12.045  -12.486 1.00 43.50 ? 12   VAL A O   1 
ATOM   80  C CB  . VAL A 1 12  ? 0.256   12.089  -9.815  1.00 43.03 ? 12   VAL A CB  1 
ATOM   81  C CG1 . VAL A 1 12  ? 0.075   10.657  -10.282 1.00 43.68 ? 12   VAL A CG1 1 
ATOM   82  C CG2 . VAL A 1 12  ? 1.677   12.543  -10.056 1.00 45.71 ? 12   VAL A CG2 1 
ATOM   83  N N   . GLN A 1 13  ? 0.000   13.519  -12.754 1.00 48.35 ? 13   GLN A N   1 
ATOM   84  C CA  . GLN A 1 13  ? 0.053   13.312  -14.189 1.00 48.24 ? 13   GLN A CA  1 
ATOM   85  C C   . GLN A 1 13  ? 0.923   12.095  -14.451 1.00 48.56 ? 13   GLN A C   1 
ATOM   86  O O   . GLN A 1 13  ? 1.658   11.661  -13.555 1.00 46.62 ? 13   GLN A O   1 
ATOM   87  C CB  . GLN A 1 13  ? 0.564   14.570  -14.895 1.00 54.09 ? 13   GLN A CB  1 
ATOM   88  C CG  . GLN A 1 13  ? -0.576  15.528  -15.278 1.00 62.75 ? 13   GLN A CG  1 
ATOM   89  C CD  . GLN A 1 13  ? -0.096  16.816  -15.929 1.00 68.33 ? 13   GLN A CD  1 
ATOM   90  O OE1 . GLN A 1 13  ? 0.863   17.440  -15.468 1.00 74.75 ? 13   GLN A OE1 1 
ATOM   91  N NE2 . GLN A 1 13  ? -0.766  17.221  -17.009 1.00 60.38 ? 13   GLN A NE2 1 
ATOM   92  N N   . PRO A 1 14  ? 0.817   11.504  -15.653 1.00 49.68 ? 14   PRO A N   1 
ATOM   93  C CA  . PRO A 1 14  ? 1.628   10.305  -15.916 1.00 48.81 ? 14   PRO A CA  1 
ATOM   94  C C   . PRO A 1 14  ? 3.120   10.616  -15.844 1.00 48.76 ? 14   PRO A C   1 
ATOM   95  O O   . PRO A 1 14  ? 3.534   11.707  -16.232 1.00 55.27 ? 14   PRO A O   1 
ATOM   96  C CB  . PRO A 1 14  ? 1.225   9.917   -17.344 1.00 51.05 ? 14   PRO A CB  1 
ATOM   97  C CG  . PRO A 1 14  ? -0.143  10.517  -17.525 1.00 40.61 ? 14   PRO A CG  1 
ATOM   98  C CD  . PRO A 1 14  ? -0.119  11.796  -16.753 1.00 40.28 ? 14   PRO A CD  1 
ATOM   99  N N   . GLY A 1 15  ? 3.913   9.678   -15.340 1.00 52.33 ? 15   GLY A N   1 
ATOM   100 C CA  . GLY A 1 15  ? 5.338   9.897   -15.163 1.00 47.42 ? 15   GLY A CA  1 
ATOM   101 C C   . GLY A 1 15  ? 5.654   10.555  -13.831 1.00 45.15 ? 15   GLY A C   1 
ATOM   102 O O   . GLY A 1 15  ? 6.820   10.671  -13.453 1.00 44.65 ? 15   GLY A O   1 
ATOM   103 N N   . GLY A 1 16  ? 4.615   10.994  -13.123 1.00 41.55 ? 16   GLY A N   1 
ATOM   104 C CA  . GLY A 1 16  ? 4.772   11.578  -11.800 1.00 39.18 ? 16   GLY A CA  1 
ATOM   105 C C   . GLY A 1 16  ? 5.041   10.545  -10.713 1.00 47.62 ? 16   GLY A C   1 
ATOM   106 O O   . GLY A 1 16  ? 5.200   9.351   -10.978 1.00 38.10 ? 16   GLY A O   1 
ATOM   107 N N   . SER A 1 17  ? 5.096   11.013  -9.473  1.00 47.07 ? 17   SER A N   1 
ATOM   108 C CA  . SER A 1 17  ? 5.369   10.133  -8.355  1.00 37.94 ? 17   SER A CA  1 
ATOM   109 C C   . SER A 1 17  ? 4.560   10.532  -7.132  1.00 40.93 ? 17   SER A C   1 
ATOM   110 O O   . SER A 1 17  ? 4.192   11.697  -6.965  1.00 42.03 ? 17   SER A O   1 
ATOM   111 C CB  . SER A 1 17  ? 6.863   10.135  -8.026  1.00 49.53 ? 17   SER A CB  1 
ATOM   112 O OG  . SER A 1 17  ? 7.236   11.325  -7.356  1.00 48.12 ? 17   SER A OG  1 
ATOM   113 N N   . LEU A 1 18  ? 4.282   9.551   -6.282  1.00 42.13 ? 18   LEU A N   1 
ATOM   114 C CA  . LEU A 1 18  ? 3.456   9.744   -5.096  1.00 42.55 ? 18   LEU A CA  1 
ATOM   115 C C   . LEU A 1 18  ? 4.083   8.898   -4.007  1.00 41.61 ? 18   LEU A C   1 
ATOM   116 O O   . LEU A 1 18  ? 4.779   7.928   -4.299  1.00 43.14 ? 18   LEU A O   1 
ATOM   117 C CB  . LEU A 1 18  ? 2.033   9.239   -5.360  1.00 40.34 ? 18   LEU A CB  1 
ATOM   118 C CG  . LEU A 1 18  ? 0.770   10.112  -5.408  1.00 48.35 ? 18   LEU A CG  1 
ATOM   119 C CD1 . LEU A 1 18  ? 1.036   11.611  -5.492  1.00 42.59 ? 18   LEU A CD1 1 
ATOM   120 C CD2 . LEU A 1 18  ? -0.092  9.670   -6.581  1.00 49.00 ? 18   LEU A CD2 1 
ATOM   121 N N   . ARG A 1 19  ? 3.836   9.254   -2.753  1.00 36.59 ? 19   ARG A N   1 
ATOM   122 C CA  . ARG A 1 19  ? 4.276   8.434   -1.650  1.00 39.69 ? 19   ARG A CA  1 
ATOM   123 C C   . ARG A 1 19  ? 3.127   8.223   -0.680  1.00 43.73 ? 19   ARG A C   1 
ATOM   124 O O   . ARG A 1 19  ? 2.572   9.183   -0.149  1.00 42.27 ? 19   ARG A O   1 
ATOM   125 C CB  . ARG A 1 19  ? 5.458   9.077   -0.927  1.00 46.34 ? 19   ARG A CB  1 
ATOM   126 C CG  . ARG A 1 19  ? 6.056   8.197   0.171   1.00 46.04 ? 19   ARG A CG  1 
ATOM   127 C CD  . ARG A 1 19  ? 7.138   8.953   0.922   1.00 52.91 ? 19   ARG A CD  1 
ATOM   128 N NE  . ARG A 1 19  ? 7.711   8.185   2.023   1.00 49.51 ? 19   ARG A NE  1 
ATOM   129 C CZ  . ARG A 1 19  ? 8.793   7.418   1.918   1.00 54.44 ? 19   ARG A CZ  1 
ATOM   130 N NH1 . ARG A 1 19  ? 9.422   7.299   0.753   1.00 50.79 ? 19   ARG A NH1 1 
ATOM   131 N NH2 . ARG A 1 19  ? 9.246   6.763   2.981   1.00 54.94 ? 19   ARG A NH2 1 
ATOM   132 N N   . LEU A 1 20  ? 2.772   6.959   -0.456  1.00 41.13 ? 20   LEU A N   1 
ATOM   133 C CA  . LEU A 1 20  ? 1.726   6.617   0.498   1.00 39.22 ? 20   LEU A CA  1 
ATOM   134 C C   . LEU A 1 20  ? 2.369   6.263   1.819   1.00 33.68 ? 20   LEU A C   1 
ATOM   135 O O   . LEU A 1 20  ? 3.452   5.702   1.851   1.00 41.41 ? 20   LEU A O   1 
ATOM   136 C CB  . LEU A 1 20  ? 0.897   5.429   0.014   1.00 34.91 ? 20   LEU A CB  1 
ATOM   137 C CG  . LEU A 1 20  ? 0.489   5.407   -1.455  1.00 37.00 ? 20   LEU A CG  1 
ATOM   138 C CD1 . LEU A 1 20  ? -0.266  4.116   -1.750  1.00 31.87 ? 20   LEU A CD1 1 
ATOM   139 C CD2 . LEU A 1 20  ? -0.348  6.629   -1.789  1.00 39.51 ? 20   LEU A CD2 1 
ATOM   140 N N   . SER A 1 21  ? 1.693   6.606   2.905   1.00 35.22 ? 21   SER A N   1 
ATOM   141 C CA  . SER A 1 21  ? 2.149   6.287   4.241   1.00 34.04 ? 21   SER A CA  1 
ATOM   142 C C   . SER A 1 21  ? 0.975   5.598   4.876   1.00 38.46 ? 21   SER A C   1 
ATOM   143 O O   . SER A 1 21  ? -0.158  5.799   4.454   1.00 31.36 ? 21   SER A O   1 
ATOM   144 C CB  . SER A 1 21  ? 2.470   7.551   5.038   1.00 38.23 ? 21   SER A CB  1 
ATOM   145 O OG  . SER A 1 21  ? 3.348   8.400   4.320   1.00 51.12 ? 21   SER A OG  1 
ATOM   146 N N   . CYS A 1 22  ? 1.248   4.775   5.878   1.00 35.59 ? 22   CYS A N   1 
ATOM   147 C CA  . CYS A 1 22  ? 0.196   4.142   6.639   1.00 36.09 ? 22   CYS A CA  1 
ATOM   148 C C   . CYS A 1 22  ? 0.623   4.096   8.088   1.00 39.93 ? 22   CYS A C   1 
ATOM   149 O O   . CYS A 1 22  ? 1.697   3.594   8.402   1.00 44.36 ? 22   CYS A O   1 
ATOM   150 C CB  . CYS A 1 22  ? -0.049  2.724   6.136   1.00 39.38 ? 22   CYS A CB  1 
ATOM   151 S SG  . CYS A 1 22  ? -1.333  1.872   7.067   1.00 41.93 ? 22   CYS A SG  1 
ATOM   152 N N   . ALA A 1 23  ? -0.212  4.624   8.973   1.00 42.33 ? 23   ALA A N   1 
ATOM   153 C CA  . ALA A 1 23  ? 0.071   4.573   10.402  1.00 44.07 ? 23   ALA A CA  1 
ATOM   154 C C   . ALA A 1 23  ? -0.767  3.491   11.064  1.00 40.30 ? 23   ALA A C   1 
ATOM   155 O O   . ALA A 1 23  ? -1.956  3.346   10.764  1.00 39.58 ? 23   ALA A O   1 
ATOM   156 C CB  . ALA A 1 23  ? -0.203  5.931   11.051  1.00 43.79 ? 23   ALA A CB  1 
ATOM   157 N N   . ALA A 1 24  ? -0.156  2.739   11.974  1.00 35.24 ? 24   ALA A N   1 
ATOM   158 C CA  . ALA A 1 24  ? -0.867  1.652   12.629  1.00 34.02 ? 24   ALA A CA  1 
ATOM   159 C C   . ALA A 1 24  ? -0.896  1.776   14.144  1.00 38.87 ? 24   ALA A C   1 
ATOM   160 O O   . ALA A 1 24  ? -0.021  2.396   14.749  1.00 46.54 ? 24   ALA A O   1 
ATOM   161 C CB  . ALA A 1 24  ? -0.265  0.312   12.229  1.00 35.11 ? 24   ALA A CB  1 
ATOM   162 N N   . SER A 1 25  ? -1.917  1.179   14.749  1.00 38.34 ? 25   SER A N   1 
ATOM   163 C CA  . SER A 1 25  ? -1.939  0.960   16.186  1.00 36.39 ? 25   SER A CA  1 
ATOM   164 C C   . SER A 1 25  ? -2.912  -0.166  16.478  1.00 35.12 ? 25   SER A C   1 
ATOM   165 O O   . SER A 1 25  ? -3.641  -0.607  15.587  1.00 35.18 ? 25   SER A O   1 
ATOM   166 C CB  . SER A 1 25  ? -2.339  2.230   16.938  1.00 42.85 ? 25   SER A CB  1 
ATOM   167 O OG  . SER A 1 25  ? -3.709  2.534   16.742  1.00 46.44 ? 25   SER A OG  1 
ATOM   168 N N   . GLY A 1 26  ? -2.912  -0.647  17.719  1.00 36.61 ? 26   GLY A N   1 
ATOM   169 C CA  . GLY A 1 26  ? -3.830  -1.699  18.136  1.00 40.89 ? 26   GLY A CA  1 
ATOM   170 C C   . GLY A 1 26  ? -3.281  -3.117  18.053  1.00 39.76 ? 26   GLY A C   1 
ATOM   171 O O   . GLY A 1 26  ? -4.006  -4.084  18.297  1.00 39.47 ? 26   GLY A O   1 
ATOM   172 N N   . PHE A 1 27  ? -2.005  -3.235  17.693  1.00 36.38 ? 27   PHE A N   1 
ATOM   173 C CA  . PHE A 1 27  ? -1.314  -4.519  17.614  1.00 35.34 ? 27   PHE A CA  1 
ATOM   174 C C   . PHE A 1 27  ? 0.188   -4.283  17.590  1.00 38.05 ? 27   PHE A C   1 
ATOM   175 O O   . PHE A 1 27  ? 0.642   -3.146  17.468  1.00 39.01 ? 27   PHE A O   1 
ATOM   176 C CB  . PHE A 1 27  ? -1.744  -5.316  16.365  1.00 39.57 ? 27   PHE A CB  1 
ATOM   177 C CG  . PHE A 1 27  ? -1.438  -4.629  15.055  1.00 40.00 ? 27   PHE A CG  1 
ATOM   178 C CD1 . PHE A 1 27  ? -2.286  -3.657  14.548  1.00 40.56 ? 27   PHE A CD1 1 
ATOM   179 C CD2 . PHE A 1 27  ? -0.305  -4.952  14.333  1.00 38.56 ? 27   PHE A CD2 1 
ATOM   180 C CE1 . PHE A 1 27  ? -2.007  -3.022  13.349  1.00 36.86 ? 27   PHE A CE1 1 
ATOM   181 C CE2 . PHE A 1 27  ? -0.025  -4.322  13.134  1.00 36.63 ? 27   PHE A CE2 1 
ATOM   182 C CZ  . PHE A 1 27  ? -0.877  -3.360  12.641  1.00 35.68 ? 27   PHE A CZ  1 
ATOM   183 N N   . THR A 1 28  ? 0.950   -5.366  17.705  1.00 40.83 ? 28   THR A N   1 
ATOM   184 C CA  . THR A 1 28  ? 2.406   -5.316  17.687  1.00 41.04 ? 28   THR A CA  1 
ATOM   185 C C   . THR A 1 28  ? 2.892   -5.290  16.248  1.00 40.86 ? 28   THR A C   1 
ATOM   186 O O   . THR A 1 28  ? 2.913   -6.317  15.562  1.00 42.30 ? 28   THR A O   1 
ATOM   187 C CB  . THR A 1 28  ? 3.007   -6.550  18.378  1.00 44.39 ? 28   THR A CB  1 
ATOM   188 O OG1 . THR A 1 28  ? 2.322   -6.782  19.615  1.00 47.62 ? 28   THR A OG1 1 
ATOM   189 C CG2 . THR A 1 28  ? 4.508   -6.354  18.629  1.00 39.01 ? 28   THR A CG2 1 
ATOM   190 N N   . PHE A 1 29  ? 3.301   -4.110  15.811  1.00 41.61 ? 29   PHE A N   1 
ATOM   191 C CA  . PHE A 1 29  ? 3.534   -3.828  14.399  1.00 43.73 ? 29   PHE A CA  1 
ATOM   192 C C   . PHE A 1 29  ? 4.430   -4.848  13.709  1.00 45.76 ? 29   PHE A C   1 
ATOM   193 O O   . PHE A 1 29  ? 4.079   -5.383  12.651  1.00 39.97 ? 29   PHE A O   1 
ATOM   194 C CB  . PHE A 1 29  ? 4.137   -2.435  14.240  1.00 38.64 ? 29   PHE A CB  1 
ATOM   195 C CG  . PHE A 1 29  ? 4.189   -1.959  12.825  1.00 39.46 ? 29   PHE A CG  1 
ATOM   196 C CD1 . PHE A 1 29  ? 3.042   -1.953  12.044  1.00 32.89 ? 29   PHE A CD1 1 
ATOM   197 C CD2 . PHE A 1 29  ? 5.377   -1.492  12.279  1.00 40.70 ? 29   PHE A CD2 1 
ATOM   198 C CE1 . PHE A 1 29  ? 3.078   -1.502  10.737  1.00 34.42 ? 29   PHE A CE1 1 
ATOM   199 C CE2 . PHE A 1 29  ? 5.419   -1.025  10.970  1.00 37.09 ? 29   PHE A CE2 1 
ATOM   200 C CZ  . PHE A 1 29  ? 4.266   -1.028  10.199  1.00 32.93 ? 29   PHE A CZ  1 
ATOM   201 N N   . SER A 1 30  ? 5.576   -5.123  14.323  1.00 42.27 ? 30   SER A N   1 
ATOM   202 C CA  . SER A 1 30  ? 6.617   -5.889  13.657  1.00 41.77 ? 30   SER A CA  1 
ATOM   203 C C   . SER A 1 30  ? 6.339   -7.394  13.633  1.00 42.67 ? 30   SER A C   1 
ATOM   204 O O   . SER A 1 30  ? 7.117   -8.158  13.062  1.00 48.90 ? 30   SER A O   1 
ATOM   205 C CB  . SER A 1 30  ? 7.989   -5.591  14.280  1.00 46.22 ? 30   SER A CB  1 
ATOM   206 O OG  . SER A 1 30  ? 7.991   -5.820  15.678  1.00 44.55 ? 30   SER A OG  1 
ATOM   207 N N   . SER A 1 31  ? 5.231   -7.810  14.241  1.00 41.57 ? 31   SER A N   1 
ATOM   208 C CA  . SER A 1 31  ? 4.853   -9.224  14.280  1.00 42.48 ? 31   SER A CA  1 
ATOM   209 C C   . SER A 1 31  ? 3.910   -9.598  13.129  1.00 44.77 ? 31   SER A C   1 
ATOM   210 O O   . SER A 1 31  ? 3.362   -10.708 13.091  1.00 39.50 ? 31   SER A O   1 
ATOM   211 C CB  . SER A 1 31  ? 4.197   -9.557  15.620  1.00 37.75 ? 31   SER A CB  1 
ATOM   212 O OG  . SER A 1 31  ? 5.125   -9.397  16.679  1.00 43.66 ? 31   SER A OG  1 
ATOM   213 N N   . TYR A 1 32  ? 3.721   -8.669  12.195  1.00 38.67 ? 32   TYR A N   1 
ATOM   214 C CA  . TYR A 1 32  ? 2.870   -8.918  11.039  1.00 37.08 ? 32   TYR A CA  1 
ATOM   215 C C   . TYR A 1 32  ? 3.522   -8.482  9.729   1.00 39.15 ? 32   TYR A C   1 
ATOM   216 O O   . TYR A 1 32  ? 4.130   -7.402  9.639   1.00 34.63 ? 32   TYR A O   1 
ATOM   217 C CB  . TYR A 1 32  ? 1.519   -8.211  11.198  1.00 38.18 ? 32   TYR A CB  1 
ATOM   218 C CG  . TYR A 1 32  ? 0.667   -8.763  12.321  1.00 42.43 ? 32   TYR A CG  1 
ATOM   219 C CD1 . TYR A 1 32  ? -0.187  -9.844  12.109  1.00 36.94 ? 32   TYR A CD1 1 
ATOM   220 C CD2 . TYR A 1 32  ? 0.721   -8.208  13.602  1.00 41.69 ? 32   TYR A CD2 1 
ATOM   221 C CE1 . TYR A 1 32  ? -0.962  -10.356 13.142  1.00 36.59 ? 32   TYR A CE1 1 
ATOM   222 C CE2 . TYR A 1 32  ? -0.053  -8.712  14.641  1.00 36.78 ? 32   TYR A CE2 1 
ATOM   223 C CZ  . TYR A 1 32  ? -0.891  -9.784  14.406  1.00 40.06 ? 32   TYR A CZ  1 
ATOM   224 O OH  . TYR A 1 32  ? -1.665  -10.286 15.432  1.00 43.83 ? 32   TYR A OH  1 
ATOM   225 N N   . ALA A 1 33  ? 3.403   -9.329  8.710   1.00 38.67 ? 33   ALA A N   1 
ATOM   226 C CA  . ALA A 1 33  ? 3.717   -8.888  7.360   1.00 35.71 ? 33   ALA A CA  1 
ATOM   227 C C   . ALA A 1 33  ? 2.695   -7.822  7.030   1.00 32.38 ? 33   ALA A C   1 
ATOM   228 O O   . ALA A 1 33  ? 1.519   -7.961  7.370   1.00 31.35 ? 33   ALA A O   1 
ATOM   229 C CB  . ALA A 1 33  ? 3.627   -10.043 6.372   1.00 29.42 ? 33   ALA A CB  1 
ATOM   230 N N   . MET A 1 34  ? 3.153   -6.743  6.408   1.00 35.53 ? 34   MET A N   1 
ATOM   231 C CA  . MET A 1 34  ? 2.282   -5.640  6.008   1.00 30.86 ? 34   MET A CA  1 
ATOM   232 C C   . MET A 1 34  ? 2.352   -5.506  4.494   1.00 32.63 ? 34   MET A C   1 
ATOM   233 O O   . MET A 1 34  ? 3.332   -5.917  3.877   1.00 34.38 ? 34   MET A O   1 
ATOM   234 C CB  . MET A 1 34  ? 2.722   -4.320  6.655   1.00 25.34 ? 34   MET A CB  1 
ATOM   235 C CG  . MET A 1 34  ? 2.648   -4.253  8.184   1.00 23.58 ? 34   MET A CG  1 
ATOM   236 S SD  . MET A 1 34  ? 1.003   -4.315  8.913   1.00 34.48 ? 34   MET A SD  1 
ATOM   237 C CE  . MET A 1 34  ? 0.179   -3.015  7.991   1.00 30.61 ? 34   MET A CE  1 
ATOM   238 N N   . GLY A 1 35  ? 1.317   -4.935  3.890   1.00 31.65 ? 35   GLY A N   1 
ATOM   239 C CA  . GLY A 1 35  ? 1.315   -4.764  2.456   1.00 31.25 ? 35   GLY A CA  1 
ATOM   240 C C   . GLY A 1 35  ? 0.290   -3.771  1.953   1.00 37.18 ? 35   GLY A C   1 
ATOM   241 O O   . GLY A 1 35  ? -0.483  -3.194  2.725   1.00 33.74 ? 35   GLY A O   1 
ATOM   242 N N   . TRP A 1 36  ? 0.290   -3.591  0.637   1.00 34.37 ? 36   TRP A N   1 
ATOM   243 C CA  . TRP A 1 36  ? -0.594  -2.658  -0.023  1.00 31.34 ? 36   TRP A CA  1 
ATOM   244 C C   . TRP A 1 36  ? -1.483  -3.393  -1.023  1.00 31.24 ? 36   TRP A C   1 
ATOM   245 O O   . TRP A 1 36  ? -0.995  -4.121  -1.879  1.00 32.57 ? 36   TRP A O   1 
ATOM   246 C CB  . TRP A 1 36  ? 0.234   -1.585  -0.733  1.00 32.95 ? 36   TRP A CB  1 
ATOM   247 C CG  . TRP A 1 36  ? 0.993   -0.688  0.202   1.00 35.28 ? 36   TRP A CG  1 
ATOM   248 C CD1 . TRP A 1 36  ? 2.302   -0.815  0.584   1.00 35.30 ? 36   TRP A CD1 1 
ATOM   249 C CD2 . TRP A 1 36  ? 0.491   0.477   0.876   1.00 35.59 ? 36   TRP A CD2 1 
ATOM   250 N NE1 . TRP A 1 36  ? 2.643   0.196   1.452   1.00 36.88 ? 36   TRP A NE1 1 
ATOM   251 C CE2 . TRP A 1 36  ? 1.549   1.005   1.644   1.00 34.09 ? 36   TRP A CE2 1 
ATOM   252 C CE3 . TRP A 1 36  ? -0.749  1.129   0.897   1.00 36.63 ? 36   TRP A CE3 1 
ATOM   253 C CZ2 . TRP A 1 36  ? 1.407   2.146   2.428   1.00 29.75 ? 36   TRP A CZ2 1 
ATOM   254 C CZ3 . TRP A 1 36  ? -0.886  2.271   1.679   1.00 38.04 ? 36   TRP A CZ3 1 
ATOM   255 C CH2 . TRP A 1 36  ? 0.185   2.763   2.434   1.00 37.33 ? 36   TRP A CH2 1 
ATOM   256 N N   . VAL A 1 37  ? -2.792  -3.210  -0.896  1.00 32.35 ? 37   VAL A N   1 
ATOM   257 C CA  . VAL A 1 37  ? -3.756  -3.786  -1.828  1.00 32.11 ? 37   VAL A CA  1 
ATOM   258 C C   . VAL A 1 37  ? -4.207  -2.698  -2.801  1.00 39.66 ? 37   VAL A C   1 
ATOM   259 O O   . VAL A 1 37  ? -4.407  -1.553  -2.400  1.00 39.74 ? 37   VAL A O   1 
ATOM   260 C CB  . VAL A 1 37  ? -5.001  -4.295  -1.081  1.00 32.64 ? 37   VAL A CB  1 
ATOM   261 C CG1 . VAL A 1 37  ? -5.982  -4.918  -2.038  1.00 33.29 ? 37   VAL A CG1 1 
ATOM   262 C CG2 . VAL A 1 37  ? -4.602  -5.294  -0.004  1.00 34.38 ? 37   VAL A CG2 1 
ATOM   263 N N   . ARG A 1 38  ? -4.361  -3.025  -4.079  1.00 37.78 ? 38   ARG A N   1 
ATOM   264 C CA  . ARG A 1 38  ? -4.995  -2.062  -4.966  1.00 39.88 ? 38   ARG A CA  1 
ATOM   265 C C   . ARG A 1 38  ? -6.315  -2.563  -5.552  1.00 35.61 ? 38   ARG A C   1 
ATOM   266 O O   . ARG A 1 38  ? -6.492  -3.743  -5.827  1.00 33.47 ? 38   ARG A O   1 
ATOM   267 C CB  . ARG A 1 38  ? -4.035  -1.568  -6.054  1.00 39.50 ? 38   ARG A CB  1 
ATOM   268 C CG  . ARG A 1 38  ? -3.844  -2.489  -7.230  1.00 43.55 ? 38   ARG A CG  1 
ATOM   269 C CD  . ARG A 1 38  ? -3.036  -1.761  -8.293  1.00 43.29 ? 38   ARG A CD  1 
ATOM   270 N NE  . ARG A 1 38  ? -2.341  -2.675  -9.199  1.00 42.52 ? 38   ARG A NE  1 
ATOM   271 C CZ  . ARG A 1 38  ? -1.365  -2.301  -10.019 1.00 44.86 ? 38   ARG A CZ  1 
ATOM   272 N NH1 . ARG A 1 38  ? -0.949  -1.031  -10.052 1.00 46.57 ? 38   ARG A NH1 1 
ATOM   273 N NH2 . ARG A 1 38  ? -0.800  -3.199  -10.805 1.00 47.03 ? 38   ARG A NH2 1 
ATOM   274 N N   . GLN A 1 39  ? -7.258  -1.649  -5.716  1.00 44.98 ? 39   GLN A N   1 
ATOM   275 C CA  . GLN A 1 39  ? -8.522  -1.996  -6.342  1.00 41.96 ? 39   GLN A CA  1 
ATOM   276 C C   . GLN A 1 39  ? -8.904  -0.970  -7.392  1.00 35.63 ? 39   GLN A C   1 
ATOM   277 O O   . GLN A 1 39  ? -9.188  0.185   -7.063  1.00 41.07 ? 39   GLN A O   1 
ATOM   278 C CB  . GLN A 1 39  ? -9.634  -2.127  -5.302  1.00 40.20 ? 39   GLN A CB  1 
ATOM   279 C CG  . GLN A 1 39  ? -10.951 -2.558  -5.904  1.00 38.97 ? 39   GLN A CG  1 
ATOM   280 C CD  . GLN A 1 39  ? -11.816 -3.293  -4.924  1.00 43.36 ? 39   GLN A CD  1 
ATOM   281 O OE1 . GLN A 1 39  ? -11.608 -3.203  -3.713  1.00 49.03 ? 39   GLN A OE1 1 
ATOM   282 N NE2 . GLN A 1 39  ? -12.788 -4.050  -5.437  1.00 40.20 ? 39   GLN A NE2 1 
ATOM   283 N N   . ALA A 1 40  ? -8.878  -1.394  -8.654  1.00 39.29 ? 40   ALA A N   1 
ATOM   284 C CA  . ALA A 1 40  ? -9.403  -0.600  -9.766  1.00 39.98 ? 40   ALA A CA  1 
ATOM   285 C C   . ALA A 1 40  ? -10.924 -0.677  -9.724  1.00 41.55 ? 40   ALA A C   1 
ATOM   286 O O   . ALA A 1 40  ? -11.479 -1.651  -9.219  1.00 46.29 ? 40   ALA A O   1 
ATOM   287 C CB  . ALA A 1 40  ? -8.869  -1.125  -11.090 1.00 37.63 ? 40   ALA A CB  1 
ATOM   288 N N   . PRO A 1 41  ? -11.609 0.348   -10.254 1.00 48.28 ? 41   PRO A N   1 
ATOM   289 C CA  . PRO A 1 41  ? -13.058 0.470   -10.045 1.00 42.76 ? 41   PRO A CA  1 
ATOM   290 C C   . PRO A 1 41  ? -13.900 -0.755  -10.444 1.00 47.46 ? 41   PRO A C   1 
ATOM   291 O O   . PRO A 1 41  ? -14.817 -1.118  -9.703  1.00 56.16 ? 41   PRO A O   1 
ATOM   292 C CB  . PRO A 1 41  ? -13.425 1.673   -10.905 1.00 46.33 ? 41   PRO A CB  1 
ATOM   293 C CG  . PRO A 1 41  ? -12.166 2.453   -11.027 1.00 39.55 ? 41   PRO A CG  1 
ATOM   294 C CD  . PRO A 1 41  ? -11.070 1.466   -11.052 1.00 45.11 ? 41   PRO A CD  1 
ATOM   295 N N   . GLY A 1 42  ? -13.610 -1.383  -11.577 1.00 37.09 ? 42   GLY A N   1 
ATOM   296 C CA  . GLY A 1 42  ? -14.448 -2.479  -12.028 1.00 40.56 ? 42   GLY A CA  1 
ATOM   297 C C   . GLY A 1 42  ? -13.880 -3.850  -11.715 1.00 57.68 ? 42   GLY A C   1 
ATOM   298 O O   . GLY A 1 42  ? -14.238 -4.848  -12.346 1.00 59.80 ? 42   GLY A O   1 
ATOM   299 N N   . LYS A 1 43  ? -12.988 -3.915  -10.734 1.00 51.03 ? 43   LYS A N   1 
ATOM   300 C CA  . LYS A 1 43  ? -12.197 -5.114  -10.554 1.00 44.38 ? 43   LYS A CA  1 
ATOM   301 C C   . LYS A 1 43  ? -12.061 -5.543  -9.087  1.00 47.06 ? 43   LYS A C   1 
ATOM   302 O O   . LYS A 1 43  ? -12.364 -4.775  -8.172  1.00 40.95 ? 43   LYS A O   1 
ATOM   303 C CB  . LYS A 1 43  ? -10.817 -4.899  -11.183 1.00 49.55 ? 43   LYS A CB  1 
ATOM   304 C CG  . LYS A 1 43  ? -10.844 -4.499  -12.666 1.00 49.25 ? 43   LYS A CG  1 
ATOM   305 C CD  . LYS A 1 43  ? -9.480  -3.977  -13.117 1.00 59.99 ? 43   LYS A CD  1 
ATOM   306 C CE  . LYS A 1 43  ? -8.338  -4.867  -12.584 1.00 63.46 ? 43   LYS A CE  1 
ATOM   307 N NZ  . LYS A 1 43  ? -6.974  -4.315  -12.853 1.00 62.32 ? 43   LYS A NZ  1 
ATOM   308 N N   . GLY A 1 44  ? -11.612 -6.781  -8.871  1.00 46.72 ? 44   GLY A N   1 
ATOM   309 C CA  . GLY A 1 44  ? -11.331 -7.263  -7.528  1.00 36.59 ? 44   GLY A CA  1 
ATOM   310 C C   . GLY A 1 44  ? -10.024 -6.689  -6.995  1.00 41.68 ? 44   GLY A C   1 
ATOM   311 O O   . GLY A 1 44  ? -9.205  -6.173  -7.757  1.00 40.45 ? 44   GLY A O   1 
ATOM   312 N N   . PRO A 1 45  ? -9.820  -6.772  -5.672  1.00 45.07 ? 45   PRO A N   1 
ATOM   313 C CA  . PRO A 1 45  ? -8.575  -6.275  -5.076  1.00 42.51 ? 45   PRO A CA  1 
ATOM   314 C C   . PRO A 1 45  ? -7.433  -7.226  -5.356  1.00 42.10 ? 45   PRO A C   1 
ATOM   315 O O   . PRO A 1 45  ? -7.657  -8.438  -5.398  1.00 51.47 ? 45   PRO A O   1 
ATOM   316 C CB  . PRO A 1 45  ? -8.876  -6.296  -3.579  1.00 39.50 ? 45   PRO A CB  1 
ATOM   317 C CG  . PRO A 1 45  ? -9.879  -7.399  -3.425  1.00 40.45 ? 45   PRO A CG  1 
ATOM   318 C CD  . PRO A 1 45  ? -10.724 -7.366  -4.672  1.00 39.80 ? 45   PRO A CD  1 
ATOM   319 N N   . GLU A 1 46  ? -6.228  -6.701  -5.548  1.00 39.74 ? 46   GLU A N   1 
ATOM   320 C CA  . GLU A 1 46  ? -5.047  -7.560  -5.564  1.00 45.17 ? 46   GLU A CA  1 
ATOM   321 C C   . GLU A 1 46  ? -3.940  -6.948  -4.713  1.00 39.76 ? 46   GLU A C   1 
ATOM   322 O O   . GLU A 1 46  ? -3.919  -5.736  -4.482  1.00 37.00 ? 46   GLU A O   1 
ATOM   323 C CB  . GLU A 1 46  ? -4.570  -7.853  -6.995  1.00 38.35 ? 46   GLU A CB  1 
ATOM   324 C CG  . GLU A 1 46  ? -4.219  -6.620  -7.814  1.00 50.97 ? 46   GLU A CG  1 
ATOM   325 C CD  . GLU A 1 46  ? -4.364  -6.847  -9.319  1.00 62.95 ? 46   GLU A CD  1 
ATOM   326 O OE1 . GLU A 1 46  ? -4.920  -7.896  -9.715  1.00 59.70 ? 46   GLU A OE1 1 
ATOM   327 O OE2 . GLU A 1 46  ? -3.927  -5.973  -10.106 1.00 65.00 ? 46   GLU A OE2 1 
ATOM   328 N N   . TRP A 1 47  ? -3.056  -7.800  -4.204  1.00 35.25 ? 47   TRP A N   1 
ATOM   329 C CA  . TRP A 1 47  ? -1.865  -7.340  -3.506  1.00 35.43 ? 47   TRP A CA  1 
ATOM   330 C C   . TRP A 1 47  ? -0.902  -6.722  -4.516  1.00 36.11 ? 47   TRP A C   1 
ATOM   331 O O   . TRP A 1 47  ? -0.567  -7.348  -5.524  1.00 35.12 ? 47   TRP A O   1 
ATOM   332 C CB  . TRP A 1 47  ? -1.142  -8.510  -2.850  1.00 33.26 ? 47   TRP A CB  1 
ATOM   333 C CG  . TRP A 1 47  ? -1.723  -9.074  -1.591  1.00 29.21 ? 47   TRP A CG  1 
ATOM   334 C CD1 . TRP A 1 47  ? -2.314  -10.294 -1.442  1.00 32.19 ? 47   TRP A CD1 1 
ATOM   335 C CD2 . TRP A 1 47  ? -1.700  -8.480  -0.285  1.00 34.12 ? 47   TRP A CD2 1 
ATOM   336 N NE1 . TRP A 1 47  ? -2.678  -10.493 -0.128  1.00 34.01 ? 47   TRP A NE1 1 
ATOM   337 C CE2 . TRP A 1 47  ? -2.307  -9.396  0.604   1.00 34.26 ? 47   TRP A CE2 1 
ATOM   338 C CE3 . TRP A 1 47  ? -1.231  -7.260  0.220   1.00 30.84 ? 47   TRP A CE3 1 
ATOM   339 C CZ2 . TRP A 1 47  ? -2.467  -9.126  1.960   1.00 36.96 ? 47   TRP A CZ2 1 
ATOM   340 C CZ3 . TRP A 1 47  ? -1.389  -6.997  1.569   1.00 30.39 ? 47   TRP A CZ3 1 
ATOM   341 C CH2 . TRP A 1 47  ? -2.010  -7.919  2.421   1.00 35.96 ? 47   TRP A CH2 1 
ATOM   342 N N   . VAL A 1 48  ? -0.436  -5.510  -4.243  1.00 34.50 ? 48   VAL A N   1 
ATOM   343 C CA  . VAL A 1 48  ? 0.537   -4.878  -5.126  1.00 34.64 ? 48   VAL A CA  1 
ATOM   344 C C   . VAL A 1 48  ? 1.960   -5.007  -4.548  1.00 37.39 ? 48   VAL A C   1 
ATOM   345 O O   . VAL A 1 48  ? 2.946   -5.091  -5.283  1.00 33.55 ? 48   VAL A O   1 
ATOM   346 C CB  . VAL A 1 48  ? 0.158   -3.400  -5.434  1.00 35.64 ? 48   VAL A CB  1 
ATOM   347 C CG1 . VAL A 1 48  ? 0.309   -2.525  -4.197  1.00 31.39 ? 48   VAL A CG1 1 
ATOM   348 C CG2 . VAL A 1 48  ? 0.995   -2.853  -6.588  1.00 38.80 ? 48   VAL A CG2 1 
ATOM   349 N N   . SER A 1 49  ? 2.063   -5.062  -3.227  1.00 33.97 ? 49   SER A N   1 
ATOM   350 C CA  . SER A 1 49  ? 3.367   -5.180  -2.595  1.00 31.96 ? 49   SER A CA  1 
ATOM   351 C C   . SER A 1 49  ? 3.225   -5.635  -1.158  1.00 33.58 ? 49   SER A C   1 
ATOM   352 O O   . SER A 1 49  ? 2.213   -5.359  -0.511  1.00 31.78 ? 49   SER A O   1 
ATOM   353 C CB  . SER A 1 49  ? 4.115   -3.856  -2.650  1.00 32.75 ? 49   SER A CB  1 
ATOM   354 O OG  . SER A 1 49  ? 5.403   -3.997  -2.087  1.00 41.55 ? 49   SER A OG  1 
ATOM   355 N N   . LEU A 1 50  ? 4.249   -6.334  -0.673  1.00 36.05 ? 50   LEU A N   1 
ATOM   356 C CA  . LEU A 1 50  ? 4.242   -6.956  0.646   1.00 30.18 ? 50   LEU A CA  1 
ATOM   357 C C   . LEU A 1 50  ? 5.632   -6.872  1.279   1.00 35.14 ? 50   LEU A C   1 
ATOM   358 O O   . LEU A 1 50  ? 6.645   -7.004  0.594   1.00 35.68 ? 50   LEU A O   1 
ATOM   359 C CB  . LEU A 1 50  ? 3.828   -8.428  0.522   1.00 33.04 ? 50   LEU A CB  1 
ATOM   360 C CG  . LEU A 1 50  ? 2.338   -8.739  0.398   1.00 28.75 ? 50   LEU A CG  1 
ATOM   361 C CD1 . LEU A 1 50  ? 2.107   -10.051 -0.323  1.00 26.38 ? 50   LEU A CD1 1 
ATOM   362 C CD2 . LEU A 1 50  ? 1.722   -8.791  1.777   1.00 31.18 ? 50   LEU A CD2 1 
ATOM   363 N N   . ILE A 1 51  ? 5.674   -6.667  2.592   1.00 34.43 ? 51   ILE A N   1 
ATOM   364 C CA  . ILE A 1 51  ? 6.936   -6.561  3.305   1.00 33.57 ? 51   ILE A CA  1 
ATOM   365 C C   . ILE A 1 51  ? 6.862   -7.359  4.594   1.00 35.69 ? 51   ILE A C   1 
ATOM   366 O O   . ILE A 1 51  ? 5.821   -7.387  5.256   1.00 33.94 ? 51   ILE A O   1 
ATOM   367 C CB  . ILE A 1 51  ? 7.317   -5.073  3.573   1.00 37.85 ? 51   ILE A CB  1 
ATOM   368 C CG1 . ILE A 1 51  ? 8.736   -4.960  4.132   1.00 33.85 ? 51   ILE A CG1 1 
ATOM   369 C CG2 . ILE A 1 51  ? 6.301   -4.386  4.491   1.00 28.53 ? 51   ILE A CG2 1 
ATOM   370 C CD1 . ILE A 1 51  ? 9.164   -3.525  4.318   1.00 37.49 ? 51   ILE A CD1 1 
ATOM   371 N N   . SER A 1 52  ? 7.960   -8.037  4.920   1.00 37.79 ? 52   SER A N   1 
ATOM   372 C CA  . SER A 1 52  ? 8.034   -8.912  6.090   1.00 35.28 ? 52   SER A CA  1 
ATOM   373 C C   . SER A 1 52  ? 8.023   -8.085  7.368   1.00 36.22 ? 52   SER A C   1 
ATOM   374 O O   . SER A 1 52  ? 8.286   -6.878  7.332   1.00 40.90 ? 52   SER A O   1 
ATOM   375 C CB  . SER A 1 52  ? 9.314   -9.744  6.041   1.00 37.10 ? 52   SER A CB  1 
ATOM   376 O OG  . SER A 1 52  ? 10.448  -8.889  5.984   1.00 39.46 ? 52   SER A OG  1 
ATOM   377 N N   . GLY A 1 53  ? 7.717   -8.735  8.488   1.00 33.48 ? 53   GLY A N   1 
ATOM   378 C CA  . GLY A 1 53  ? 7.642   -8.069  9.778   1.00 33.05 ? 53   GLY A CA  1 
ATOM   379 C C   . GLY A 1 53  ? 8.830   -7.171  10.071  1.00 41.16 ? 53   GLY A C   1 
ATOM   380 O O   . GLY A 1 53  ? 8.657   -6.027  10.491  1.00 42.27 ? 53   GLY A O   1 
ATOM   381 N N   . SER A 1 54  ? 10.037  -7.677  9.825   1.00 42.17 ? 54   SER A N   1 
ATOM   382 C CA  . SER A 1 54  ? 11.265  -6.942  10.132  1.00 42.38 ? 54   SER A CA  1 
ATOM   383 C C   . SER A 1 54  ? 11.644  -5.962  9.035   1.00 43.14 ? 54   SER A C   1 
ATOM   384 O O   . SER A 1 54  ? 12.410  -5.027  9.268   1.00 51.77 ? 54   SER A O   1 
ATOM   385 C CB  . SER A 1 54  ? 12.434  -7.910  10.370  1.00 52.20 ? 54   SER A CB  1 
ATOM   386 O OG  . SER A 1 54  ? 12.713  -8.691  9.207   1.00 54.89 ? 54   SER A OG  1 
ATOM   387 N N   . GLY A 1 55  ? 11.119  -6.185  7.835   1.00 43.50 ? 55   GLY A N   1 
ATOM   388 C CA  . GLY A 1 55  ? 11.437  -5.340  6.699   1.00 39.51 ? 55   GLY A CA  1 
ATOM   389 C C   . GLY A 1 55  ? 12.622  -5.850  5.893   1.00 42.50 ? 55   GLY A C   1 
ATOM   390 O O   . GLY A 1 55  ? 13.147  -5.142  5.041   1.00 45.34 ? 55   GLY A O   1 
ATOM   391 N N   . GLY A 1 56  ? 13.042  -7.083  6.149   1.00 45.50 ? 56   GLY A N   1 
ATOM   392 C CA  . GLY A 1 56  ? 14.220  -7.632  5.493   1.00 41.73 ? 56   GLY A CA  1 
ATOM   393 C C   . GLY A 1 56  ? 13.928  -8.257  4.138   1.00 43.39 ? 56   GLY A C   1 
ATOM   394 O O   . GLY A 1 56  ? 14.855  -8.615  3.397   1.00 39.85 ? 56   GLY A O   1 
ATOM   395 N N   . SER A 1 57  ? 12.640  -8.376  3.809   1.00 41.42 ? 57   SER A N   1 
ATOM   396 C CA  . SER A 1 57  ? 12.208  -9.105  2.616   1.00 40.94 ? 57   SER A CA  1 
ATOM   397 C C   . SER A 1 57  ? 10.946  -8.493  2.035   1.00 40.74 ? 57   SER A C   1 
ATOM   398 O O   . SER A 1 57  ? 9.986   -8.236  2.760   1.00 41.96 ? 57   SER A O   1 
ATOM   399 C CB  . SER A 1 57  ? 11.933  -10.570 2.963   1.00 41.27 ? 57   SER A CB  1 
ATOM   400 O OG  . SER A 1 57  ? 13.085  -11.190 3.494   1.00 42.68 ? 57   SER A OG  1 
ATOM   401 N N   . THR A 1 58  ? 10.944  -8.265  0.725   1.00 41.54 ? 58   THR A N   1 
ATOM   402 C CA  . THR A 1 58  ? 9.822   -7.597  0.076   1.00 37.77 ? 58   THR A CA  1 
ATOM   403 C C   . THR A 1 58  ? 9.345   -8.382  -1.132  1.00 38.76 ? 58   THR A C   1 
ATOM   404 O O   . THR A 1 58  ? 10.041  -9.264  -1.642  1.00 40.25 ? 58   THR A O   1 
ATOM   405 C CB  . THR A 1 58  ? 10.199  -6.186  -0.394  1.00 36.96 ? 58   THR A CB  1 
ATOM   406 O OG1 . THR A 1 58  ? 11.247  -6.274  -1.369  1.00 39.10 ? 58   THR A OG1 1 
ATOM   407 C CG2 . THR A 1 58  ? 10.675  -5.332  0.780   1.00 37.61 ? 58   THR A CG2 1 
ATOM   408 N N   . TRP A 1 59  ? 8.144   -8.055  -1.581  1.00 33.96 ? 59   TRP A N   1 
ATOM   409 C CA  . TRP A 1 59  ? 7.564   -8.673  -2.753  1.00 34.68 ? 59   TRP A CA  1 
ATOM   410 C C   . TRP A 1 59  ? 6.808   -7.598  -3.518  1.00 38.17 ? 59   TRP A C   1 
ATOM   411 O O   . TRP A 1 59  ? 6.245   -6.693  -2.908  1.00 36.85 ? 59   TRP A O   1 
ATOM   412 C CB  . TRP A 1 59  ? 6.616   -9.788  -2.333  1.00 31.57 ? 59   TRP A CB  1 
ATOM   413 C CG  . TRP A 1 59  ? 5.860   -10.351 -3.472  1.00 35.06 ? 59   TRP A CG  1 
ATOM   414 C CD1 . TRP A 1 59  ? 6.261   -11.348 -4.307  1.00 37.34 ? 59   TRP A CD1 1 
ATOM   415 C CD2 . TRP A 1 59  ? 4.571   -9.938  -3.925  1.00 36.39 ? 59   TRP A CD2 1 
ATOM   416 N NE1 . TRP A 1 59  ? 5.292   -11.590 -5.254  1.00 39.34 ? 59   TRP A NE1 1 
ATOM   417 C CE2 . TRP A 1 59  ? 4.242   -10.739 -5.040  1.00 36.86 ? 59   TRP A CE2 1 
ATOM   418 C CE3 . TRP A 1 59  ? 3.658   -8.972  -3.494  1.00 37.02 ? 59   TRP A CE3 1 
ATOM   419 C CZ2 . TRP A 1 59  ? 3.042   -10.603 -5.733  1.00 39.90 ? 59   TRP A CZ2 1 
ATOM   420 C CZ3 . TRP A 1 59  ? 2.458   -8.835  -4.187  1.00 38.15 ? 59   TRP A CZ3 1 
ATOM   421 C CH2 . TRP A 1 59  ? 2.164   -9.647  -5.294  1.00 38.48 ? 59   TRP A CH2 1 
ATOM   422 N N   . TYR A 1 60  ? 6.810   -7.682  -4.848  1.00 41.19 ? 60   TYR A N   1 
ATOM   423 C CA  . TYR A 1 60  ? 6.073   -6.737  -5.691  1.00 35.14 ? 60   TYR A CA  1 
ATOM   424 C C   . TYR A 1 60  ? 5.331   -7.475  -6.785  1.00 35.56 ? 60   TYR A C   1 
ATOM   425 O O   . TYR A 1 60  ? 5.818   -8.466  -7.315  1.00 39.40 ? 60   TYR A O   1 
ATOM   426 C CB  . TYR A 1 60  ? 7.018   -5.732  -6.355  1.00 38.24 ? 60   TYR A CB  1 
ATOM   427 C CG  . TYR A 1 60  ? 7.815   -4.901  -5.382  1.00 43.25 ? 60   TYR A CG  1 
ATOM   428 C CD1 . TYR A 1 60  ? 9.048   -5.346  -4.912  1.00 33.70 ? 60   TYR A CD1 1 
ATOM   429 C CD2 . TYR A 1 60  ? 7.336   -3.671  -4.929  1.00 33.63 ? 60   TYR A CD2 1 
ATOM   430 C CE1 . TYR A 1 60  ? 9.786   -4.586  -4.006  1.00 36.72 ? 60   TYR A CE1 1 
ATOM   431 C CE2 . TYR A 1 60  ? 8.064   -2.908  -4.027  1.00 35.08 ? 60   TYR A CE2 1 
ATOM   432 C CZ  . TYR A 1 60  ? 9.290   -3.369  -3.571  1.00 40.32 ? 60   TYR A CZ  1 
ATOM   433 O OH  . TYR A 1 60  ? 10.023  -2.617  -2.674  1.00 41.78 ? 60   TYR A OH  1 
ATOM   434 N N   . ASP A 1 61  ? 4.152   -6.982  -7.132  1.00 39.18 ? 61   ASP A N   1 
ATOM   435 C CA  . ASP A 1 61  ? 3.456   -7.456  -8.317  1.00 43.19 ? 61   ASP A CA  1 
ATOM   436 C C   . ASP A 1 61  ? 4.310   -7.110  -9.536  1.00 45.58 ? 61   ASP A C   1 
ATOM   437 O O   . ASP A 1 61  ? 4.975   -6.068  -9.559  1.00 41.73 ? 61   ASP A O   1 
ATOM   438 C CB  . ASP A 1 61  ? 2.079   -6.791  -8.422  1.00 44.45 ? 61   ASP A CB  1 
ATOM   439 C CG  . ASP A 1 61  ? 1.253   -7.332  -9.580  1.00 48.53 ? 61   ASP A CG  1 
ATOM   440 O OD1 . ASP A 1 61  ? 0.554   -8.355  -9.390  1.00 46.97 ? 61   ASP A OD1 1 
ATOM   441 O OD2 . ASP A 1 61  ? 1.308   -6.734  -10.677 1.00 46.65 ? 61   ASP A OD2 1 
ATOM   442 N N   . ASP A 1 62  ? 4.302   -7.986  -10.540 1.00 47.27 ? 62   ASP A N   1 
ATOM   443 C CA  . ASP A 1 62  ? 5.095   -7.790  -11.757 1.00 47.84 ? 62   ASP A CA  1 
ATOM   444 C C   . ASP A 1 62  ? 4.879   -6.431  -12.428 1.00 46.30 ? 62   ASP A C   1 
ATOM   445 O O   . ASP A 1 62  ? 5.808   -5.850  -12.995 1.00 42.20 ? 62   ASP A O   1 
ATOM   446 C CB  . ASP A 1 62  ? 4.813   -8.911  -12.755 1.00 51.22 ? 62   ASP A CB  1 
ATOM   447 C CG  . ASP A 1 62  ? 5.617   -10.163 -12.465 1.00 58.89 ? 62   ASP A CG  1 
ATOM   448 O OD1 . ASP A 1 62  ? 6.282   -10.218 -11.405 1.00 57.74 ? 62   ASP A OD1 1 
ATOM   449 O OD2 . ASP A 1 62  ? 5.594   -11.088 -13.306 1.00 65.99 ? 62   ASP A OD2 1 
ATOM   450 N N   . SER A 1 63  ? 3.655   -5.920  -12.351 1.00 45.02 ? 63   SER A N   1 
ATOM   451 C CA  . SER A 1 63  ? 3.325   -4.656  -13.004 1.00 45.59 ? 63   SER A CA  1 
ATOM   452 C C   . SER A 1 63  ? 3.954   -3.423  -12.352 1.00 42.63 ? 63   SER A C   1 
ATOM   453 O O   . SER A 1 63  ? 3.893   -2.338  -12.928 1.00 45.24 ? 63   SER A O   1 
ATOM   454 C CB  . SER A 1 63  ? 1.806   -4.483  -13.111 1.00 40.30 ? 63   SER A CB  1 
ATOM   455 O OG  . SER A 1 63  ? 1.187   -4.565  -11.837 1.00 47.65 ? 63   SER A OG  1 
ATOM   456 N N   . VAL A 1 64  ? 4.554   -3.577  -11.167 1.00 39.44 ? 64   VAL A N   1 
ATOM   457 C CA  . VAL A 1 64  ? 5.138   -2.426  -10.469 1.00 38.88 ? 64   VAL A CA  1 
ATOM   458 C C   . VAL A 1 64  ? 6.610   -2.534  -10.064 1.00 43.39 ? 64   VAL A C   1 
ATOM   459 O O   . VAL A 1 64  ? 7.157   -1.579  -9.505  1.00 44.71 ? 64   VAL A O   1 
ATOM   460 C CB  . VAL A 1 64  ? 4.325   -2.016  -9.218  1.00 39.63 ? 64   VAL A CB  1 
ATOM   461 C CG1 . VAL A 1 64  ? 2.838   -1.844  -9.560  1.00 35.92 ? 64   VAL A CG1 1 
ATOM   462 C CG2 . VAL A 1 64  ? 4.524   -3.013  -8.100  1.00 30.32 ? 64   VAL A CG2 1 
ATOM   463 N N   . LYS A 1 65  ? 7.241   -3.676  -10.340 1.00 44.57 ? 65   LYS A N   1 
ATOM   464 C CA  . LYS A 1 65  ? 8.660   -3.886  -10.033 1.00 46.24 ? 65   LYS A CA  1 
ATOM   465 C C   . LYS A 1 65  ? 9.563   -2.822  -10.657 1.00 51.09 ? 65   LYS A C   1 
ATOM   466 O O   . LYS A 1 65  ? 9.507   -2.577  -11.863 1.00 52.70 ? 65   LYS A O   1 
ATOM   467 C CB  . LYS A 1 65  ? 9.110   -5.258  -10.530 1.00 50.11 ? 65   LYS A CB  1 
ATOM   468 C CG  . LYS A 1 65  ? 8.784   -6.427  -9.618  1.00 44.67 ? 65   LYS A CG  1 
ATOM   469 C CD  . LYS A 1 65  ? 9.058   -7.741  -10.336 1.00 46.63 ? 65   LYS A CD  1 
ATOM   470 C CE  . LYS A 1 65  ? 8.834   -8.931  -9.421  1.00 54.76 ? 65   LYS A CE  1 
ATOM   471 N NZ  . LYS A 1 65  ? 9.001   -10.221 -10.147 1.00 55.98 ? 65   LYS A NZ  1 
ATOM   472 N N   . GLY A 1 66  ? 10.401  -2.198  -9.832  1.00 51.72 ? 66   GLY A N   1 
ATOM   473 C CA  . GLY A 1 66  ? 11.319  -1.172  -10.295 1.00 44.12 ? 66   GLY A CA  1 
ATOM   474 C C   . GLY A 1 66  ? 10.786  0.230   -10.102 1.00 49.80 ? 66   GLY A C   1 
ATOM   475 O O   . GLY A 1 66  ? 11.542  1.187   -9.907  1.00 52.13 ? 66   GLY A O   1 
ATOM   476 N N   . ARG A 1 67  ? 9.467   0.354   -10.154 1.00 49.14 ? 67   ARG A N   1 
ATOM   477 C CA  . ARG A 1 67  ? 8.834   1.656   -10.030 1.00 43.95 ? 67   ARG A CA  1 
ATOM   478 C C   . ARG A 1 67  ? 8.403   1.906   -8.587  1.00 40.96 ? 67   ARG A C   1 
ATOM   479 O O   . ARG A 1 67  ? 8.603   2.994   -8.056  1.00 47.17 ? 67   ARG A O   1 
ATOM   480 C CB  . ARG A 1 67  ? 7.653   1.766   -11.002 1.00 45.14 ? 67   ARG A CB  1 
ATOM   481 C CG  . ARG A 1 67  ? 8.043   1.523   -12.462 1.00 44.07 ? 67   ARG A CG  1 
ATOM   482 C CD  . ARG A 1 67  ? 6.926   1.885   -13.457 1.00 43.81 ? 67   ARG A CD  1 
ATOM   483 N NE  . ARG A 1 67  ? 5.749   1.030   -13.322 1.00 43.85 ? 67   ARG A NE  1 
ATOM   484 C CZ  . ARG A 1 67  ? 4.598   1.416   -12.775 1.00 41.67 ? 67   ARG A CZ  1 
ATOM   485 N NH1 . ARG A 1 67  ? 4.461   2.651   -12.315 1.00 39.69 ? 67   ARG A NH1 1 
ATOM   486 N NH2 . ARG A 1 67  ? 3.587   0.564   -12.685 1.00 38.47 ? 67   ARG A NH2 1 
ATOM   487 N N   . PHE A 1 68  ? 7.826   0.894   -7.949  1.00 37.19 ? 68   PHE A N   1 
ATOM   488 C CA  . PHE A 1 68  ? 7.351   1.038   -6.575  1.00 37.96 ? 68   PHE A CA  1 
ATOM   489 C C   . PHE A 1 68  ? 8.344   0.453   -5.567  1.00 43.74 ? 68   PHE A C   1 
ATOM   490 O O   . PHE A 1 68  ? 8.990   -0.580  -5.814  1.00 40.15 ? 68   PHE A O   1 
ATOM   491 C CB  . PHE A 1 68  ? 5.990   0.352   -6.369  1.00 40.68 ? 68   PHE A CB  1 
ATOM   492 C CG  . PHE A 1 68  ? 4.845   0.973   -7.139  1.00 40.06 ? 68   PHE A CG  1 
ATOM   493 C CD1 . PHE A 1 68  ? 5.061   1.944   -8.104  1.00 37.80 ? 68   PHE A CD1 1 
ATOM   494 C CD2 . PHE A 1 68  ? 3.540   0.569   -6.881  1.00 38.91 ? 68   PHE A CD2 1 
ATOM   495 C CE1 . PHE A 1 68  ? 4.006   2.488   -8.799  1.00 42.53 ? 68   PHE A CE1 1 
ATOM   496 C CE2 . PHE A 1 68  ? 2.475   1.111   -7.570  1.00 34.86 ? 68   PHE A CE2 1 
ATOM   497 C CZ  . PHE A 1 68  ? 2.706   2.074   -8.529  1.00 41.63 ? 68   PHE A CZ  1 
ATOM   498 N N   . THR A 1 69  ? 8.444   1.104   -4.415  1.00 40.60 ? 69   THR A N   1 
ATOM   499 C CA  . THR A 1 69  ? 9.283   0.606   -3.337  1.00 36.15 ? 69   THR A CA  1 
ATOM   500 C C   . THR A 1 69  ? 8.522   0.634   -2.021  1.00 37.34 ? 69   THR A C   1 
ATOM   501 O O   . THR A 1 69  ? 8.078   1.684   -1.571  1.00 40.30 ? 69   THR A O   1 
ATOM   502 C CB  . THR A 1 69  ? 10.579  1.426   -3.199  1.00 40.18 ? 69   THR A CB  1 
ATOM   503 O OG1 . THR A 1 69  ? 11.323  1.348   -4.426  1.00 39.57 ? 69   THR A OG1 1 
ATOM   504 C CG2 . THR A 1 69  ? 11.434  0.887   -2.039  1.00 35.72 ? 69   THR A CG2 1 
ATOM   505 N N   . ILE A 1 70  ? 8.367   -0.537  -1.416  1.00 37.03 ? 70   ILE A N   1 
ATOM   506 C CA  . ILE A 1 70  ? 7.706   -0.661  -0.129  1.00 33.29 ? 70   ILE A CA  1 
ATOM   507 C C   . ILE A 1 70  ? 8.749   -0.659  0.998   1.00 39.55 ? 70   ILE A C   1 
ATOM   508 O O   . ILE A 1 70  ? 9.848   -1.212  0.856   1.00 43.04 ? 70   ILE A O   1 
ATOM   509 C CB  . ILE A 1 70  ? 6.842   -1.946  -0.076  1.00 35.27 ? 70   ILE A CB  1 
ATOM   510 C CG1 . ILE A 1 70  ? 5.907   -1.927  1.130   1.00 32.18 ? 70   ILE A CG1 1 
ATOM   511 C CG2 . ILE A 1 70  ? 7.722   -3.209  -0.076  1.00 35.51 ? 70   ILE A CG2 1 
ATOM   512 C CD1 . ILE A 1 70  ? 4.921   -3.070  1.139   1.00 29.44 ? 70   ILE A CD1 1 
ATOM   513 N N   . SER A 1 71  ? 8.412   -0.019  2.112   1.00 36.82 ? 71   SER A N   1 
ATOM   514 C CA  . SER A 1 71  ? 9.296   0.019   3.270   1.00 36.21 ? 71   SER A CA  1 
ATOM   515 C C   . SER A 1 71  ? 8.482   0.233   4.529   1.00 36.38 ? 71   SER A C   1 
ATOM   516 O O   . SER A 1 71  ? 7.309   0.590   4.468   1.00 35.93 ? 71   SER A O   1 
ATOM   517 C CB  . SER A 1 71  ? 10.353  1.120   3.131   1.00 37.63 ? 71   SER A CB  1 
ATOM   518 O OG  . SER A 1 71  ? 9.761   2.390   2.924   1.00 45.98 ? 71   SER A OG  1 
ATOM   519 N N   . ARG A 1 72  ? 9.106   -0.009  5.672   1.00 36.44 ? 72   ARG A N   1 
ATOM   520 C CA  . ARG A 1 72  ? 8.445   0.190   6.949   1.00 33.40 ? 72   ARG A CA  1 
ATOM   521 C C   . ARG A 1 72  ? 9.429   0.755   7.968   1.00 36.23 ? 72   ARG A C   1 
ATOM   522 O O   . ARG A 1 72  ? 10.644  0.573   7.853   1.00 39.39 ? 72   ARG A O   1 
ATOM   523 C CB  . ARG A 1 72  ? 7.804   -1.116  7.445   1.00 31.95 ? 72   ARG A CB  1 
ATOM   524 C CG  . ARG A 1 72  ? 8.782   -2.229  7.805   1.00 34.20 ? 72   ARG A CG  1 
ATOM   525 C CD  . ARG A 1 72  ? 8.063   -3.579  7.938   1.00 34.03 ? 72   ARG A CD  1 
ATOM   526 N NE  . ARG A 1 72  ? 7.173   -3.654  9.098   1.00 33.74 ? 72   ARG A NE  1 
ATOM   527 C CZ  . ARG A 1 72  ? 6.196   -4.552  9.239   1.00 34.63 ? 72   ARG A CZ  1 
ATOM   528 N NH1 . ARG A 1 72  ? 5.963   -5.451  8.287   1.00 31.59 ? 72   ARG A NH1 1 
ATOM   529 N NH2 . ARG A 1 72  ? 5.445   -4.552  10.333  1.00 30.56 ? 72   ARG A NH2 1 
ATOM   530 N N   . ASP A 1 73  ? 8.893   1.458   8.953   1.00 37.37 ? 73   ASP A N   1 
ATOM   531 C CA  . ASP A 1 73  ? 9.681   2.028   10.031  1.00 40.50 ? 73   ASP A CA  1 
ATOM   532 C C   . ASP A 1 73  ? 9.064   1.487   11.303  1.00 44.54 ? 73   ASP A C   1 
ATOM   533 O O   . ASP A 1 73  ? 8.029   1.980   11.752  1.00 47.15 ? 73   ASP A O   1 
ATOM   534 C CB  . ASP A 1 73  ? 9.582   3.556   10.001  1.00 52.54 ? 73   ASP A CB  1 
ATOM   535 C CG  . ASP A 1 73  ? 10.670  4.240   10.822  1.00 57.32 ? 73   ASP A CG  1 
ATOM   536 O OD1 . ASP A 1 73  ? 10.908  3.828   11.978  1.00 53.98 ? 73   ASP A OD1 1 
ATOM   537 O OD2 . ASP A 1 73  ? 11.277  5.208   10.308  1.00 58.49 ? 73   ASP A OD2 1 
ATOM   538 N N   . ASN A 1 74  ? 9.689   0.463   11.875  1.00 45.88 ? 74   ASN A N   1 
ATOM   539 C CA  . ASN A 1 74  ? 9.110   -0.241  13.012  1.00 47.11 ? 74   ASN A CA  1 
ATOM   540 C C   . ASN A 1 74  ? 9.191   0.524   14.334  1.00 49.89 ? 74   ASN A C   1 
ATOM   541 O O   . ASN A 1 74  ? 8.555   0.140   15.325  1.00 54.43 ? 74   ASN A O   1 
ATOM   542 C CB  . ASN A 1 74  ? 9.734   -1.634  13.162  1.00 46.63 ? 74   ASN A CB  1 
ATOM   543 C CG  . ASN A 1 74  ? 9.370   -2.562  12.015  1.00 46.68 ? 74   ASN A CG  1 
ATOM   544 O OD1 . ASN A 1 74  ? 8.442   -2.293  11.249  1.00 41.14 ? 74   ASN A OD1 1 
ATOM   545 N ND2 . ASN A 1 74  ? 10.097  -3.670  11.896  1.00 43.87 ? 74   ASN A ND2 1 
ATOM   546 N N   . SER A 1 75  ? 9.972   1.599   14.351  1.00 50.04 ? 75   SER A N   1 
ATOM   547 C CA  . SER A 1 75  ? 10.110  2.412   15.557  1.00 55.72 ? 75   SER A CA  1 
ATOM   548 C C   . SER A 1 75  ? 8.988   3.448   15.668  1.00 54.92 ? 75   SER A C   1 
ATOM   549 O O   . SER A 1 75  ? 8.674   3.908   16.767  1.00 60.51 ? 75   SER A O   1 
ATOM   550 C CB  . SER A 1 75  ? 11.489  3.082   15.620  1.00 52.50 ? 75   SER A CB  1 
ATOM   551 O OG  . SER A 1 75  ? 11.719  3.913   14.496  1.00 61.76 ? 75   SER A OG  1 
ATOM   552 N N   . LYS A 1 76  ? 8.385   3.804   14.534  1.00 52.10 ? 76   LYS A N   1 
ATOM   553 C CA  . LYS A 1 76  ? 7.243   4.720   14.524  1.00 53.05 ? 76   LYS A CA  1 
ATOM   554 C C   . LYS A 1 76  ? 5.961   4.099   13.949  1.00 48.54 ? 76   LYS A C   1 
ATOM   555 O O   . LYS A 1 76  ? 4.981   4.803   13.720  1.00 47.71 ? 76   LYS A O   1 
ATOM   556 C CB  . LYS A 1 76  ? 7.585   6.006   13.772  1.00 53.30 ? 76   LYS A CB  1 
ATOM   557 C CG  . LYS A 1 76  ? 8.019   5.771   12.349  1.00 56.68 ? 76   LYS A CG  1 
ATOM   558 C CD  . LYS A 1 76  ? 8.305   7.085   11.636  1.00 66.99 ? 76   LYS A CD  1 
ATOM   559 C CE  . LYS A 1 76  ? 9.557   7.763   12.187  1.00 64.94 ? 76   LYS A CE  1 
ATOM   560 N NZ  . LYS A 1 76  ? 9.914   8.976   11.390  1.00 65.84 ? 76   LYS A NZ  1 
ATOM   561 N N   . ASN A 1 77  ? 5.984   2.785   13.727  1.00 48.11 ? 77   ASN A N   1 
ATOM   562 C CA  . ASN A 1 77  ? 4.809   2.003   13.314  1.00 41.23 ? 77   ASN A CA  1 
ATOM   563 C C   . ASN A 1 77  ? 4.196   2.402   11.985  1.00 40.01 ? 77   ASN A C   1 
ATOM   564 O O   . ASN A 1 77  ? 2.978   2.385   11.822  1.00 38.84 ? 77   ASN A O   1 
ATOM   565 C CB  . ASN A 1 77  ? 3.748   1.955   14.420  1.00 38.05 ? 77   ASN A CB  1 
ATOM   566 C CG  . ASN A 1 77  ? 4.123   0.987   15.534  1.00 44.53 ? 77   ASN A CG  1 
ATOM   567 O OD1 . ASN A 1 77  ? 5.285   0.603   15.669  1.00 47.11 ? 77   ASN A OD1 1 
ATOM   568 N ND2 . ASN A 1 77  ? 3.143   0.581   16.330  1.00 45.79 ? 77   ASN A ND2 1 
ATOM   569 N N   . LEU A 1 78  ? 5.059   2.738   11.032  1.00 44.43 ? 78   LEU A N   1 
ATOM   570 C CA  . LEU A 1 78  ? 4.628   3.271   9.748   1.00 40.82 ? 78   LEU A CA  1 
ATOM   571 C C   . LEU A 1 78  ? 5.035   2.407   8.557   1.00 38.24 ? 78   LEU A C   1 
ATOM   572 O O   . LEU A 1 78  ? 6.122   1.831   8.530   1.00 37.19 ? 78   LEU A O   1 
ATOM   573 C CB  . LEU A 1 78  ? 5.171   4.687   9.557   1.00 41.52 ? 78   LEU A CB  1 
ATOM   574 C CG  . LEU A 1 78  ? 4.069   5.719   9.709   1.00 51.98 ? 78   LEU A CG  1 
ATOM   575 C CD1 . LEU A 1 78  ? 3.527   5.614   11.125  1.00 50.03 ? 78   LEU A CD1 1 
ATOM   576 C CD2 . LEU A 1 78  ? 4.538   7.148   9.384   1.00 63.22 ? 78   LEU A CD2 1 
ATOM   577 N N   . LEU A 1 79  ? 4.154   2.344   7.564   1.00 35.04 ? 79   LEU A N   1 
ATOM   578 C CA  . LEU A 1 79  ? 4.413   1.603   6.336   1.00 37.54 ? 79   LEU A CA  1 
ATOM   579 C C   . LEU A 1 79  ? 4.387   2.584   5.170   1.00 38.32 ? 79   LEU A C   1 
ATOM   580 O O   . LEU A 1 79  ? 3.573   3.499   5.152   1.00 38.20 ? 79   LEU A O   1 
ATOM   581 C CB  . LEU A 1 79  ? 3.349   0.518   6.154   1.00 38.02 ? 79   LEU A CB  1 
ATOM   582 C CG  . LEU A 1 79  ? 3.345   -0.317  4.878   1.00 37.50 ? 79   LEU A CG  1 
ATOM   583 C CD1 . LEU A 1 79  ? 4.578   -1.172  4.845   1.00 31.47 ? 79   LEU A CD1 1 
ATOM   584 C CD2 . LEU A 1 79  ? 2.080   -1.179  4.794   1.00 32.94 ? 79   LEU A CD2 1 
ATOM   585 N N   . TYR A 1 80  ? 5.273   2.401   4.196   1.00 38.69 ? 80   TYR A N   1 
ATOM   586 C CA  . TYR A 1 80  ? 5.340   3.329   3.071   1.00 37.45 ? 80   TYR A CA  1 
ATOM   587 C C   . TYR A 1 80  ? 5.247   2.631   1.712   1.00 38.88 ? 80   TYR A C   1 
ATOM   588 O O   . TYR A 1 80  ? 5.512   1.433   1.587   1.00 35.34 ? 80   TYR A O   1 
ATOM   589 C CB  . TYR A 1 80  ? 6.633   4.147   3.128   1.00 44.25 ? 80   TYR A CB  1 
ATOM   590 C CG  . TYR A 1 80  ? 6.870   4.864   4.442   1.00 44.06 ? 80   TYR A CG  1 
ATOM   591 C CD1 . TYR A 1 80  ? 7.568   4.253   5.470   1.00 42.04 ? 80   TYR A CD1 1 
ATOM   592 C CD2 . TYR A 1 80  ? 6.402   6.160   4.647   1.00 46.35 ? 80   TYR A CD2 1 
ATOM   593 C CE1 . TYR A 1 80  ? 7.790   4.900   6.670   1.00 42.71 ? 80   TYR A CE1 1 
ATOM   594 C CE2 . TYR A 1 80  ? 6.619   6.818   5.841   1.00 47.31 ? 80   TYR A CE2 1 
ATOM   595 C CZ  . TYR A 1 80  ? 7.316   6.180   6.851   1.00 50.65 ? 80   TYR A CZ  1 
ATOM   596 O OH  . TYR A 1 80  ? 7.542   6.824   8.044   1.00 59.03 ? 80   TYR A OH  1 
ATOM   597 N N   . LEU A 1 81  ? 4.850   3.395   0.700   1.00 41.35 ? 81   LEU A N   1 
ATOM   598 C CA  . LEU A 1 81  ? 4.915   2.955   -0.691  1.00 39.00 ? 81   LEU A CA  1 
ATOM   599 C C   . LEU A 1 81  ? 5.320   4.142   -1.544  1.00 39.34 ? 81   LEU A C   1 
ATOM   600 O O   . LEU A 1 81  ? 4.530   5.065   -1.754  1.00 44.72 ? 81   LEU A O   1 
ATOM   601 C CB  . LEU A 1 81  ? 3.568   2.401   -1.180  1.00 39.35 ? 81   LEU A CB  1 
ATOM   602 C CG  . LEU A 1 81  ? 3.609   1.695   -2.544  1.00 37.20 ? 81   LEU A CG  1 
ATOM   603 C CD1 . LEU A 1 81  ? 4.568   0.532   -2.495  1.00 37.70 ? 81   LEU A CD1 1 
ATOM   604 C CD2 . LEU A 1 81  ? 2.237   1.211   -2.979  1.00 35.49 ? 81   LEU A CD2 1 
ATOM   605 N N   . GLN A 1 82  ? 6.562   4.134   -2.012  1.00 40.65 ? 82   GLN A N   1 
ATOM   606 C CA  . GLN A 1 82  ? 7.031   5.165   -2.922  1.00 40.29 ? 82   GLN A CA  1 
ATOM   607 C C   . GLN A 1 82  ? 6.634   4.696   -4.312  1.00 42.38 ? 82   GLN A C   1 
ATOM   608 O O   . GLN A 1 82  ? 7.055   3.628   -4.745  1.00 42.89 ? 82   GLN A O   1 
ATOM   609 C CB  . GLN A 1 82  ? 8.552   5.334   -2.800  1.00 40.76 ? 82   GLN A CB  1 
ATOM   610 C CG  . GLN A 1 82  ? 9.168   6.389   -3.700  1.00 38.73 ? 82   GLN A CG  1 
ATOM   611 C CD  . GLN A 1 82  ? 8.668   7.797   -3.402  1.00 45.73 ? 82   GLN A CD  1 
ATOM   612 O OE1 . GLN A 1 82  ? 8.524   8.198   -2.241  1.00 46.71 ? 82   GLN A OE1 1 
ATOM   613 N NE2 . GLN A 1 82  ? 8.391   8.551   -4.457  1.00 40.64 ? 82   GLN A NE2 1 
ATOM   614 N N   . MET A 1 83  ? 5.795   5.476   -4.989  1.00 41.19 ? 83   MET A N   1 
ATOM   615 C CA  . MET A 1 83  ? 5.260   5.085   -6.290  1.00 41.14 ? 83   MET A CA  1 
ATOM   616 C C   . MET A 1 83  ? 5.823   5.985   -7.378  1.00 43.96 ? 83   MET A C   1 
ATOM   617 O O   . MET A 1 83  ? 5.419   7.135   -7.502  1.00 43.30 ? 83   MET A O   1 
ATOM   618 C CB  . MET A 1 83  ? 3.729   5.194   -6.293  1.00 42.41 ? 83   MET A CB  1 
ATOM   619 C CG  . MET A 1 83  ? 3.027   4.508   -5.131  1.00 38.88 ? 83   MET A CG  1 
ATOM   620 S SD  . MET A 1 83  ? 1.268   4.921   -5.034  1.00 42.06 ? 83   MET A SD  1 
ATOM   621 C CE  . MET A 1 83  ? 0.605   3.776   -6.230  1.00 38.36 ? 83   MET A CE  1 
ATOM   622 N N   . ASN A 1 84  ? 6.751   5.464   -8.169  1.00 45.90 ? 84   ASN A N   1 
ATOM   623 C CA  . ASN A 1 84  ? 7.408   6.270   -9.195  1.00 45.11 ? 84   ASN A CA  1 
ATOM   624 C C   . ASN A 1 84  ? 6.985   5.891   -10.613 1.00 44.06 ? 84   ASN A C   1 
ATOM   625 O O   . ASN A 1 84  ? 6.402   4.826   -10.822 1.00 45.50 ? 84   ASN A O   1 
ATOM   626 C CB  . ASN A 1 84  ? 8.931   6.162   -9.051  1.00 49.18 ? 84   ASN A CB  1 
ATOM   627 C CG  . ASN A 1 84  ? 9.433   6.737   -7.742  1.00 47.71 ? 84   ASN A CG  1 
ATOM   628 O OD1 . ASN A 1 84  ? 8.858   7.681   -7.201  1.00 51.01 ? 84   ASN A OD1 1 
ATOM   629 N ND2 . ASN A 1 84  ? 10.509  6.170   -7.226  1.00 44.26 ? 84   ASN A ND2 1 
ATOM   630 N N   . SER A 1 85  ? 7.306   6.757   -11.572 1.00 44.37 ? 85   SER A N   1 
ATOM   631 C CA  . SER A 1 85  ? 6.895   6.596   -12.970 1.00 46.09 ? 85   SER A CA  1 
ATOM   632 C C   . SER A 1 85  ? 5.453   6.124   -13.102 1.00 40.72 ? 85   SER A C   1 
ATOM   633 O O   . SER A 1 85  ? 5.168   5.163   -13.819 1.00 42.81 ? 85   SER A O   1 
ATOM   634 C CB  . SER A 1 85  ? 7.830   5.646   -13.717 1.00 47.29 ? 85   SER A CB  1 
ATOM   635 O OG  . SER A 1 85  ? 9.140   6.178   -13.773 1.00 52.66 ? 85   SER A OG  1 
ATOM   636 N N   . LEU A 1 86  ? 4.557   6.800   -12.391 1.00 44.83 ? 86   LEU A N   1 
ATOM   637 C CA  . LEU A 1 86  ? 3.140   6.440   -12.373 1.00 45.91 ? 86   LEU A CA  1 
ATOM   638 C C   . LEU A 1 86  ? 2.535   6.386   -13.771 1.00 41.11 ? 86   LEU A C   1 
ATOM   639 O O   . LEU A 1 86  ? 2.820   7.224   -14.623 1.00 42.29 ? 86   LEU A O   1 
ATOM   640 C CB  . LEU A 1 86  ? 2.353   7.373   -11.442 1.00 38.22 ? 86   LEU A CB  1 
ATOM   641 C CG  . LEU A 1 86  ? 2.601   6.982   -9.978  1.00 42.83 ? 86   LEU A CG  1 
ATOM   642 C CD1 . LEU A 1 86  ? 2.182   8.057   -9.000  1.00 37.99 ? 86   LEU A CD1 1 
ATOM   643 C CD2 . LEU A 1 86  ? 1.892   5.674   -9.660  1.00 44.01 ? 86   LEU A CD2 1 
ATOM   644 N N   . ARG A 1 87  ? 1.734   5.357   -14.010 1.00 40.22 ? 87   ARG A N   1 
ATOM   645 C CA  . ARG A 1 87  ? 1.094   5.174   -15.300 1.00 45.08 ? 87   ARG A CA  1 
ATOM   646 C C   . ARG A 1 87  ? -0.413  5.169   -15.088 1.00 48.54 ? 87   ARG A C   1 
ATOM   647 O O   . ARG A 1 87  ? -0.881  4.917   -13.977 1.00 45.59 ? 87   ARG A O   1 
ATOM   648 C CB  . ARG A 1 87  ? 1.560   3.861   -15.925 1.00 46.63 ? 87   ARG A CB  1 
ATOM   649 C CG  . ARG A 1 87  ? 3.007   3.531   -15.596 1.00 53.08 ? 87   ARG A CG  1 
ATOM   650 C CD  . ARG A 1 87  ? 3.688   2.723   -16.691 1.00 51.80 ? 87   ARG A CD  1 
ATOM   651 N NE  . ARG A 1 87  ? 3.582   1.281   -16.480 1.00 53.08 ? 87   ARG A NE  1 
ATOM   652 C CZ  . ARG A 1 87  ? 4.618   0.446   -16.477 1.00 46.45 ? 87   ARG A CZ  1 
ATOM   653 N NH1 . ARG A 1 87  ? 5.851   0.903   -16.666 1.00 42.21 ? 87   ARG A NH1 1 
ATOM   654 N NH2 . ARG A 1 87  ? 4.421   -0.849  -16.282 1.00 48.81 ? 87   ARG A NH2 1 
ATOM   655 N N   . ALA A 1 88  ? -1.167  5.450   -16.150 1.00 48.12 ? 88   ALA A N   1 
ATOM   656 C CA  . ALA A 1 88  ? -2.629  5.506   -16.081 1.00 46.23 ? 88   ALA A CA  1 
ATOM   657 C C   . ALA A 1 88  ? -3.229  4.243   -15.463 1.00 51.55 ? 88   ALA A C   1 
ATOM   658 O O   . ALA A 1 88  ? -4.274  4.289   -14.812 1.00 51.06 ? 88   ALA A O   1 
ATOM   659 C CB  . ALA A 1 88  ? -3.207  5.737   -17.466 1.00 45.54 ? 88   ALA A CB  1 
ATOM   660 N N   . GLU A 1 89  ? -2.539  3.125   -15.663 1.00 47.74 ? 89   GLU A N   1 
ATOM   661 C CA  . GLU A 1 89  ? -2.984  1.812   -15.217 1.00 49.25 ? 89   GLU A CA  1 
ATOM   662 C C   . GLU A 1 89  ? -2.831  1.668   -13.706 1.00 47.39 ? 89   GLU A C   1 
ATOM   663 O O   . GLU A 1 89  ? -3.375  0.747   -13.100 1.00 45.80 ? 89   GLU A O   1 
ATOM   664 C CB  . GLU A 1 89  ? -2.158  0.720   -15.917 1.00 54.83 ? 89   GLU A CB  1 
ATOM   665 C CG  . GLU A 1 89  ? -2.323  0.648   -17.446 1.00 68.41 ? 89   GLU A CG  1 
ATOM   666 C CD  . GLU A 1 89  ? -1.794  1.885   -18.177 1.00 72.76 ? 89   GLU A CD  1 
ATOM   667 O OE1 . GLU A 1 89  ? -0.869  2.542   -17.651 1.00 64.34 ? 89   GLU A OE1 1 
ATOM   668 O OE2 . GLU A 1 89  ? -2.316  2.213   -19.270 1.00 73.17 ? 89   GLU A OE2 1 
ATOM   669 N N   . ASP A 1 90  ? -2.080  2.575   -13.094 1.00 39.94 ? 90   ASP A N   1 
ATOM   670 C CA  . ASP A 1 90  ? -1.856  2.505   -11.658 1.00 38.47 ? 90   ASP A CA  1 
ATOM   671 C C   . ASP A 1 90  ? -3.004  3.122   -10.874 1.00 38.45 ? 90   ASP A C   1 
ATOM   672 O O   . ASP A 1 90  ? -3.050  3.032   -9.648  1.00 39.94 ? 90   ASP A O   1 
ATOM   673 C CB  . ASP A 1 90  ? -0.533  3.169   -11.300 1.00 36.03 ? 90   ASP A CB  1 
ATOM   674 C CG  . ASP A 1 90  ? 0.648   2.426   -11.875 1.00 40.03 ? 90   ASP A CG  1 
ATOM   675 O OD1 . ASP A 1 90  ? 0.604   1.176   -11.897 1.00 41.20 ? 90   ASP A OD1 1 
ATOM   676 O OD2 . ASP A 1 90  ? 1.611   3.083   -12.315 1.00 45.60 ? 90   ASP A OD2 1 
ATOM   677 N N   . THR A 1 91  ? -3.924  3.748   -11.600 1.00 43.78 ? 91   THR A N   1 
ATOM   678 C CA  . THR A 1 91  ? -5.097  4.380   -11.019 1.00 33.83 ? 91   THR A CA  1 
ATOM   679 C C   . THR A 1 91  ? -5.978  3.358   -10.311 1.00 38.04 ? 91   THR A C   1 
ATOM   680 O O   . THR A 1 91  ? -6.386  2.361   -10.922 1.00 37.10 ? 91   THR A O   1 
ATOM   681 C CB  . THR A 1 91  ? -5.923  5.061   -12.121 1.00 40.71 ? 91   THR A CB  1 
ATOM   682 O OG1 . THR A 1 91  ? -5.161  6.133   -12.700 1.00 42.80 ? 91   THR A OG1 1 
ATOM   683 C CG2 . THR A 1 91  ? -7.248  5.602   -11.559 1.00 37.41 ? 91   THR A CG2 1 
ATOM   684 N N   . ALA A 1 92  ? -6.277  3.627   -9.039  1.00 34.82 ? 92   ALA A N   1 
ATOM   685 C CA  . ALA A 1 92  ? -7.088  2.748   -8.192  1.00 31.46 ? 92   ALA A CA  1 
ATOM   686 C C   . ALA A 1 92  ? -7.192  3.323   -6.781  1.00 34.61 ? 92   ALA A C   1 
ATOM   687 O O   . ALA A 1 92  ? -6.577  4.350   -6.461  1.00 33.90 ? 92   ALA A O   1 
ATOM   688 C CB  . ALA A 1 92  ? -6.472  1.365   -8.124  1.00 35.99 ? 92   ALA A CB  1 
ATOM   689 N N   . VAL A 1 93  ? -7.976  2.655   -5.939  1.00 34.66 ? 93   VAL A N   1 
ATOM   690 C CA  . VAL A 1 93  ? -7.952  2.902   -4.506  1.00 36.74 ? 93   VAL A CA  1 
ATOM   691 C C   . VAL A 1 93  ? -6.920  1.948   -3.917  1.00 36.78 ? 93   VAL A C   1 
ATOM   692 O O   . VAL A 1 93  ? -6.985  0.749   -4.152  1.00 36.34 ? 93   VAL A O   1 
ATOM   693 C CB  . VAL A 1 93  ? -9.320  2.619   -3.859  1.00 39.01 ? 93   VAL A CB  1 
ATOM   694 C CG1 . VAL A 1 93  ? -9.281  2.904   -2.353  1.00 34.43 ? 93   VAL A CG1 1 
ATOM   695 C CG2 . VAL A 1 93  ? -10.400 3.447   -4.530  1.00 38.10 ? 93   VAL A CG2 1 
ATOM   696 N N   . TYR A 1 94  ? -5.952  2.482   -3.182  1.00 37.47 ? 94   TYR A N   1 
ATOM   697 C CA  . TYR A 1 94  ? -4.927  1.660   -2.551  1.00 36.51 ? 94   TYR A CA  1 
ATOM   698 C C   . TYR A 1 94  ? -5.223  1.557   -1.078  1.00 36.38 ? 94   TYR A C   1 
ATOM   699 O O   . TYR A 1 94  ? -5.535  2.558   -0.421  1.00 36.26 ? 94   TYR A O   1 
ATOM   700 C CB  . TYR A 1 94  ? -3.529  2.253   -2.758  1.00 32.96 ? 94   TYR A CB  1 
ATOM   701 C CG  . TYR A 1 94  ? -3.037  2.119   -4.178  1.00 34.47 ? 94   TYR A CG  1 
ATOM   702 C CD1 . TYR A 1 94  ? -3.557  2.916   -5.185  1.00 35.41 ? 94   TYR A CD1 1 
ATOM   703 C CD2 . TYR A 1 94  ? -2.069  1.181   -4.515  1.00 35.55 ? 94   TYR A CD2 1 
ATOM   704 C CE1 . TYR A 1 94  ? -3.117  2.797   -6.491  1.00 38.83 ? 94   TYR A CE1 1 
ATOM   705 C CE2 . TYR A 1 94  ? -1.624  1.053   -5.817  1.00 37.03 ? 94   TYR A CE2 1 
ATOM   706 C CZ  . TYR A 1 94  ? -2.149  1.866   -6.801  1.00 33.14 ? 94   TYR A CZ  1 
ATOM   707 O OH  . TYR A 1 94  ? -1.715  1.755   -8.102  1.00 34.78 ? 94   TYR A OH  1 
ATOM   708 N N   . TYR A 1 95  ? -5.136  0.342   -0.559  1.00 31.79 ? 95   TYR A N   1 
ATOM   709 C CA  . TYR A 1 95  ? -5.385  0.116   0.852   1.00 29.88 ? 95   TYR A CA  1 
ATOM   710 C C   . TYR A 1 95  ? -4.123  -0.345  1.514   1.00 38.65 ? 95   TYR A C   1 
ATOM   711 O O   . TYR A 1 95  ? -3.421  -1.246  1.017   1.00 38.96 ? 95   TYR A O   1 
ATOM   712 C CB  . TYR A 1 95  ? -6.468  -0.946  1.075   1.00 29.87 ? 95   TYR A CB  1 
ATOM   713 C CG  . TYR A 1 95  ? -7.826  -0.592  0.515   1.00 35.97 ? 95   TYR A CG  1 
ATOM   714 C CD1 . TYR A 1 95  ? -8.156  -0.918  -0.790  1.00 35.94 ? 95   TYR A CD1 1 
ATOM   715 C CD2 . TYR A 1 95  ? -8.785  0.047   1.297   1.00 35.08 ? 95   TYR A CD2 1 
ATOM   716 C CE1 . TYR A 1 95  ? -9.392  -0.614  -1.313  1.00 37.81 ? 95   TYR A CE1 1 
ATOM   717 C CE2 . TYR A 1 95  ? -10.033 0.344   0.785   1.00 31.93 ? 95   TYR A CE2 1 
ATOM   718 C CZ  . TYR A 1 95  ? -10.327 0.013   -0.524  1.00 38.73 ? 95   TYR A CZ  1 
ATOM   719 O OH  . TYR A 1 95  ? -11.560 0.306   -1.068  1.00 50.00 ? 95   TYR A OH  1 
ATOM   720 N N   . CYS A 1 96  ? -3.841  0.273   2.647   1.00 36.57 ? 96   CYS A N   1 
ATOM   721 C CA  . CYS A 1 96  ? -2.869  -0.264  3.575   1.00 38.13 ? 96   CYS A CA  1 
ATOM   722 C C   . CYS A 1 96  ? -3.471  -1.538  4.194   1.00 35.47 ? 96   CYS A C   1 
ATOM   723 O O   . CYS A 1 96  ? -4.658  -1.568  4.511   1.00 33.03 ? 96   CYS A O   1 
ATOM   724 C CB  . CYS A 1 96  ? -2.579  0.792   4.636   1.00 34.63 ? 96   CYS A CB  1 
ATOM   725 S SG  . CYS A 1 96  ? -1.590  0.195   5.960   1.00 53.66 ? 96   CYS A SG  1 
ATOM   726 N N   . ALA A 1 97  ? -2.680  -2.594  4.363   1.00 37.21 ? 97   ALA A N   1 
ATOM   727 C CA  . ALA A 1 97  ? -3.239  -3.850  4.885   1.00 34.30 ? 97   ALA A CA  1 
ATOM   728 C C   . ALA A 1 97  ? -2.307  -4.629  5.797   1.00 32.24 ? 97   ALA A C   1 
ATOM   729 O O   . ALA A 1 97  ? -1.109  -4.736  5.547   1.00 34.12 ? 97   ALA A O   1 
ATOM   730 C CB  . ALA A 1 97  ? -3.723  -4.744  3.754   1.00 32.05 ? 97   ALA A CB  1 
ATOM   731 N N   . ARG A 1 98  ? -2.881  -5.187  6.857   1.00 32.39 ? 98   ARG A N   1 
ATOM   732 C CA  . ARG A 1 98  ? -2.148  -6.043  7.770   1.00 37.42 ? 98   ARG A CA  1 
ATOM   733 C C   . ARG A 1 98  ? -2.460  -7.507  7.471   1.00 36.81 ? 98   ARG A C   1 
ATOM   734 O O   . ARG A 1 98  ? -3.595  -7.964  7.637   1.00 33.46 ? 98   ARG A O   1 
ATOM   735 C CB  . ARG A 1 98  ? -2.498  -5.705  9.218   1.00 34.32 ? 98   ARG A CB  1 
ATOM   736 C CG  . ARG A 1 98  ? -1.938  -6.674  10.251  1.00 36.27 ? 98   ARG A CG  1 
ATOM   737 C CD  . ARG A 1 98  ? -3.069  -7.427  10.932  1.00 37.67 ? 98   ARG A CD  1 
ATOM   738 N NE  . ARG A 1 98  ? -3.028  -7.297  12.382  1.00 35.38 ? 98   ARG A NE  1 
ATOM   739 C CZ  . ARG A 1 98  ? -3.896  -7.872  13.213  1.00 40.81 ? 98   ARG A CZ  1 
ATOM   740 N NH1 . ARG A 1 98  ? -4.891  -8.619  12.742  1.00 38.76 ? 98   ARG A NH1 1 
ATOM   741 N NH2 . ARG A 1 98  ? -3.766  -7.698  14.522  1.00 45.90 ? 98   ARG A NH2 1 
ATOM   742 N N   . HIS A 1 99  ? -1.445  -8.236  7.025   1.00 37.53 ? 99   HIS A N   1 
ATOM   743 C CA  . HIS A 1 99  ? -1.621  -9.639  6.693   1.00 40.55 ? 99   HIS A CA  1 
ATOM   744 C C   . HIS A 1 99  ? -1.550  -10.521 7.931   1.00 41.51 ? 99   HIS A C   1 
ATOM   745 O O   . HIS A 1 99  ? -0.492  -10.653 8.552   1.00 43.33 ? 99   HIS A O   1 
ATOM   746 C CB  . HIS A 1 99  ? -0.590  -10.103 5.665   1.00 36.13 ? 99   HIS A CB  1 
ATOM   747 C CG  . HIS A 1 99  ? -0.832  -11.493 5.167   1.00 40.55 ? 99   HIS A CG  1 
ATOM   748 N ND1 . HIS A 1 99  ? -2.087  -11.936 4.799   1.00 45.69 ? 99   HIS A ND1 1 
ATOM   749 C CD2 . HIS A 1 99  ? 0.001   -12.541 4.998   1.00 38.23 ? 99   HIS A CD2 1 
ATOM   750 C CE1 . HIS A 1 99  ? -2.006  -13.201 4.413   1.00 35.37 ? 99   HIS A CE1 1 
ATOM   751 N NE2 . HIS A 1 99  ? -0.756  -13.588 4.528   1.00 47.99 ? 99   HIS A NE2 1 
ATOM   752 N N   . ALA A 1 100 ? -2.677  -11.125 8.294   1.00 44.15 ? 100  ALA A N   1 
ATOM   753 C CA  . ALA A 1 100 ? -2.701  -12.074 9.405   1.00 45.63 ? 100  ALA A CA  1 
ATOM   754 C C   . ALA A 1 100 ? -3.081  -13.461 8.894   1.00 45.82 ? 100  ALA A C   1 
ATOM   755 O O   . ALA A 1 100 ? -4.262  -13.773 8.756   1.00 54.12 ? 100  ALA A O   1 
ATOM   756 C CB  . ALA A 1 100 ? -3.672  -11.607 10.496  1.00 39.69 ? 100  ALA A CB  1 
ATOM   757 N N   . PRO A 1 101 ? -2.078  -14.297 8.602   1.00 45.74 ? 101  PRO A N   1 
ATOM   758 C CA  . PRO A 1 101 ? -2.330  -15.633 8.049   1.00 52.66 ? 101  PRO A CA  1 
ATOM   759 C C   . PRO A 1 101 ? -3.032  -16.553 9.050   1.00 54.43 ? 101  PRO A C   1 
ATOM   760 O O   . PRO A 1 101 ? -3.756  -17.459 8.637   1.00 53.80 ? 101  PRO A O   1 
ATOM   761 C CB  . PRO A 1 101 ? -0.919  -16.173 7.751   1.00 50.10 ? 101  PRO A CB  1 
ATOM   762 C CG  . PRO A 1 101 ? 0.003   -14.993 7.842   1.00 49.28 ? 101  PRO A CG  1 
ATOM   763 C CD  . PRO A 1 101 ? -0.643  -14.043 8.808   1.00 54.37 ? 101  PRO A CD  1 
ATOM   764 N N   . SER A 1 102 ? -2.820  -16.320 10.344  1.00 53.68 ? 102  SER A N   1 
ATOM   765 C CA  . SER A 1 102 ? -3.357  -17.207 11.377  1.00 55.53 ? 102  SER A CA  1 
ATOM   766 C C   . SER A 1 102 ? -4.791  -16.849 11.731  1.00 62.99 ? 102  SER A C   1 
ATOM   767 O O   . SER A 1 102 ? -5.575  -17.707 12.133  1.00 62.25 ? 102  SER A O   1 
ATOM   768 C CB  . SER A 1 102 ? -2.482  -17.182 12.636  1.00 52.49 ? 102  SER A CB  1 
ATOM   769 O OG  . SER A 1 102 ? -1.223  -17.797 12.391  1.00 52.59 ? 102  SER A OG  1 
ATOM   770 N N   . THR A 1 103 ? -5.123  -15.573 11.581  1.00 61.82 ? 103  THR A N   1 
ATOM   771 C CA  . THR A 1 103 ? -6.474  -15.091 11.829  1.00 62.85 ? 103  THR A CA  1 
ATOM   772 C C   . THR A 1 103 ? -7.421  -15.606 10.748  1.00 67.53 ? 103  THR A C   1 
ATOM   773 O O   . THR A 1 103 ? -7.066  -15.647 9.567   1.00 67.16 ? 103  THR A O   1 
ATOM   774 C CB  . THR A 1 103 ? -6.493  -13.547 11.880  1.00 63.19 ? 103  THR A CB  1 
ATOM   775 O OG1 . THR A 1 103 ? -5.786  -13.110 13.048  1.00 64.87 ? 103  THR A OG1 1 
ATOM   776 C CG2 . THR A 1 103 ? -7.915  -13.004 11.915  1.00 69.31 ? 103  THR A CG2 1 
ATOM   777 N N   . GLU A 1 104 ? -8.616  -16.026 11.149  1.00 71.42 ? 104  GLU A N   1 
ATOM   778 C CA  . GLU A 1 104 ? -9.599  -16.488 10.179  1.00 75.45 ? 104  GLU A CA  1 
ATOM   779 C C   . GLU A 1 104 ? -10.402 -15.321 9.603   1.00 76.28 ? 104  GLU A C   1 
ATOM   780 O O   . GLU A 1 104 ? -10.795 -15.345 8.433   1.00 75.85 ? 104  GLU A O   1 
ATOM   781 C CB  . GLU A 1 104 ? -10.526 -17.538 10.788  1.00 80.21 ? 104  GLU A CB  1 
ATOM   782 C CG  . GLU A 1 104 ? -11.391 -18.234 9.754   1.00 82.53 ? 104  GLU A CG  1 
ATOM   783 C CD  . GLU A 1 104 ? -12.104 -19.447 10.310  1.00 85.10 ? 104  GLU A CD  1 
ATOM   784 O OE1 . GLU A 1 104 ? -13.042 -19.273 11.118  1.00 86.07 ? 104  GLU A OE1 1 
ATOM   785 O OE2 . GLU A 1 104 ? -11.720 -20.577 9.938   1.00 86.98 ? 104  GLU A OE2 1 
ATOM   786 N N   . ALA A 1 105 ? -10.638 -14.304 10.428  1.00 76.19 ? 105  ALA A N   1 
ATOM   787 C CA  . ALA A 1 105 ? -11.290 -13.075 9.974   1.00 75.80 ? 105  ALA A CA  1 
ATOM   788 C C   . ALA A 1 105 ? -10.454 -12.409 8.879   1.00 74.53 ? 105  ALA A C   1 
ATOM   789 O O   . ALA A 1 105 ? -9.226  -12.549 8.865   1.00 73.86 ? 105  ALA A O   1 
ATOM   790 C CB  . ALA A 1 105 ? -11.495 -12.120 11.149  1.00 74.51 ? 105  ALA A CB  1 
ATOM   791 N N   . PRO A 1 106 ? -11.116 -11.689 7.951   1.00 71.69 ? 106  PRO A N   1 
ATOM   792 C CA  . PRO A 1 106 ? -10.390 -11.010 6.871   1.00 66.49 ? 106  PRO A CA  1 
ATOM   793 C C   . PRO A 1 106 ? -9.323  -10.064 7.416   1.00 59.87 ? 106  PRO A C   1 
ATOM   794 O O   . PRO A 1 106 ? -9.439  -9.583  8.546   1.00 60.86 ? 106  PRO A O   1 
ATOM   795 C CB  . PRO A 1 106 ? -11.490 -10.210 6.156   1.00 64.55 ? 106  PRO A CB  1 
ATOM   796 C CG  . PRO A 1 106 ? -12.743 -10.956 6.446   1.00 64.38 ? 106  PRO A CG  1 
ATOM   797 C CD  . PRO A 1 106 ? -12.573 -11.491 7.840   1.00 70.21 ? 106  PRO A CD  1 
ATOM   798 N N   . ASP A 1 107 ? -8.287  -9.815  6.624   1.00 52.66 ? 107  ASP A N   1 
ATOM   799 C CA  . ASP A 1 107 ? -7.250  -8.878  7.022   1.00 49.30 ? 107  ASP A CA  1 
ATOM   800 C C   . ASP A 1 107 ? -7.833  -7.487  7.284   1.00 47.50 ? 107  ASP A C   1 
ATOM   801 O O   . ASP A 1 107 ? -8.847  -7.101  6.697   1.00 46.18 ? 107  ASP A O   1 
ATOM   802 C CB  . ASP A 1 107 ? -6.173  -8.789  5.943   1.00 45.59 ? 107  ASP A CB  1 
ATOM   803 C CG  . ASP A 1 107 ? -5.419  -10.082 5.761   1.00 51.33 ? 107  ASP A CG  1 
ATOM   804 O OD1 . ASP A 1 107 ? -5.285  -10.846 6.748   1.00 51.31 ? 107  ASP A OD1 1 
ATOM   805 O OD2 . ASP A 1 107 ? -4.957  -10.331 4.625   1.00 50.11 ? 107  ASP A OD2 1 
ATOM   806 N N   . TYR A 1 108 ? -7.188  -6.740  8.172   1.00 41.46 ? 108  TYR A N   1 
ATOM   807 C CA  . TYR A 1 108 ? -7.561  -5.358  8.404   1.00 38.03 ? 108  TYR A CA  1 
ATOM   808 C C   . TYR A 1 108 ? -7.009  -4.475  7.295   1.00 39.24 ? 108  TYR A C   1 
ATOM   809 O O   . TYR A 1 108 ? -5.853  -4.618  6.893   1.00 37.52 ? 108  TYR A O   1 
ATOM   810 C CB  . TYR A 1 108 ? -7.027  -4.879  9.747   1.00 37.30 ? 108  TYR A CB  1 
ATOM   811 C CG  . TYR A 1 108 ? -7.807  -5.387  10.933  1.00 42.08 ? 108  TYR A CG  1 
ATOM   812 C CD1 . TYR A 1 108 ? -9.002  -4.785  11.297  1.00 41.88 ? 108  TYR A CD1 1 
ATOM   813 C CD2 . TYR A 1 108 ? -7.350  -6.461  11.698  1.00 41.17 ? 108  TYR A CD2 1 
ATOM   814 C CE1 . TYR A 1 108 ? -9.728  -5.233  12.385  1.00 45.73 ? 108  TYR A CE1 1 
ATOM   815 C CE2 . TYR A 1 108 ? -8.074  -6.927  12.793  1.00 37.08 ? 108  TYR A CE2 1 
ATOM   816 C CZ  . TYR A 1 108 ? -9.265  -6.297  13.133  1.00 50.91 ? 108  TYR A CZ  1 
ATOM   817 O OH  . TYR A 1 108 ? -10.015 -6.719  14.213  1.00 49.42 ? 108  TYR A OH  1 
ATOM   818 N N   . TRP A 1 109 ? -7.849  -3.572  6.797   1.00 41.74 ? 109  TRP A N   1 
ATOM   819 C CA  . TRP A 1 109 ? -7.436  -2.583  5.814   1.00 36.96 ? 109  TRP A CA  1 
ATOM   820 C C   . TRP A 1 109 ? -7.622  -1.187  6.380   1.00 35.00 ? 109  TRP A C   1 
ATOM   821 O O   . TRP A 1 109 ? -8.429  -0.981  7.284   1.00 39.07 ? 109  TRP A O   1 
ATOM   822 C CB  . TRP A 1 109 ? -8.272  -2.712  4.544   1.00 41.20 ? 109  TRP A CB  1 
ATOM   823 C CG  . TRP A 1 109 ? -8.004  -3.946  3.742   1.00 37.68 ? 109  TRP A CG  1 
ATOM   824 C CD1 . TRP A 1 109 ? -7.204  -4.991  4.082   1.00 41.56 ? 109  TRP A CD1 1 
ATOM   825 C CD2 . TRP A 1 109 ? -8.540  -4.250  2.452   1.00 39.68 ? 109  TRP A CD2 1 
ATOM   826 N NE1 . TRP A 1 109 ? -7.213  -5.936  3.083   1.00 44.45 ? 109  TRP A NE1 1 
ATOM   827 C CE2 . TRP A 1 109 ? -8.028  -5.501  2.071   1.00 41.36 ? 109  TRP A CE2 1 
ATOM   828 C CE3 . TRP A 1 109 ? -9.424  -3.595  1.590   1.00 41.64 ? 109  TRP A CE3 1 
ATOM   829 C CZ2 . TRP A 1 109 ? -8.359  -6.104  0.861   1.00 39.49 ? 109  TRP A CZ2 1 
ATOM   830 C CZ3 . TRP A 1 109 ? -9.750  -4.198  0.391   1.00 41.12 ? 109  TRP A CZ3 1 
ATOM   831 C CH2 . TRP A 1 109 ? -9.213  -5.437  0.036   1.00 42.64 ? 109  TRP A CH2 1 
ATOM   832 N N   . GLY A 1 110 ? -6.871  -0.232  5.849   1.00 35.95 ? 110  GLY A N   1 
ATOM   833 C CA  . GLY A 1 110 ? -7.137  1.170   6.105   1.00 41.15 ? 110  GLY A CA  1 
ATOM   834 C C   . GLY A 1 110 ? -8.325  1.637   5.272   1.00 43.02 ? 110  GLY A C   1 
ATOM   835 O O   . GLY A 1 110 ? -8.905  0.846   4.524   1.00 43.38 ? 110  GLY A O   1 
ATOM   836 N N   . GLN A 1 111 ? -8.679  2.918   5.386   1.00 35.98 ? 111  GLN A N   1 
ATOM   837 C CA  . GLN A 1 111 ? -9.877  3.455   4.735   1.00 43.05 ? 111  GLN A CA  1 
ATOM   838 C C   . GLN A 1 111 ? -9.778  3.522   3.203   1.00 40.00 ? 111  GLN A C   1 
ATOM   839 O O   . GLN A 1 111 ? -10.794 3.594   2.504   1.00 39.14 ? 111  GLN A O   1 
ATOM   840 C CB  . GLN A 1 111 ? -10.207 4.845   5.301   1.00 42.79 ? 111  GLN A CB  1 
ATOM   841 C CG  . GLN A 1 111 ? -9.269  5.983   4.842   1.00 43.38 ? 111  GLN A CG  1 
ATOM   842 C CD  . GLN A 1 111 ? -7.880  5.939   5.478   1.00 46.83 ? 111  GLN A CD  1 
ATOM   843 O OE1 . GLN A 1 111 ? -7.555  5.024   6.245   1.00 47.82 ? 111  GLN A OE1 1 
ATOM   844 N NE2 . GLN A 1 111 ? -7.051  6.934   5.156   1.00 43.97 ? 111  GLN A NE2 1 
ATOM   845 N N   . GLY A 1 112 ? -8.553  3.507   2.689   1.00 40.09 ? 112  GLY A N   1 
ATOM   846 C CA  . GLY A 1 112 ? -8.324  3.586   1.261   1.00 38.14 ? 112  GLY A CA  1 
ATOM   847 C C   . GLY A 1 112 ? -8.002  5.000   0.850   1.00 38.87 ? 112  GLY A C   1 
ATOM   848 O O   . GLY A 1 112 ? -8.605  5.939   1.359   1.00 43.71 ? 112  GLY A O   1 
ATOM   849 N N   . THR A 1 113 ? -7.030  5.159   -0.041  1.00 34.62 ? 113  THR A N   1 
ATOM   850 C CA  . THR A 1 113 ? -6.792  6.440   -0.680  1.00 37.45 ? 113  THR A CA  1 
ATOM   851 C C   . THR A 1 113 ? -6.864  6.280   -2.192  1.00 44.83 ? 113  THR A C   1 
ATOM   852 O O   . THR A 1 113 ? -6.330  5.321   -2.758  1.00 37.06 ? 113  THR A O   1 
ATOM   853 C CB  . THR A 1 113 ? -5.441  7.078   -0.304  1.00 37.72 ? 113  THR A CB  1 
ATOM   854 O OG1 . THR A 1 113 ? -4.389  6.133   -0.506  1.00 47.50 ? 113  THR A OG1 1 
ATOM   855 C CG2 . THR A 1 113 ? -5.442  7.541   1.144   1.00 47.09 ? 113  THR A CG2 1 
ATOM   856 N N   . LEU A 1 114 ? -7.543  7.225   -2.837  1.00 38.11 ? 114  LEU A N   1 
ATOM   857 C CA  . LEU A 1 114 ? -7.660  7.213   -4.282  1.00 37.17 ? 114  LEU A CA  1 
ATOM   858 C C   . LEU A 1 114 ? -6.343  7.674   -4.905  1.00 33.48 ? 114  LEU A C   1 
ATOM   859 O O   . LEU A 1 114 ? -5.752  8.656   -4.466  1.00 38.71 ? 114  LEU A O   1 
ATOM   860 C CB  . LEU A 1 114 ? -8.831  8.102   -4.716  1.00 36.23 ? 114  LEU A CB  1 
ATOM   861 C CG  . LEU A 1 114 ? -9.307  8.077   -6.170  1.00 41.00 ? 114  LEU A CG  1 
ATOM   862 C CD1 . LEU A 1 114 ? -9.847  6.716   -6.568  1.00 38.60 ? 114  LEU A CD1 1 
ATOM   863 C CD2 . LEU A 1 114 ? -10.364 9.144   -6.386  1.00 43.51 ? 114  LEU A CD2 1 
ATOM   864 N N   . VAL A 1 115 ? -5.862  6.940   -5.902  1.00 33.60 ? 115  VAL A N   1 
ATOM   865 C CA  . VAL A 1 115 ? -4.725  7.389   -6.697  1.00 34.46 ? 115  VAL A CA  1 
ATOM   866 C C   . VAL A 1 115 ? -5.184  7.490   -8.142  1.00 35.39 ? 115  VAL A C   1 
ATOM   867 O O   . VAL A 1 115 ? -5.612  6.496   -8.723  1.00 37.12 ? 115  VAL A O   1 
ATOM   868 C CB  . VAL A 1 115 ? -3.523  6.425   -6.612  1.00 35.73 ? 115  VAL A CB  1 
ATOM   869 C CG1 . VAL A 1 115 ? -2.479  6.805   -7.642  1.00 33.20 ? 115  VAL A CG1 1 
ATOM   870 C CG2 . VAL A 1 115 ? -2.921  6.427   -5.213  1.00 34.07 ? 115  VAL A CG2 1 
ATOM   871 N N   . THR A 1 116 ? -5.123  8.694   -8.705  1.00 35.24 ? 116  THR A N   1 
ATOM   872 C CA  . THR A 1 116 ? -5.576  8.937   -10.067 1.00 34.65 ? 116  THR A CA  1 
ATOM   873 C C   . THR A 1 116 ? -4.403  9.437   -10.893 1.00 36.21 ? 116  THR A C   1 
ATOM   874 O O   . THR A 1 116 ? -3.805  10.470  -10.577 1.00 34.56 ? 116  THR A O   1 
ATOM   875 C CB  . THR A 1 116 ? -6.712  10.001  -10.104 1.00 34.97 ? 116  THR A CB  1 
ATOM   876 O OG1 . THR A 1 116 ? -7.724  9.656   -9.151  1.00 36.40 ? 116  THR A OG1 1 
ATOM   877 C CG2 . THR A 1 116 ? -7.354  10.100  -11.492 1.00 30.65 ? 116  THR A CG2 1 
ATOM   878 N N   . VAL A 1 117 ? -4.066  8.691   -11.939 1.00 37.00 ? 117  VAL A N   1 
ATOM   879 C CA  . VAL A 1 117 ? -3.031  9.115   -12.873 1.00 39.14 ? 117  VAL A CA  1 
ATOM   880 C C   . VAL A 1 117 ? -3.684  9.633   -14.155 1.00 42.15 ? 117  VAL A C   1 
ATOM   881 O O   . VAL A 1 117 ? -4.188  8.861   -14.979 1.00 41.11 ? 117  VAL A O   1 
ATOM   882 C CB  . VAL A 1 117 ? -2.044  7.971   -13.183 1.00 41.62 ? 117  VAL A CB  1 
ATOM   883 C CG1 . VAL A 1 117 ? -0.858  8.494   -13.976 1.00 34.37 ? 117  VAL A CG1 1 
ATOM   884 C CG2 . VAL A 1 117 ? -1.572  7.321   -11.889 1.00 36.37 ? 117  VAL A CG2 1 
ATOM   885 N N   . SER A 1 118 ? -3.686  10.951  -14.320 1.00 45.51 ? 118  SER A N   1 
ATOM   886 C CA  . SER A 1 118 ? -4.457  11.553  -15.396 1.00 45.44 ? 118  SER A CA  1 
ATOM   887 C C   . SER A 1 118 ? -3.878  12.870  -15.859 1.00 46.70 ? 118  SER A C   1 
ATOM   888 O O   . SER A 1 118 ? -3.521  13.721  -15.049 1.00 52.36 ? 118  SER A O   1 
ATOM   889 C CB  . SER A 1 118 ? -5.904  11.769  -14.937 1.00 43.81 ? 118  SER A CB  1 
ATOM   890 O OG  . SER A 1 118 ? -6.614  12.617  -15.825 1.00 41.28 ? 118  SER A OG  1 
ATOM   891 N N   . SER A 1 119 ? -3.792  13.032  -17.173 1.00 49.78 ? 119  SER A N   1 
ATOM   892 C CA  . SER A 1 119 ? -3.515  14.334  -17.762 1.00 58.30 ? 119  SER A CA  1 
ATOM   893 C C   . SER A 1 119 ? -4.733  14.738  -18.587 1.00 56.68 ? 119  SER A C   1 
ATOM   894 O O   . SER A 1 119 ? -5.169  13.985  -19.463 1.00 55.25 ? 119  SER A O   1 
ATOM   895 C CB  . SER A 1 119 ? -2.274  14.271  -18.644 1.00 53.91 ? 119  SER A CB  1 
ATOM   896 O OG  . SER A 1 119 ? -2.464  13.352  -19.707 1.00 57.02 ? 119  SER A OG  1 
ATOM   897 N N   . LEU A 1 120 ? -5.293  15.907  -18.290 1.00 54.99 ? 120  LEU A N   1 
ATOM   898 C CA  . LEU A 1 120 ? -6.470  16.405  -19.007 1.00 58.88 ? 120  LEU A CA  1 
ATOM   899 C C   . LEU A 1 120 ? -6.088  17.026  -20.348 1.00 63.03 ? 120  LEU A C   1 
ATOM   900 O O   . LEU A 1 120 ? -6.277  18.224  -20.564 1.00 55.55 ? 120  LEU A O   1 
ATOM   901 C CB  . LEU A 1 120 ? -7.208  17.436  -18.157 1.00 47.42 ? 120  LEU A CB  1 
ATOM   902 C CG  . LEU A 1 120 ? -8.553  17.047  -17.545 1.00 47.43 ? 120  LEU A CG  1 
ATOM   903 C CD1 . LEU A 1 120 ? -8.740  15.540  -17.485 1.00 42.22 ? 120  LEU A CD1 1 
ATOM   904 C CD2 . LEU A 1 120 ? -8.691  17.676  -16.154 1.00 42.23 ? 120  LEU A CD2 1 
ATOM   905 N N   . GLU A 1 121 ? -5.539  16.210  -21.245 1.00 65.51 ? 121  GLU A N   1 
ATOM   906 C CA  . GLU A 1 121 ? -5.080  16.695  -22.545 1.00 71.65 ? 121  GLU A CA  1 
ATOM   907 C C   . GLU A 1 121 ? -5.290  15.641  -23.638 1.00 72.63 ? 121  GLU A C   1 
ATOM   908 O O   . GLU A 1 121 ? -6.399  15.481  -24.168 1.00 70.65 ? 121  GLU A O   1 
ATOM   909 C CB  . GLU A 1 121 ? -3.601  17.129  -22.482 1.00 65.92 ? 121  GLU A CB  1 
ATOM   910 C CG  . GLU A 1 121 ? -3.323  18.430  -21.689 1.00 63.84 ? 121  GLU A CG  1 
ATOM   911 C CD  . GLU A 1 121 ? -2.667  18.201  -20.317 1.00 67.98 ? 121  GLU A CD  1 
ATOM   912 O OE1 . GLU A 1 121 ? -2.050  17.127  -20.095 1.00 72.23 ? 121  GLU A OE1 1 
ATOM   913 O OE2 . GLU A 1 121 ? -2.765  19.106  -19.455 1.00 66.79 ? 121  GLU A OE2 1 
HETATM 914 C C1  . GOL B 2 .   ? -12.130 -6.302  2.280   1.00 57.02 ? 1122 GOL A C1  1 
HETATM 915 O O1  . GOL B 2 .   ? -13.269 -5.477  2.419   1.00 57.29 ? 1122 GOL A O1  1 
HETATM 916 C C2  . GOL B 2 .   ? -11.130 -6.073  3.414   1.00 47.48 ? 1122 GOL A C2  1 
HETATM 917 O O2  . GOL B 2 .   ? -11.728 -5.409  4.503   1.00 58.00 ? 1122 GOL A O2  1 
HETATM 918 C C3  . GOL B 2 .   ? -10.568 -7.404  3.876   1.00 48.17 ? 1122 GOL A C3  1 
HETATM 919 O O3  . GOL B 2 .   ? -10.759 -8.315  2.818   1.00 56.88 ? 1122 GOL A O3  1 
HETATM 920 O O   . HOH C 3 .   ? -5.502  1.393   18.481  1.00 47.53 ? 2001 HOH A O   1 
HETATM 921 O O   . HOH C 3 .   ? 2.164   11.982  -2.175  1.00 42.46 ? 2002 HOH A O   1 
HETATM 922 O O   . HOH C 3 .   ? -7.172  11.082  -6.832  1.00 41.34 ? 2003 HOH A O   1 
HETATM 923 O O   . HOH C 3 .   ? -0.158  15.113  -6.217  1.00 42.93 ? 2004 HOH A O   1 
HETATM 924 O O   . HOH C 3 .   ? 2.794   10.187  2.029   1.00 44.28 ? 2005 HOH A O   1 
HETATM 925 O O   . HOH C 3 .   ? 0.932   -1.094  15.453  1.00 46.11 ? 2006 HOH A O   1 
HETATM 926 O O   . HOH C 3 .   ? 11.612  4.585   -0.600  1.00 33.95 ? 2007 HOH A O   1 
HETATM 927 O O   . HOH C 3 .   ? 6.475   -3.887  17.170  1.00 42.48 ? 2008 HOH A O   1 
HETATM 928 O O   . HOH C 3 .   ? 7.666   -8.961  16.599  1.00 48.90 ? 2009 HOH A O   1 
HETATM 929 O O   . HOH C 3 .   ? 7.941   -2.958  16.366  1.00 54.69 ? 2010 HOH A O   1 
HETATM 930 O O   . HOH C 3 .   ? 2.003   -11.510 9.182   1.00 42.26 ? 2011 HOH A O   1 
HETATM 931 O O   . HOH C 3 .   ? -7.873  -4.104  -9.145  1.00 42.33 ? 2012 HOH A O   1 
HETATM 932 O O   . HOH C 3 .   ? -11.816 0.952   -6.711  1.00 41.09 ? 2013 HOH A O   1 
HETATM 933 O O   . HOH C 3 .   ? 12.780  -10.063 7.006   1.00 38.41 ? 2014 HOH A O   1 
HETATM 934 O O   . HOH C 3 .   ? 11.131  -10.549 9.482   1.00 44.10 ? 2015 HOH A O   1 
HETATM 935 O O   . HOH C 3 .   ? 12.923  -1.804  8.198   1.00 44.15 ? 2016 HOH A O   1 
HETATM 936 O O   . HOH C 3 .   ? 14.273  -11.273 5.957   1.00 49.55 ? 2017 HOH A O   1 
HETATM 937 O O   . HOH C 3 .   ? 12.134  -7.785  -3.568  1.00 49.32 ? 2018 HOH A O   1 
HETATM 938 O O   . HOH C 3 .   ? 12.695  -3.373  -2.083  1.00 47.07 ? 2019 HOH A O   1 
HETATM 939 O O   . HOH C 3 .   ? 6.033   -11.005 -8.745  1.00 43.94 ? 2020 HOH A O   1 
HETATM 940 O O   . HOH C 3 .   ? 9.196   -9.366  -5.964  1.00 36.99 ? 2021 HOH A O   1 
HETATM 941 O O   . HOH C 3 .   ? 2.707   -10.184 -10.199 1.00 48.06 ? 2022 HOH A O   1 
HETATM 942 O O   . HOH C 3 .   ? 8.970   -9.689  -13.271 1.00 55.09 ? 2023 HOH A O   1 
HETATM 943 O O   . HOH C 3 .   ? 6.366   -1.840  -13.701 1.00 45.52 ? 2024 HOH A O   1 
HETATM 944 O O   . HOH C 3 .   ? 10.506  -2.574  -7.126  1.00 42.47 ? 2025 HOH A O   1 
HETATM 945 O O   . HOH C 3 .   ? 10.441  3.212   -6.323  1.00 44.79 ? 2026 HOH A O   1 
HETATM 946 O O   . HOH C 3 .   ? 12.254  -0.651  -6.202  1.00 48.70 ? 2027 HOH A O   1 
HETATM 947 O O   . HOH C 3 .   ? 8.937   3.132   0.185   1.00 44.02 ? 2028 HOH A O   1 
HETATM 948 O O   . HOH C 3 .   ? 12.679  -1.501  1.386   1.00 45.46 ? 2029 HOH A O   1 
HETATM 949 O O   . HOH C 3 .   ? 12.200  -1.242  5.184   1.00 33.93 ? 2030 HOH A O   1 
HETATM 950 O O   . HOH C 3 .   ? 10.424  7.537   8.510   1.00 52.97 ? 2031 HOH A O   1 
HETATM 951 O O   . HOH C 3 .   ? 12.454  -0.475  10.902  1.00 44.78 ? 2032 HOH A O   1 
HETATM 952 O O   . HOH C 3 .   ? 0.307   6.417   -18.486 1.00 48.70 ? 2033 HOH A O   1 
HETATM 953 O O   . HOH C 3 .   ? -5.379  -8.548  9.594   1.00 34.51 ? 2034 HOH A O   1 
HETATM 954 O O   . HOH C 3 .   ? -5.064  -13.418 6.118   1.00 52.24 ? 2035 HOH A O   1 
HETATM 955 O O   . HOH C 3 .   ? -6.520  -14.186 7.624   1.00 54.47 ? 2036 HOH A O   1 
HETATM 956 O O   . HOH C 3 .   ? -6.137  -17.534 6.740   1.00 47.17 ? 2037 HOH A O   1 
HETATM 957 O O   . HOH C 3 .   ? -5.467  -8.361  2.690   1.00 42.73 ? 2038 HOH A O   1 
HETATM 958 O O   . HOH C 3 .   ? -11.619 -0.153  4.390   1.00 46.08 ? 2039 HOH A O   1 
HETATM 959 O O   . HOH C 3 .   ? -6.873  10.499  -2.658  1.00 36.58 ? 2040 HOH A O   1 
HETATM 960 O O   . HOH C 3 .   ? -8.462  9.381   -0.854  1.00 38.61 ? 2041 HOH A O   1 
HETATM 961 O O   . HOH C 3 .   ? -5.736  8.179   -17.934 1.00 50.20 ? 2042 HOH A O   1 
HETATM 962 O O   . HOH C 3 .   ? -7.614  11.885  -17.817 1.00 50.29 ? 2043 HOH A O   1 
HETATM 963 O O   . HOH C 3 .   ? -4.483  17.994  -16.474 1.00 52.18 ? 2044 HOH A O   1 
# 
